data_5NMF
#
_entry.id   5NMF
#
_cell.length_a   207.590
_cell.length_b   84.710
_cell.length_c   112.120
_cell.angle_alpha   90.00
_cell.angle_beta   90.00
_cell.angle_gamma   90.00
#
_symmetry.space_group_name_H-M   'P 21 21 2'
#
loop_
_entity.id
_entity.type
_entity.pdbx_description
1 polymer 'HLA class I histocompatibility antigen, A-2 alpha chain'
2 polymer Beta-2-microglobulin
3 polymer 'Gag protein'
4 polymer 'HUman T-cell receptor Alpha chain'
5 polymer 'Human T-cell receptor Beta chain'
6 polymer 'HUman T-cell receptor Alpha chain'
7 non-polymer 1,2-ETHANEDIOL
8 non-polymer GLYCEROL
9 non-polymer 'SULFATE ION'
10 water water
#
loop_
_entity_poly.entity_id
_entity_poly.type
_entity_poly.pdbx_seq_one_letter_code
_entity_poly.pdbx_strand_id
1 'polypeptide(L)'
;GSHSMRYFFTSVSRPGRGEPRFIAVGYVDDTQFVRFDSDAASQRMEPRAPWIEQEGPEYWDGETRKVKAHSQTHRVDLGT
LRGYYNQSEAGSHTVQRMYGCDVGSDWRFLRGYHQYAYDGKDYIALKEDLRSWTAADMAAQTTKHKWEAAHVAEQLRAYL
EGTCVEWLRRYLENGKETLQRTDAPKTHMTHHAVSDHEATLRCWALSFYPAEITLTWQRDGEDQTQDTELVETRPAGDGT
FQKWAAVVVPSGQEQRYTCHVQHEGLPKPLTLRWEP
;
A,F
2 'polypeptide(L)'
;MIQRTPKIQVYSRHPAENGKSNFLNCYVSGFHPSDIEVDLLKNGERIEKVEHSDLSFSKDWSFYLLYYTEFTPTEKDEYA
CRVNHVTLSQPKIVKWDRDM
;
B,G
3 'polypeptide(L)' SLYNTIATL C,H
4 'polypeptide(L)'
;KEVEQNSGPLSVPEGAIASLNCTYSDRGSQSFFWYRQYSGKSPELIMFIYSNGDKEDGRFTAQLNKASQYISLLIRDSKL
SDSATYLCAVRTNSGYALNFGKGTSLLVTPHIQKPDPAVYQLRDSKSSDKSVCLFTDFDSQTNVSQSKDSDVYITDKCVL
DMRSMDFKSNSAVAWSNKSDFACANAFNNSIIPEDTFFPS
;
D
5 'polypeptide(L)'
;AGVTQSPTHLIKTRGQQVTLRCSPKQGHDTVSWYQQALGQGPQFIFQYYEEEERQRGNFPDRFSGHQFPNYSSELNVNAL
LLGDSALYLCASSDTVSYEQYFGPGTRLTVTEDLKNVFPPEVAVFEPSEAEISHTQKATLVCLATGFYPDHVELSWWVNG
KEVHSGVCTDPQPLKEQPALNDSRYALSSRLRVSATFWQDPRNHFRCQVQFYGLSENDEWTQDRAKPVTQIVSAEAWGRA
;
E,J
6 'polypeptide(L)'
;KEVEQNSGPLSVPEGAIASLNCTYSDRGSQSFFWYRQYSGKSPELIMFIYSNGDKEDGRFTAQLNKASQYISLLIRDSKL
SDSATYLCAVRTNSGYALNFGKGTSLLVTPHIQKPDPAVYQLRDSKSSDKSVCLFTDFDSQTNVSQSKDSDVYITDKCVL
DMRSMDFKSNSAVAWSNKSDFACANAFNNSIIPEDTFFPSP
;
I
#
loop_
_chem_comp.id
_chem_comp.type
_chem_comp.name
_chem_comp.formula
EDO non-polymer 1,2-ETHANEDIOL 'C2 H6 O2'
GOL non-polymer GLYCEROL 'C3 H8 O3'
SO4 non-polymer 'SULFATE ION' 'O4 S -2'
#
# COMPACT_ATOMS: atom_id res chain seq x y z
N GLY A 1 -10.66 32.06 11.13
CA GLY A 1 -9.47 31.60 11.91
C GLY A 1 -8.22 32.22 11.36
N SER A 2 -7.14 31.45 11.39
CA SER A 2 -5.84 31.97 11.03
C SER A 2 -5.67 32.13 9.55
N HIS A 3 -4.67 32.92 9.20
CA HIS A 3 -4.30 33.21 7.82
C HIS A 3 -2.78 33.40 7.77
N SER A 4 -2.20 33.13 6.61
CA SER A 4 -0.75 33.16 6.47
C SER A 4 -0.44 33.75 5.10
N MET A 5 0.71 34.42 4.99
CA MET A 5 1.28 34.79 3.71
C MET A 5 2.63 34.08 3.65
N ARG A 6 2.82 33.24 2.65
CA ARG A 6 3.98 32.36 2.53
C ARG A 6 4.57 32.58 1.13
N TYR A 7 5.83 32.98 1.03
CA TYR A 7 6.52 33.03 -0.27
C TYR A 7 7.50 31.87 -0.39
N PHE A 8 7.54 31.26 -1.59
CA PHE A 8 8.42 30.12 -1.89
C PHE A 8 9.34 30.41 -3.05
N PHE A 9 10.62 30.07 -2.92
CA PHE A 9 11.61 30.32 -3.98
C PHE A 9 12.48 29.11 -4.24
N THR A 10 12.68 28.81 -5.52
CA THR A 10 13.44 27.63 -6.00
C THR A 10 14.41 28.12 -7.09
N SER A 11 15.70 27.85 -6.92
CA SER A 11 16.71 28.12 -7.95
C SER A 11 17.41 26.80 -8.25
N VAL A 12 17.53 26.45 -9.53
CA VAL A 12 18.23 25.21 -9.92
C VAL A 12 19.31 25.52 -10.95
N SER A 13 20.56 25.20 -10.62
CA SER A 13 21.68 25.44 -11.54
C SER A 13 21.59 24.51 -12.75
N ARG A 14 21.90 25.08 -13.92
CA ARG A 14 21.96 24.41 -15.21
C ARG A 14 23.42 24.50 -15.70
N PRO A 15 24.29 23.57 -15.27
CA PRO A 15 25.65 23.48 -15.79
C PRO A 15 25.77 23.47 -17.30
N GLY A 16 24.79 22.86 -17.98
CA GLY A 16 24.68 23.00 -19.44
C GLY A 16 23.90 24.25 -19.84
N ARG A 17 24.43 25.41 -19.48
CA ARG A 17 23.76 26.71 -19.64
C ARG A 17 24.69 27.79 -19.03
N GLY A 18 24.18 29.02 -18.94
CA GLY A 18 24.66 30.00 -17.99
C GLY A 18 23.76 29.89 -16.78
N GLU A 19 22.56 30.48 -16.85
CA GLU A 19 21.83 30.96 -15.67
C GLU A 19 20.99 29.85 -15.05
N PRO A 20 20.87 29.86 -13.72
CA PRO A 20 19.91 29.04 -13.00
C PRO A 20 18.46 29.32 -13.34
N ARG A 21 17.66 28.27 -13.42
CA ARG A 21 16.22 28.42 -13.43
C ARG A 21 15.76 28.95 -12.08
N PHE A 22 14.86 29.93 -12.08
CA PHE A 22 14.38 30.54 -10.82
C PHE A 22 12.88 30.74 -10.84
N ILE A 23 12.22 30.30 -9.77
CA ILE A 23 10.76 30.35 -9.67
C ILE A 23 10.40 30.84 -8.29
N ALA A 24 9.48 31.79 -8.23
CA ALA A 24 8.95 32.31 -6.97
C ALA A 24 7.45 32.30 -7.05
N VAL A 25 6.82 31.89 -5.97
CA VAL A 25 5.37 31.98 -5.87
C VAL A 25 5.03 32.61 -4.51
N GLY A 26 3.89 33.33 -4.47
CA GLY A 26 3.36 33.90 -3.22
C GLY A 26 1.96 33.35 -3.01
N TYR A 27 1.74 32.78 -1.83
CA TYR A 27 0.40 32.36 -1.39
C TYR A 27 -0.16 33.22 -0.26
N VAL A 28 -1.49 33.34 -0.23
CA VAL A 28 -2.23 33.77 0.95
C VAL A 28 -3.17 32.62 1.32
N ASP A 29 -2.91 31.98 2.46
CA ASP A 29 -3.60 30.76 2.82
C ASP A 29 -3.29 29.74 1.74
N ASP A 30 -4.31 29.10 1.18
CA ASP A 30 -4.10 28.10 0.14
C ASP A 30 -4.26 28.73 -1.26
N THR A 31 -4.22 30.05 -1.36
CA THR A 31 -4.48 30.75 -2.64
C THR A 31 -3.23 31.49 -3.16
N GLN A 32 -2.71 31.04 -4.31
CA GLN A 32 -1.56 31.71 -4.91
C GLN A 32 -2.00 33.07 -5.46
N PHE A 33 -1.18 34.10 -5.26
CA PHE A 33 -1.49 35.41 -5.82
C PHE A 33 -0.42 36.02 -6.72
N VAL A 34 0.82 35.57 -6.63
CA VAL A 34 1.86 36.06 -7.52
C VAL A 34 2.79 34.96 -7.94
N ARG A 35 3.50 35.20 -9.04
CA ARG A 35 4.57 34.32 -9.49
C ARG A 35 5.63 35.09 -10.25
N PHE A 36 6.84 34.57 -10.23
CA PHE A 36 7.86 34.99 -11.16
C PHE A 36 8.53 33.76 -11.66
N ASP A 37 8.83 33.70 -12.95
CA ASP A 37 9.61 32.60 -13.53
C ASP A 37 10.66 33.23 -14.43
N SER A 38 11.93 32.90 -14.15
CA SER A 38 13.04 33.37 -14.99
C SER A 38 12.85 33.04 -16.46
N ASP A 39 12.30 31.88 -16.78
CA ASP A 39 12.09 31.50 -18.19
C ASP A 39 10.82 32.08 -18.84
N ALA A 40 9.96 32.75 -18.09
CA ALA A 40 8.81 33.44 -18.68
C ALA A 40 9.32 34.74 -19.29
N ALA A 41 8.88 35.05 -20.51
CA ALA A 41 9.33 36.25 -21.25
C ALA A 41 9.32 37.58 -20.47
N SER A 42 8.21 37.79 -19.76
CA SER A 42 7.87 38.93 -18.88
C SER A 42 8.98 39.65 -18.12
N GLN A 43 9.79 38.89 -17.37
CA GLN A 43 10.79 39.48 -16.44
C GLN A 43 10.17 40.49 -15.41
N ARG A 44 9.02 40.12 -14.87
CA ARG A 44 8.25 40.89 -13.91
C ARG A 44 7.43 39.95 -13.04
N MET A 45 7.07 40.39 -11.83
CA MET A 45 6.10 39.67 -11.00
C MET A 45 4.74 39.81 -11.64
N GLU A 46 4.11 38.67 -11.94
CA GLU A 46 2.81 38.64 -12.58
C GLU A 46 1.76 38.37 -11.51
N PRO A 47 0.58 38.99 -11.64
CA PRO A 47 -0.51 38.70 -10.73
C PRO A 47 -1.09 37.33 -11.07
N ARG A 48 -1.66 36.67 -10.06
CA ARG A 48 -2.40 35.40 -10.24
C ARG A 48 -3.70 35.33 -9.44
N ALA A 49 -4.20 36.50 -9.01
CA ALA A 49 -5.53 36.61 -8.39
C ALA A 49 -6.17 37.94 -8.83
N PRO A 50 -7.51 38.05 -8.76
CA PRO A 50 -8.15 39.32 -9.17
C PRO A 50 -7.91 40.53 -8.24
N TRP A 51 -7.72 40.25 -6.97
CA TRP A 51 -7.59 41.29 -5.94
C TRP A 51 -6.16 41.87 -5.85
N ILE A 52 -5.21 41.25 -6.52
CA ILE A 52 -3.88 41.80 -6.63
C ILE A 52 -3.71 42.68 -7.87
N GLU A 53 -4.45 42.39 -8.93
CA GLU A 53 -4.48 43.25 -10.16
C GLU A 53 -4.81 44.71 -9.82
N GLN A 54 -5.59 44.89 -8.77
CA GLN A 54 -5.88 46.20 -8.18
C GLN A 54 -4.68 47.13 -7.85
N GLU A 55 -3.50 46.60 -7.56
CA GLU A 55 -2.36 47.42 -7.13
C GLU A 55 -1.81 48.23 -8.29
N GLY A 56 -1.28 49.41 -8.01
CA GLY A 56 -0.77 50.31 -9.04
C GLY A 56 0.62 49.93 -9.55
N PRO A 57 1.14 50.71 -10.50
CA PRO A 57 2.44 50.33 -11.04
C PRO A 57 3.56 50.53 -10.05
N GLU A 58 3.38 51.39 -9.05
CA GLU A 58 4.34 51.51 -7.95
C GLU A 58 4.62 50.14 -7.32
N TYR A 59 3.58 49.46 -6.88
CA TYR A 59 3.65 48.12 -6.29
C TYR A 59 4.43 47.15 -7.16
N TRP A 60 4.05 47.08 -8.43
CA TRP A 60 4.58 46.02 -9.31
C TRP A 60 6.05 46.21 -9.60
N ASP A 61 6.44 47.47 -9.85
CA ASP A 61 7.86 47.84 -10.00
C ASP A 61 8.71 47.40 -8.80
N GLY A 62 8.15 47.50 -7.59
CA GLY A 62 8.85 47.09 -6.38
C GLY A 62 8.96 45.59 -6.25
N GLU A 63 7.88 44.89 -6.54
CA GLU A 63 7.90 43.46 -6.44
C GLU A 63 8.81 42.82 -7.48
N THR A 64 8.88 43.46 -8.65
CA THR A 64 9.77 43.00 -9.69
C THR A 64 11.23 43.17 -9.30
N ARG A 65 11.59 44.30 -8.68
CA ARG A 65 13.00 44.56 -8.36
C ARG A 65 13.48 43.72 -7.18
N LYS A 66 12.58 43.43 -6.27
CA LYS A 66 12.91 42.62 -5.13
C LYS A 66 13.01 41.15 -5.50
N VAL A 67 12.16 40.71 -6.42
CA VAL A 67 12.22 39.33 -6.88
C VAL A 67 13.49 39.14 -7.73
N LYS A 68 13.85 40.16 -8.51
CA LYS A 68 15.10 40.11 -9.22
C LYS A 68 16.26 39.99 -8.24
N ALA A 69 16.16 40.63 -7.06
CA ALA A 69 17.24 40.57 -6.07
C ALA A 69 17.38 39.19 -5.49
N HIS A 70 16.25 38.53 -5.28
CA HIS A 70 16.22 37.15 -4.79
C HIS A 70 16.85 36.24 -5.80
N SER A 71 16.50 36.45 -7.07
CA SER A 71 17.03 35.62 -8.12
C SER A 71 18.54 35.74 -8.13
N GLN A 72 19.04 36.97 -8.14
CA GLN A 72 20.47 37.21 -8.16
C GLN A 72 21.17 36.71 -6.87
N THR A 73 20.51 36.81 -5.73
CA THR A 73 21.06 36.28 -4.47
C THR A 73 21.25 34.77 -4.46
N HIS A 74 20.23 34.03 -4.88
CA HIS A 74 20.34 32.58 -5.12
C HIS A 74 21.41 32.21 -6.17
N ARG A 75 21.57 33.03 -7.19
CA ARG A 75 22.62 32.79 -8.14
C ARG A 75 23.93 32.70 -7.38
N VAL A 76 24.27 33.70 -6.55
CA VAL A 76 25.64 33.73 -5.97
C VAL A 76 25.78 32.65 -4.89
N ASP A 77 24.69 32.41 -4.17
CA ASP A 77 24.66 31.34 -3.18
C ASP A 77 24.97 29.96 -3.80
N LEU A 78 24.35 29.65 -4.93
CA LEU A 78 24.68 28.39 -5.61
C LEU A 78 26.16 28.24 -5.78
N GLY A 79 26.80 29.32 -6.23
CA GLY A 79 28.23 29.37 -6.35
C GLY A 79 28.94 29.18 -5.03
N THR A 80 28.57 29.96 -4.02
CA THR A 80 29.26 29.92 -2.72
C THR A 80 29.21 28.53 -2.09
N LEU A 81 28.05 27.90 -2.16
CA LEU A 81 27.85 26.56 -1.58
C LEU A 81 28.65 25.48 -2.27
N ARG A 82 28.56 25.49 -3.59
CA ARG A 82 29.36 24.63 -4.43
C ARG A 82 30.83 24.60 -3.96
N GLY A 83 31.34 25.78 -3.66
CA GLY A 83 32.68 25.99 -3.10
C GLY A 83 32.84 25.50 -1.67
N TYR A 84 31.88 25.75 -0.79
CA TYR A 84 31.94 25.25 0.59
C TYR A 84 31.94 23.73 0.62
N TYR A 85 31.28 23.07 -0.34
CA TYR A 85 31.25 21.61 -0.34
C TYR A 85 32.25 20.97 -1.33
N ASN A 86 33.12 21.77 -1.93
CA ASN A 86 34.13 21.29 -2.88
C ASN A 86 33.49 20.42 -3.98
N GLN A 87 32.39 20.88 -4.55
CA GLN A 87 31.63 20.15 -5.58
C GLN A 87 31.92 20.70 -6.96
N SER A 88 31.94 19.83 -7.96
CA SER A 88 32.33 20.24 -9.31
C SER A 88 31.22 21.07 -9.97
N GLU A 89 31.54 21.59 -11.15
CA GLU A 89 30.60 22.38 -11.96
C GLU A 89 29.66 21.49 -12.77
N ALA A 90 30.00 20.22 -12.93
CA ALA A 90 29.18 19.30 -13.75
C ALA A 90 27.83 18.92 -13.11
N GLY A 91 27.70 19.08 -11.79
CA GLY A 91 26.48 18.67 -11.08
C GLY A 91 25.41 19.75 -11.11
N SER A 92 24.14 19.34 -11.08
CA SER A 92 23.02 20.28 -10.93
C SER A 92 22.59 20.34 -9.45
N HIS A 93 22.61 21.53 -8.88
CA HIS A 93 22.31 21.71 -7.46
C HIS A 93 21.14 22.66 -7.26
N THR A 94 20.49 22.56 -6.09
CA THR A 94 19.26 23.31 -5.83
C THR A 94 19.34 24.08 -4.53
N VAL A 95 18.85 25.32 -4.52
CA VAL A 95 18.53 26.01 -3.27
C VAL A 95 17.06 26.36 -3.22
N GLN A 96 16.50 26.30 -2.01
CA GLN A 96 15.10 26.61 -1.78
C GLN A 96 15.05 27.56 -0.59
N ARG A 97 14.07 28.47 -0.61
CA ARG A 97 13.86 29.44 0.46
C ARG A 97 12.38 29.54 0.65
N MET A 98 11.92 29.57 1.91
CA MET A 98 10.50 29.72 2.26
C MET A 98 10.44 30.74 3.40
N TYR A 99 9.59 31.76 3.31
CA TYR A 99 9.40 32.68 4.46
C TYR A 99 8.01 33.27 4.53
N GLY A 100 7.59 33.66 5.72
CA GLY A 100 6.34 34.38 5.88
C GLY A 100 5.73 34.50 7.27
N CYS A 101 4.51 35.01 7.26
CA CYS A 101 3.68 35.38 8.41
C CYS A 101 2.63 34.39 8.74
N ASP A 102 2.28 34.26 10.01
CA ASP A 102 0.96 33.77 10.39
C ASP A 102 0.28 34.85 11.21
N VAL A 103 -1.05 34.93 11.17
CA VAL A 103 -1.83 35.73 12.09
C VAL A 103 -2.95 34.90 12.69
N GLY A 104 -3.44 35.31 13.85
CA GLY A 104 -4.59 34.68 14.49
C GLY A 104 -5.94 35.10 13.92
N SER A 105 -7.03 34.58 14.48
CA SER A 105 -8.36 35.02 14.07
C SER A 105 -8.47 36.54 14.31
N ASP A 106 -7.90 37.01 15.43
CA ASP A 106 -7.66 38.42 15.66
C ASP A 106 -6.47 38.61 14.78
N TRP A 107 -6.58 39.37 13.70
CA TRP A 107 -5.51 39.40 12.66
C TRP A 107 -4.09 39.87 13.10
N ARG A 108 -3.68 39.52 14.30
CA ARG A 108 -2.41 39.98 14.91
C ARG A 108 -1.32 38.90 14.70
N PHE A 109 -0.06 39.30 14.81
CA PHE A 109 1.05 38.42 14.47
C PHE A 109 1.07 37.22 15.38
N LEU A 110 1.15 36.05 14.80
CA LEU A 110 1.19 34.80 15.55
C LEU A 110 2.59 34.20 15.52
N ARG A 111 3.21 34.15 14.34
CA ARG A 111 4.39 33.35 14.13
C ARG A 111 5.00 33.79 12.83
N GLY A 112 6.33 33.78 12.73
CA GLY A 112 7.01 33.98 11.47
C GLY A 112 8.02 32.91 11.20
N TYR A 113 8.53 32.87 9.99
CA TYR A 113 9.51 31.84 9.64
C TYR A 113 10.34 32.24 8.43
N HIS A 114 11.58 31.75 8.43
CA HIS A 114 12.44 31.88 7.29
C HIS A 114 13.46 30.74 7.28
N GLN A 115 13.44 29.91 6.24
CA GLN A 115 14.27 28.70 6.17
C GLN A 115 14.92 28.56 4.81
N TYR A 116 16.10 27.97 4.79
CA TYR A 116 16.89 27.84 3.56
C TYR A 116 17.32 26.40 3.46
N ALA A 117 17.28 25.86 2.24
CA ALA A 117 17.74 24.49 1.99
C ALA A 117 18.75 24.42 0.84
N TYR A 118 19.67 23.46 0.93
CA TYR A 118 20.59 23.13 -0.15
C TYR A 118 20.45 21.66 -0.48
N ASP A 119 20.17 21.38 -1.75
CA ASP A 119 19.88 20.04 -2.26
C ASP A 119 18.87 19.29 -1.37
N GLY A 120 17.78 19.97 -1.00
CA GLY A 120 16.71 19.33 -0.24
C GLY A 120 16.93 19.01 1.24
N LYS A 121 18.02 19.51 1.83
CA LYS A 121 18.27 19.38 3.28
C LYS A 121 18.40 20.77 3.85
N ASP A 122 17.81 20.97 5.02
CA ASP A 122 18.02 22.16 5.82
C ASP A 122 19.47 22.66 5.76
N TYR A 123 19.68 23.92 5.37
CA TYR A 123 21.00 24.54 5.50
C TYR A 123 21.00 25.44 6.72
N ILE A 124 20.19 26.50 6.71
CA ILE A 124 20.08 27.41 7.83
C ILE A 124 18.68 27.99 7.94
N ALA A 125 18.26 28.27 9.17
CA ALA A 125 16.87 28.70 9.43
C ALA A 125 16.76 29.48 10.71
N LEU A 126 15.83 30.44 10.70
CA LEU A 126 15.47 31.20 11.89
C LEU A 126 14.79 30.29 12.90
N LYS A 127 15.16 30.38 14.17
CA LYS A 127 14.47 29.70 15.30
C LYS A 127 13.05 30.30 15.52
N GLU A 128 12.28 29.89 16.53
CA GLU A 128 10.83 30.24 16.53
C GLU A 128 10.51 31.69 16.89
N ASP A 129 11.15 32.24 17.94
CA ASP A 129 11.43 33.71 18.11
C ASP A 129 12.17 34.08 16.87
N LEU A 130 12.71 35.26 16.67
CA LEU A 130 13.47 35.39 15.38
C LEU A 130 14.84 36.05 15.55
N ARG A 131 15.56 35.55 16.53
CA ARG A 131 16.79 36.16 17.04
C ARG A 131 18.06 35.39 16.75
N SER A 132 17.92 34.10 16.41
CA SER A 132 19.06 33.23 16.20
C SER A 132 18.80 32.25 15.07
N TRP A 133 19.84 31.52 14.71
CA TRP A 133 19.77 30.61 13.61
C TRP A 133 20.12 29.20 14.04
N THR A 134 19.45 28.22 13.41
CA THR A 134 19.83 26.82 13.46
C THR A 134 20.64 26.53 12.25
N ALA A 135 21.91 26.18 12.46
CA ALA A 135 22.80 25.72 11.42
C ALA A 135 22.87 24.20 11.38
N ALA A 136 22.51 23.62 10.24
CA ALA A 136 22.71 22.17 10.01
C ALA A 136 24.16 21.66 10.27
N ASP A 137 25.16 22.20 9.55
CA ASP A 137 26.55 21.69 9.50
C ASP A 137 27.60 22.81 9.65
N MET A 138 28.88 22.49 9.37
CA MET A 138 29.99 23.42 9.61
C MET A 138 30.01 24.56 8.58
N ALA A 139 29.54 24.32 7.36
CA ALA A 139 29.37 25.40 6.36
C ALA A 139 28.37 26.47 6.83
N ALA A 140 27.20 25.99 7.26
CA ALA A 140 26.12 26.82 7.79
C ALA A 140 26.53 27.57 9.04
N GLN A 141 27.41 26.99 9.80
CA GLN A 141 27.97 27.63 10.98
C GLN A 141 28.79 28.88 10.59
N THR A 142 29.43 28.90 9.42
CA THR A 142 30.17 30.10 9.00
C THR A 142 29.16 31.12 8.45
N THR A 143 28.14 30.65 7.76
CA THR A 143 27.05 31.52 7.35
C THR A 143 26.35 32.20 8.52
N LYS A 144 26.05 31.44 9.58
CA LYS A 144 25.55 32.00 10.84
C LYS A 144 26.41 33.17 11.37
N HIS A 145 27.70 32.93 11.61
CA HIS A 145 28.62 33.92 12.18
C HIS A 145 28.65 35.20 11.33
N LYS A 146 28.57 35.01 10.02
CA LYS A 146 28.61 36.10 9.03
C LYS A 146 27.36 36.96 9.07
N TRP A 147 26.19 36.31 9.07
CA TRP A 147 24.86 36.92 9.30
C TRP A 147 24.64 37.54 10.67
N GLU A 148 25.33 37.04 11.69
CA GLU A 148 25.22 37.64 13.01
C GLU A 148 25.92 39.01 13.05
N ALA A 149 27.10 39.12 12.44
CA ALA A 149 27.80 40.41 12.37
C ALA A 149 27.00 41.49 11.64
N ALA A 150 26.23 41.07 10.63
CA ALA A 150 25.53 41.98 9.72
C ALA A 150 24.08 42.24 10.11
N HIS A 151 23.63 41.65 11.22
CA HIS A 151 22.24 41.84 11.68
C HIS A 151 21.23 41.48 10.61
N VAL A 152 21.49 40.34 9.98
CA VAL A 152 20.60 39.76 8.98
C VAL A 152 19.30 39.42 9.66
N ALA A 153 19.38 38.78 10.84
CA ALA A 153 18.17 38.32 11.51
C ALA A 153 17.24 39.45 11.93
N GLU A 154 17.81 40.55 12.43
CA GLU A 154 17.05 41.72 12.94
C GLU A 154 16.25 42.33 11.83
N GLN A 155 16.88 42.53 10.68
CA GLN A 155 16.17 43.09 9.52
C GLN A 155 15.08 42.18 9.05
N LEU A 156 15.32 40.87 9.06
CA LEU A 156 14.30 39.88 8.72
C LEU A 156 13.14 39.90 9.66
N ARG A 157 13.46 39.98 10.94
CA ARG A 157 12.46 39.94 11.99
C ARG A 157 11.51 41.14 11.84
N ALA A 158 12.08 42.32 11.59
CA ALA A 158 11.31 43.55 11.33
C ALA A 158 10.31 43.40 10.22
N TYR A 159 10.69 42.71 9.15
CA TYR A 159 9.75 42.35 8.08
C TYR A 159 8.70 41.33 8.54
N LEU A 160 9.07 40.27 9.25
CA LEU A 160 8.13 39.14 9.48
C LEU A 160 7.02 39.50 10.47
N GLU A 161 7.38 39.87 11.69
CA GLU A 161 6.49 40.68 12.56
C GLU A 161 6.43 41.97 11.80
N GLY A 162 5.35 42.73 11.80
CA GLY A 162 5.42 44.03 11.04
C GLY A 162 5.01 44.06 9.58
N THR A 163 5.92 44.24 8.63
CA THR A 163 5.44 44.66 7.29
C THR A 163 4.79 43.51 6.54
N CYS A 164 5.34 42.32 6.66
CA CYS A 164 4.72 41.10 6.12
C CYS A 164 3.29 40.99 6.61
N VAL A 165 3.08 41.19 7.92
CA VAL A 165 1.74 41.15 8.56
C VAL A 165 0.82 42.25 8.01
N GLU A 166 1.29 43.50 8.04
CA GLU A 166 0.57 44.65 7.51
C GLU A 166 0.07 44.37 6.08
N TRP A 167 0.92 43.81 5.22
CA TRP A 167 0.53 43.43 3.86
C TRP A 167 -0.48 42.27 3.79
N LEU A 168 -0.30 41.27 4.63
CA LEU A 168 -1.27 40.20 4.76
C LEU A 168 -2.63 40.78 5.14
N ARG A 169 -2.65 41.61 6.18
CA ARG A 169 -3.90 42.25 6.64
C ARG A 169 -4.59 43.01 5.51
N ARG A 170 -3.78 43.61 4.65
CA ARG A 170 -4.30 44.34 3.50
C ARG A 170 -4.87 43.42 2.45
N TYR A 171 -4.16 42.37 2.09
CA TYR A 171 -4.65 41.40 1.06
C TYR A 171 -5.96 40.74 1.48
N LEU A 172 -6.10 40.43 2.76
CA LEU A 172 -7.33 39.86 3.28
C LEU A 172 -8.54 40.76 3.15
N GLU A 173 -8.35 42.07 3.24
CA GLU A 173 -9.45 43.04 3.05
C GLU A 173 -9.80 43.19 1.56
N ASN A 174 -8.79 43.44 0.72
CA ASN A 174 -9.01 43.73 -0.70
C ASN A 174 -9.54 42.50 -1.43
N GLY A 175 -9.12 41.30 -1.02
CA GLY A 175 -9.60 40.04 -1.60
C GLY A 175 -10.68 39.34 -0.79
N LYS A 176 -11.41 40.10 0.02
CA LYS A 176 -12.32 39.54 1.01
C LYS A 176 -13.28 38.52 0.40
N GLU A 177 -13.78 38.80 -0.81
CA GLU A 177 -14.76 37.92 -1.48
C GLU A 177 -14.25 36.51 -1.70
N THR A 178 -12.94 36.33 -1.89
CA THR A 178 -12.37 34.99 -2.11
C THR A 178 -11.61 34.42 -0.90
N LEU A 179 -10.81 35.25 -0.22
CA LEU A 179 -9.92 34.76 0.84
C LEU A 179 -10.62 34.41 2.17
N GLN A 180 -11.71 35.13 2.49
CA GLN A 180 -12.47 34.94 3.72
C GLN A 180 -13.79 34.19 3.51
N ARG A 181 -14.07 33.80 2.27
CA ARG A 181 -15.05 32.75 1.96
C ARG A 181 -14.69 31.40 2.61
N THR A 182 -15.69 30.67 3.09
CA THR A 182 -15.58 29.19 3.15
C THR A 182 -16.56 28.55 2.15
N ASP A 183 -16.19 27.35 1.68
CA ASP A 183 -16.99 26.54 0.77
C ASP A 183 -17.01 25.13 1.34
N ALA A 184 -18.21 24.67 1.72
CA ALA A 184 -18.37 23.38 2.38
C ALA A 184 -18.15 22.28 1.37
N PRO A 185 -17.67 21.12 1.82
CA PRO A 185 -17.55 20.05 0.86
C PRO A 185 -18.90 19.53 0.40
N LYS A 186 -19.00 19.29 -0.92
CA LYS A 186 -20.00 18.41 -1.49
C LYS A 186 -19.42 17.01 -1.39
N THR A 187 -20.29 16.08 -1.05
CA THR A 187 -19.93 14.74 -0.62
C THR A 187 -20.75 13.68 -1.31
N HIS A 188 -20.16 12.50 -1.46
CA HIS A 188 -20.89 11.30 -1.84
C HIS A 188 -20.03 10.08 -1.47
N MET A 189 -20.61 8.89 -1.59
CA MET A 189 -19.91 7.65 -1.28
C MET A 189 -20.03 6.68 -2.44
N THR A 190 -19.00 5.86 -2.71
CA THR A 190 -19.10 4.80 -3.74
C THR A 190 -18.71 3.44 -3.19
N HIS A 191 -19.40 2.40 -3.69
CA HIS A 191 -19.29 1.02 -3.20
C HIS A 191 -18.95 0.19 -4.39
N HIS A 192 -17.76 -0.40 -4.40
CA HIS A 192 -17.37 -1.29 -5.50
C HIS A 192 -16.84 -2.58 -4.93
N ALA A 193 -17.50 -3.69 -5.27
CA ALA A 193 -17.06 -5.00 -4.83
C ALA A 193 -15.64 -5.31 -5.34
N VAL A 194 -14.75 -5.72 -4.44
CA VAL A 194 -13.38 -6.03 -4.83
C VAL A 194 -13.36 -7.48 -5.25
N SER A 195 -13.53 -8.34 -4.25
CA SER A 195 -13.49 -9.77 -4.45
C SER A 195 -14.88 -10.29 -4.06
N ASP A 196 -15.01 -11.56 -3.71
CA ASP A 196 -16.30 -12.24 -3.76
C ASP A 196 -17.04 -12.14 -2.42
N HIS A 197 -16.34 -11.68 -1.39
CA HIS A 197 -16.92 -11.54 -0.06
C HIS A 197 -16.28 -10.31 0.66
N GLU A 198 -16.17 -9.20 -0.09
CA GLU A 198 -15.38 -7.99 0.27
C GLU A 198 -15.65 -6.80 -0.69
N ALA A 199 -15.83 -5.61 -0.14
CA ALA A 199 -16.14 -4.44 -0.97
C ALA A 199 -15.45 -3.18 -0.49
N THR A 200 -15.06 -2.30 -1.41
CA THR A 200 -14.43 -1.01 -1.10
C THR A 200 -15.46 0.09 -0.95
N LEU A 201 -15.44 0.77 0.21
CA LEU A 201 -16.24 1.97 0.39
C LEU A 201 -15.33 3.16 0.30
N ARG A 202 -15.69 4.08 -0.58
CA ARG A 202 -14.91 5.26 -0.74
C ARG A 202 -15.81 6.48 -0.56
N CYS A 203 -15.31 7.42 0.21
CA CYS A 203 -16.07 8.57 0.67
C CYS A 203 -15.33 9.81 0.18
N TRP A 204 -16.07 10.69 -0.51
CA TRP A 204 -15.51 11.82 -1.25
C TRP A 204 -15.88 13.16 -0.67
N ALA A 205 -14.91 14.08 -0.68
CA ALA A 205 -15.16 15.48 -0.37
C ALA A 205 -14.63 16.32 -1.54
N LEU A 206 -15.53 17.08 -2.15
CA LEU A 206 -15.20 17.85 -3.31
C LEU A 206 -15.60 19.31 -3.14
N SER A 207 -14.88 20.20 -3.83
CA SER A 207 -15.23 21.62 -3.97
C SER A 207 -15.19 22.41 -2.67
N PHE A 208 -14.25 22.09 -1.79
CA PHE A 208 -14.15 22.78 -0.52
C PHE A 208 -12.98 23.77 -0.50
N TYR A 209 -13.15 24.87 0.25
CA TYR A 209 -12.06 25.85 0.56
C TYR A 209 -12.28 26.27 2.00
N PRO A 210 -11.24 26.37 2.83
CA PRO A 210 -9.83 26.12 2.47
C PRO A 210 -9.52 24.63 2.36
N ALA A 211 -8.25 24.26 2.22
CA ALA A 211 -7.84 22.85 2.03
C ALA A 211 -7.81 22.01 3.31
N GLU A 212 -7.77 22.64 4.47
CA GLU A 212 -7.81 21.91 5.75
C GLU A 212 -9.12 21.11 5.82
N ILE A 213 -9.00 19.80 6.06
CA ILE A 213 -10.18 18.93 6.13
C ILE A 213 -9.80 17.64 6.82
N THR A 214 -10.76 17.06 7.56
CA THR A 214 -10.59 15.72 8.13
C THR A 214 -11.65 14.81 7.52
N LEU A 215 -11.20 13.61 7.18
CA LEU A 215 -11.99 12.60 6.54
C LEU A 215 -11.52 11.28 7.19
N THR A 216 -12.42 10.67 7.95
CA THR A 216 -12.11 9.53 8.83
C THR A 216 -13.21 8.52 8.56
N TRP A 217 -12.88 7.24 8.65
CA TRP A 217 -13.90 6.17 8.68
C TRP A 217 -14.00 5.64 10.08
N GLN A 218 -15.20 5.27 10.50
CA GLN A 218 -15.40 4.60 11.79
C GLN A 218 -16.17 3.31 11.60
N ARG A 219 -15.86 2.32 12.43
CA ARG A 219 -16.53 1.01 12.41
C ARG A 219 -17.13 0.84 13.78
N ASP A 220 -18.46 0.92 13.84
CA ASP A 220 -19.18 0.91 15.10
C ASP A 220 -18.72 2.02 16.03
N GLY A 221 -18.28 3.14 15.46
CA GLY A 221 -17.73 4.26 16.22
C GLY A 221 -16.22 4.27 16.41
N GLU A 222 -15.56 3.11 16.28
CA GLU A 222 -14.10 3.01 16.40
C GLU A 222 -13.46 3.56 15.12
N ASP A 223 -12.45 4.41 15.25
CA ASP A 223 -11.81 5.06 14.07
C ASP A 223 -10.75 4.20 13.41
N GLN A 224 -11.13 3.55 12.31
CA GLN A 224 -10.18 3.00 11.34
C GLN A 224 -9.10 4.01 10.97
N THR A 225 -7.85 3.56 10.99
CA THR A 225 -6.69 4.40 10.62
C THR A 225 -5.63 3.56 9.94
N GLN A 226 -5.19 2.48 10.59
CA GLN A 226 -4.39 1.48 9.90
C GLN A 226 -5.21 1.09 8.67
N ASP A 227 -6.50 0.79 8.84
CA ASP A 227 -7.22 0.21 7.68
C ASP A 227 -7.74 1.16 6.57
N THR A 228 -7.54 2.47 6.72
CA THR A 228 -8.04 3.45 5.71
C THR A 228 -6.94 3.86 4.71
N GLU A 229 -7.25 3.77 3.42
CA GLU A 229 -6.48 4.52 2.43
C GLU A 229 -6.99 5.95 2.38
N LEU A 230 -6.07 6.91 2.47
CA LEU A 230 -6.40 8.32 2.50
C LEU A 230 -5.47 8.99 1.50
N VAL A 231 -5.99 9.73 0.53
CA VAL A 231 -5.10 10.43 -0.41
C VAL A 231 -4.84 11.87 0.00
N GLU A 232 -3.65 12.36 -0.28
CA GLU A 232 -3.31 13.76 -0.09
C GLU A 232 -4.35 14.65 -0.75
N THR A 233 -4.69 15.72 -0.05
CA THR A 233 -5.68 16.69 -0.48
C THR A 233 -5.18 17.31 -1.73
N ARG A 234 -6.02 17.48 -2.74
CA ARG A 234 -5.53 17.89 -4.06
C ARG A 234 -6.27 19.08 -4.66
N PRO A 235 -5.57 19.90 -5.47
CA PRO A 235 -6.26 21.06 -6.04
C PRO A 235 -7.22 20.67 -7.15
N ALA A 236 -8.42 21.18 -7.08
CA ALA A 236 -9.38 21.03 -8.18
C ALA A 236 -8.94 21.74 -9.44
N GLY A 237 -8.26 22.89 -9.29
CA GLY A 237 -7.93 23.76 -10.43
C GLY A 237 -8.75 25.04 -10.52
N ASP A 238 -9.87 25.11 -9.79
CA ASP A 238 -10.74 26.30 -9.75
C ASP A 238 -10.69 27.00 -8.40
N GLY A 239 -9.57 26.88 -7.69
CA GLY A 239 -9.41 27.46 -6.37
C GLY A 239 -10.12 26.73 -5.25
N THR A 240 -10.46 25.44 -5.48
CA THR A 240 -11.10 24.59 -4.46
C THR A 240 -10.29 23.30 -4.35
N PHE A 241 -10.63 22.47 -3.37
CA PHE A 241 -9.86 21.26 -3.09
C PHE A 241 -10.73 19.99 -3.00
N GLN A 242 -10.03 18.86 -2.97
CA GLN A 242 -10.64 17.54 -3.05
C GLN A 242 -9.83 16.54 -2.24
N LYS A 243 -10.53 15.62 -1.58
CA LYS A 243 -9.92 14.48 -0.92
C LYS A 243 -10.88 13.34 -1.02
N TRP A 244 -10.36 12.13 -0.84
CA TRP A 244 -11.18 10.94 -0.56
C TRP A 244 -10.49 10.01 0.39
N ALA A 245 -11.31 9.18 1.07
CA ALA A 245 -10.82 8.16 2.01
C ALA A 245 -11.51 6.87 1.68
N ALA A 246 -10.77 5.77 1.64
CA ALA A 246 -11.40 4.48 1.30
C ALA A 246 -11.08 3.45 2.36
N VAL A 247 -11.93 2.41 2.39
CA VAL A 247 -11.72 1.31 3.31
C VAL A 247 -12.42 0.10 2.71
N VAL A 248 -11.86 -1.07 2.96
CA VAL A 248 -12.39 -2.34 2.46
C VAL A 248 -12.95 -3.10 3.62
N VAL A 249 -14.15 -3.62 3.42
CA VAL A 249 -14.98 -4.17 4.48
C VAL A 249 -15.57 -5.49 4.03
N PRO A 250 -15.87 -6.40 4.99
CA PRO A 250 -16.64 -7.59 4.64
C PRO A 250 -18.05 -7.24 4.14
N SER A 251 -18.50 -7.89 3.07
CA SER A 251 -19.82 -7.59 2.49
C SER A 251 -20.96 -8.03 3.42
N GLY A 252 -21.98 -7.17 3.52
CA GLY A 252 -23.02 -7.33 4.52
C GLY A 252 -22.75 -6.65 5.86
N GLN A 253 -21.51 -6.20 6.09
CA GLN A 253 -21.16 -5.41 7.26
C GLN A 253 -21.05 -3.91 6.92
N GLU A 254 -21.53 -3.48 5.75
CA GLU A 254 -21.33 -2.09 5.32
C GLU A 254 -22.02 -1.05 6.27
N GLN A 255 -23.18 -1.45 6.83
CA GLN A 255 -23.97 -0.61 7.74
C GLN A 255 -23.22 -0.17 8.99
N ARG A 256 -22.29 -1.02 9.44
CA ARG A 256 -21.40 -0.72 10.57
C ARG A 256 -20.42 0.43 10.37
N TYR A 257 -20.24 0.90 9.12
CA TYR A 257 -19.22 1.86 8.77
C TYR A 257 -19.80 3.19 8.41
N THR A 258 -19.18 4.28 8.88
CA THR A 258 -19.63 5.63 8.62
C THR A 258 -18.42 6.53 8.35
N CYS A 259 -18.53 7.44 7.38
CA CYS A 259 -17.47 8.42 7.07
C CYS A 259 -17.72 9.69 7.81
N HIS A 260 -16.70 10.34 8.35
CA HIS A 260 -16.84 11.59 9.12
C HIS A 260 -16.07 12.70 8.48
N VAL A 261 -16.77 13.79 8.18
CA VAL A 261 -16.21 14.93 7.45
C VAL A 261 -16.21 16.16 8.37
N GLN A 262 -15.01 16.63 8.77
CA GLN A 262 -14.84 17.87 9.52
C GLN A 262 -14.24 18.94 8.66
N HIS A 263 -14.82 20.15 8.64
CA HIS A 263 -14.31 21.26 7.79
C HIS A 263 -14.77 22.61 8.28
N GLU A 264 -13.91 23.62 8.23
CA GLU A 264 -14.24 25.02 8.68
C GLU A 264 -15.63 25.51 8.20
N GLY A 265 -15.93 25.22 6.93
CA GLY A 265 -17.21 25.52 6.29
C GLY A 265 -18.47 24.89 6.89
N LEU A 266 -18.39 23.64 7.34
CA LEU A 266 -19.59 22.92 7.83
C LEU A 266 -19.97 23.37 9.25
N PRO A 267 -21.25 23.81 9.49
CA PRO A 267 -21.70 24.09 10.88
C PRO A 267 -21.42 22.96 11.89
N LYS A 268 -21.97 21.77 11.63
CA LYS A 268 -21.72 20.53 12.42
C LYS A 268 -21.07 19.50 11.47
N PRO A 269 -20.26 18.53 11.98
CA PRO A 269 -19.67 17.53 11.07
C PRO A 269 -20.71 16.69 10.30
N LEU A 270 -20.44 16.40 9.03
CA LEU A 270 -21.30 15.46 8.25
C LEU A 270 -20.92 14.02 8.57
N THR A 271 -21.87 13.12 8.35
CA THR A 271 -21.74 11.68 8.57
C THR A 271 -22.45 10.93 7.45
N LEU A 272 -21.69 10.32 6.57
CA LEU A 272 -22.20 9.65 5.41
C LEU A 272 -22.23 8.18 5.72
N ARG A 273 -23.28 7.51 5.25
CA ARG A 273 -23.36 6.04 5.33
C ARG A 273 -23.50 5.46 3.95
N TRP A 274 -23.13 4.20 3.74
CA TRP A 274 -23.49 3.52 2.49
C TRP A 274 -24.99 3.33 2.34
N GLU A 275 -25.62 4.19 1.58
CA GLU A 275 -27.05 4.05 1.25
C GLU A 275 -27.11 3.89 -0.25
N PRO A 276 -27.69 2.76 -0.76
CA PRO A 276 -28.28 2.81 -2.11
C PRO A 276 -29.19 4.06 -2.28
N ILE B 2 20.07 14.09 -1.78
CA ILE B 2 18.94 13.29 -1.23
C ILE B 2 17.80 13.29 -2.22
N GLN B 3 17.20 12.14 -2.39
CA GLN B 3 16.23 11.90 -3.46
C GLN B 3 14.99 11.35 -2.82
N ARG B 4 13.82 11.80 -3.27
CA ARG B 4 12.57 11.31 -2.77
C ARG B 4 11.60 11.21 -3.95
N THR B 5 10.75 10.20 -3.87
CA THR B 5 10.05 9.71 -5.05
C THR B 5 8.61 10.23 -5.19
N PRO B 6 8.16 10.57 -6.41
CA PRO B 6 6.85 11.19 -6.61
C PRO B 6 5.62 10.41 -6.21
N LYS B 7 4.53 11.17 -6.06
CA LYS B 7 3.20 10.66 -5.75
C LYS B 7 2.28 11.23 -6.81
N ILE B 8 1.52 10.37 -7.50
CA ILE B 8 0.70 10.77 -8.65
C ILE B 8 -0.80 10.56 -8.36
N GLN B 9 -1.64 11.47 -8.85
CA GLN B 9 -3.12 11.44 -8.70
C GLN B 9 -3.70 12.01 -10.00
N VAL B 10 -4.53 11.23 -10.68
CA VAL B 10 -5.17 11.68 -11.92
C VAL B 10 -6.65 11.74 -11.67
N TYR B 11 -7.27 12.85 -12.03
CA TYR B 11 -8.66 13.10 -11.67
C TYR B 11 -9.18 14.26 -12.49
N SER B 12 -10.51 14.40 -12.56
CA SER B 12 -11.16 15.55 -13.19
C SER B 12 -11.41 16.69 -12.19
N ARG B 13 -11.65 17.88 -12.75
CA ARG B 13 -11.92 19.10 -11.98
C ARG B 13 -13.30 19.05 -11.36
N HIS B 14 -14.36 18.96 -12.16
CA HIS B 14 -15.68 18.75 -11.56
C HIS B 14 -16.05 17.30 -11.87
N PRO B 15 -17.05 16.74 -11.13
CA PRO B 15 -17.50 15.38 -11.35
C PRO B 15 -17.65 15.11 -12.81
N ALA B 16 -17.06 14.01 -13.28
CA ALA B 16 -17.12 13.64 -14.69
C ALA B 16 -18.55 13.25 -15.18
N GLU B 17 -18.85 13.53 -16.42
CA GLU B 17 -20.03 12.98 -17.11
C GLU B 17 -19.66 12.63 -18.56
N ASN B 18 -19.78 11.37 -18.98
CA ASN B 18 -19.35 11.00 -20.36
C ASN B 18 -19.99 11.92 -21.43
N GLY B 19 -19.16 12.61 -22.19
CA GLY B 19 -19.61 13.54 -23.21
C GLY B 19 -20.01 14.91 -22.70
N LYS B 20 -19.38 15.36 -21.60
CA LYS B 20 -19.53 16.76 -21.06
C LYS B 20 -18.15 17.42 -20.81
N SER B 21 -18.15 18.75 -20.91
CA SER B 21 -16.92 19.56 -20.81
C SER B 21 -16.29 19.60 -19.38
N ASN B 22 -14.97 19.44 -19.28
CA ASN B 22 -14.31 19.30 -17.96
C ASN B 22 -12.81 19.64 -18.09
N PHE B 23 -12.05 19.43 -17.01
CA PHE B 23 -10.60 19.52 -17.06
C PHE B 23 -10.02 18.26 -16.45
N LEU B 24 -8.91 17.77 -17.00
CA LEU B 24 -8.25 16.58 -16.50
C LEU B 24 -6.96 17.01 -15.84
N ASN B 25 -6.83 16.69 -14.55
CA ASN B 25 -5.67 17.06 -13.76
C ASN B 25 -4.76 15.86 -13.51
N CYS B 26 -3.46 16.01 -13.67
CA CYS B 26 -2.47 15.10 -13.05
C CYS B 26 -1.63 15.83 -11.96
N TYR B 27 -1.83 15.50 -10.70
CA TYR B 27 -1.19 16.19 -9.57
C TYR B 27 -0.03 15.34 -9.09
N VAL B 28 1.18 15.88 -9.10
CA VAL B 28 2.39 15.13 -8.71
C VAL B 28 3.06 15.84 -7.56
N SER B 29 3.43 15.10 -6.53
CA SER B 29 3.86 15.69 -5.26
C SER B 29 4.87 14.79 -4.56
N GLY B 30 5.50 15.28 -3.50
CA GLY B 30 6.38 14.47 -2.65
C GLY B 30 7.80 14.27 -3.16
N PHE B 31 8.16 14.90 -4.27
CA PHE B 31 9.40 14.57 -4.97
C PHE B 31 10.59 15.51 -4.77
N HIS B 32 11.79 15.01 -5.05
CA HIS B 32 13.04 15.77 -4.92
C HIS B 32 14.15 14.91 -5.56
N PRO B 33 15.05 15.47 -6.37
CA PRO B 33 15.05 16.84 -6.80
C PRO B 33 13.90 17.24 -7.75
N SER B 34 13.92 18.51 -8.15
CA SER B 34 12.85 19.16 -8.91
C SER B 34 12.62 18.61 -10.30
N ASP B 35 13.62 17.99 -10.91
CA ASP B 35 13.52 17.72 -12.35
C ASP B 35 12.56 16.61 -12.72
N ILE B 36 11.53 16.91 -13.52
CA ILE B 36 10.43 15.98 -13.75
C ILE B 36 9.77 16.03 -15.10
N GLU B 37 9.53 14.84 -15.65
CA GLU B 37 8.75 14.68 -16.88
C GLU B 37 7.37 14.14 -16.49
N VAL B 38 6.31 14.84 -16.92
CA VAL B 38 4.93 14.56 -16.59
C VAL B 38 4.13 14.72 -17.88
N ASP B 39 3.48 13.65 -18.31
CA ASP B 39 2.64 13.73 -19.51
C ASP B 39 1.25 13.20 -19.20
N LEU B 40 0.24 13.95 -19.65
CA LEU B 40 -1.09 13.44 -19.81
C LEU B 40 -1.18 12.67 -21.13
N LEU B 41 -1.89 11.55 -21.13
CA LEU B 41 -2.14 10.73 -22.35
C LEU B 41 -3.63 10.66 -22.70
N LYS B 42 -3.98 10.68 -23.99
CA LYS B 42 -5.39 10.38 -24.40
C LYS B 42 -5.77 8.98 -25.01
N ASN B 43 -4.89 8.20 -25.62
CA ASN B 43 -5.13 6.75 -25.61
C ASN B 43 -3.83 5.95 -25.52
N GLY B 44 -2.88 6.45 -24.75
CA GLY B 44 -1.49 5.98 -24.83
C GLY B 44 -0.57 6.98 -25.53
N GLU B 45 -1.11 7.86 -26.38
CA GLU B 45 -0.32 8.94 -26.98
C GLU B 45 -0.50 10.32 -26.30
N ARG B 46 0.61 11.03 -26.20
CA ARG B 46 0.75 12.26 -25.41
C ARG B 46 -0.20 13.39 -25.86
N ILE B 47 -0.84 14.08 -24.90
CA ILE B 47 -1.66 15.26 -25.20
C ILE B 47 -0.73 16.47 -25.34
N GLU B 48 -1.01 17.30 -26.34
CA GLU B 48 -0.23 18.46 -26.73
C GLU B 48 -0.40 19.68 -25.81
N LYS B 49 -1.65 20.05 -25.53
CA LYS B 49 -1.92 21.41 -25.00
C LYS B 49 -1.84 21.51 -23.44
N VAL B 50 -0.96 20.71 -22.83
CA VAL B 50 -0.95 20.49 -21.38
C VAL B 50 -0.34 21.72 -20.70
N GLU B 51 -1.13 22.42 -19.88
CA GLU B 51 -0.62 23.52 -18.99
C GLU B 51 -0.14 23.02 -17.62
N HIS B 52 0.60 23.84 -16.87
CA HIS B 52 0.93 23.47 -15.47
C HIS B 52 1.00 24.62 -14.43
N SER B 53 0.82 24.28 -13.16
CA SER B 53 0.99 25.25 -12.06
C SER B 53 2.46 25.70 -11.91
N ASP B 54 2.67 26.82 -11.25
CA ASP B 54 4.04 27.26 -10.97
C ASP B 54 4.62 26.35 -9.87
N LEU B 55 5.88 25.93 -10.02
CA LEU B 55 6.49 24.97 -9.08
C LEU B 55 6.60 25.56 -7.69
N SER B 56 6.26 24.75 -6.69
CA SER B 56 6.22 25.19 -5.30
C SER B 56 6.57 24.00 -4.46
N PHE B 57 6.56 24.14 -3.14
CA PHE B 57 6.91 23.03 -2.28
C PHE B 57 6.40 23.12 -0.87
N SER B 58 6.50 22.00 -0.18
CA SER B 58 5.97 21.82 1.16
C SER B 58 7.00 22.04 2.25
N LYS B 59 6.50 22.11 3.49
CA LYS B 59 7.34 22.39 4.67
C LYS B 59 8.48 21.36 4.83
N ASP B 60 8.29 20.15 4.29
CA ASP B 60 9.31 19.11 4.32
C ASP B 60 10.35 19.22 3.17
N TRP B 61 10.24 20.30 2.37
CA TRP B 61 11.06 20.62 1.20
C TRP B 61 10.67 19.98 -0.11
N SER B 62 9.70 19.08 -0.13
CA SER B 62 9.46 18.31 -1.34
C SER B 62 8.47 18.99 -2.28
N PHE B 63 8.72 18.88 -3.58
CA PHE B 63 7.99 19.69 -4.56
C PHE B 63 6.65 19.08 -4.97
N TYR B 64 5.78 19.95 -5.48
CA TYR B 64 4.44 19.59 -6.01
C TYR B 64 4.12 20.43 -7.26
N LEU B 65 3.51 19.79 -8.26
CA LEU B 65 3.00 20.43 -9.46
C LEU B 65 1.66 19.88 -9.84
N LEU B 66 0.84 20.71 -10.48
CA LEU B 66 -0.40 20.27 -11.09
C LEU B 66 -0.24 20.40 -12.58
N TYR B 67 -0.52 19.35 -13.35
CA TYR B 67 -0.62 19.46 -14.85
C TYR B 67 -2.10 19.31 -15.26
N TYR B 68 -2.61 20.18 -16.13
CA TYR B 68 -4.02 20.11 -16.49
C TYR B 68 -4.31 20.41 -17.96
N THR B 69 -5.54 20.05 -18.40
CA THR B 69 -5.97 20.19 -19.79
C THR B 69 -7.50 20.22 -19.87
N GLU B 70 -8.05 20.93 -20.84
CA GLU B 70 -9.49 20.80 -21.15
C GLU B 70 -9.71 19.44 -21.79
N PHE B 71 -10.79 18.74 -21.42
CA PHE B 71 -11.19 17.50 -22.11
C PHE B 71 -12.67 17.19 -21.96
N THR B 72 -13.08 16.19 -22.74
CA THR B 72 -14.44 15.69 -22.76
C THR B 72 -14.34 14.15 -22.74
N PRO B 73 -14.67 13.52 -21.59
CA PRO B 73 -14.49 12.08 -21.52
C PRO B 73 -15.53 11.39 -22.37
N THR B 74 -15.17 10.28 -22.99
CA THR B 74 -16.16 9.34 -23.52
C THR B 74 -16.04 8.06 -22.73
N GLU B 75 -17.04 7.22 -22.81
CA GLU B 75 -16.98 5.93 -22.16
C GLU B 75 -15.72 5.21 -22.61
N LYS B 76 -15.53 5.09 -23.93
CA LYS B 76 -14.41 4.33 -24.50
C LYS B 76 -12.98 4.91 -24.23
N ASP B 77 -12.79 6.22 -24.35
CA ASP B 77 -11.44 6.83 -24.40
C ASP B 77 -10.66 6.85 -23.10
N GLU B 78 -9.46 6.25 -23.09
CA GLU B 78 -8.62 6.14 -21.88
C GLU B 78 -7.63 7.32 -21.75
N TYR B 79 -7.89 8.13 -20.72
CA TYR B 79 -6.99 9.16 -20.27
C TYR B 79 -6.10 8.56 -19.17
N ALA B 80 -4.94 9.17 -18.96
CA ALA B 80 -3.92 8.65 -18.02
C ALA B 80 -2.78 9.67 -17.85
N CYS B 81 -1.86 9.39 -16.93
CA CYS B 81 -0.70 10.26 -16.67
C CYS B 81 0.59 9.46 -16.54
N ARG B 82 1.68 9.97 -17.11
CA ARG B 82 2.97 9.31 -17.05
C ARG B 82 3.98 10.21 -16.40
N VAL B 83 4.81 9.64 -15.53
CA VAL B 83 5.73 10.40 -14.70
C VAL B 83 7.07 9.71 -14.59
N ASN B 84 8.15 10.43 -14.86
CA ASN B 84 9.49 9.90 -14.73
C ASN B 84 10.32 10.85 -13.88
N HIS B 85 11.28 10.26 -13.14
CA HIS B 85 12.03 10.96 -12.12
C HIS B 85 13.33 10.17 -11.87
N VAL B 86 14.39 10.85 -11.43
CA VAL B 86 15.65 10.16 -11.09
C VAL B 86 15.51 9.00 -10.08
N THR B 87 14.52 9.05 -9.19
CA THR B 87 14.31 8.02 -8.16
C THR B 87 13.71 6.69 -8.66
N LEU B 88 13.28 6.67 -9.91
CA LEU B 88 12.58 5.55 -10.46
C LEU B 88 13.46 4.91 -11.53
N SER B 89 13.62 3.59 -11.47
CA SER B 89 14.14 2.82 -12.60
C SER B 89 13.13 2.82 -13.75
N GLN B 90 11.84 2.85 -13.42
CA GLN B 90 10.80 2.69 -14.42
C GLN B 90 9.79 3.83 -14.39
N PRO B 91 9.58 4.51 -15.55
CA PRO B 91 8.44 5.42 -15.65
C PRO B 91 7.08 4.82 -15.21
N LYS B 92 6.29 5.63 -14.49
CA LYS B 92 5.06 5.19 -13.84
C LYS B 92 3.82 5.79 -14.54
N ILE B 93 2.96 4.91 -15.05
CA ILE B 93 1.71 5.32 -15.67
C ILE B 93 0.58 5.12 -14.67
N VAL B 94 -0.38 6.04 -14.65
CA VAL B 94 -1.55 5.95 -13.77
C VAL B 94 -2.80 6.27 -14.58
N LYS B 95 -3.68 5.29 -14.76
CA LYS B 95 -4.92 5.50 -15.53
C LYS B 95 -5.90 6.36 -14.75
N TRP B 96 -6.64 7.21 -15.45
CA TRP B 96 -7.74 7.97 -14.86
C TRP B 96 -8.91 7.08 -14.68
N ASP B 97 -9.50 7.10 -13.50
CA ASP B 97 -10.69 6.32 -13.16
C ASP B 97 -11.67 7.23 -12.43
N ARG B 98 -12.94 7.26 -12.84
CA ARG B 98 -13.98 8.12 -12.19
C ARG B 98 -13.99 8.03 -10.65
N ASP B 99 -13.75 6.84 -10.09
CA ASP B 99 -13.66 6.64 -8.59
C ASP B 99 -12.28 6.24 -8.08
N MET B 100 -11.33 7.16 -8.15
CA MET B 100 -9.90 6.80 -8.30
C MET B 100 -9.36 5.59 -7.54
N SER C 1 3.48 40.81 -0.25
CA SER C 1 4.67 41.62 -0.61
C SER C 1 5.99 41.03 -0.07
N LEU C 2 6.97 41.04 -0.97
CA LEU C 2 8.22 40.35 -0.85
C LEU C 2 9.24 41.21 -0.06
N TYR C 3 10.20 40.55 0.54
CA TYR C 3 11.17 41.21 1.42
C TYR C 3 12.20 41.91 0.54
N ASN C 4 12.79 43.02 0.96
CA ASN C 4 13.77 43.73 0.13
C ASN C 4 15.23 43.30 0.23
N THR C 5 15.73 43.19 1.46
CA THR C 5 17.16 43.13 1.80
C THR C 5 17.54 41.69 2.11
N ILE C 6 17.24 40.82 1.15
CA ILE C 6 17.48 39.38 1.27
C ILE C 6 18.98 39.21 1.23
N ALA C 7 19.56 38.43 2.14
CA ALA C 7 21.03 38.39 2.28
C ALA C 7 21.67 37.24 1.51
N THR C 8 22.88 37.45 1.06
CA THR C 8 23.68 36.36 0.51
C THR C 8 24.38 35.53 1.60
N LEU C 9 24.74 34.30 1.24
CA LEU C 9 25.44 33.36 2.13
C LEU C 9 26.91 33.74 2.42
N LYS D 1 7.08 65.99 0.78
CA LYS D 1 8.27 65.14 1.13
C LYS D 1 8.02 64.05 2.21
N GLU D 2 8.71 62.92 2.06
CA GLU D 2 8.36 61.70 2.77
C GLU D 2 8.78 61.84 4.23
N VAL D 3 10.07 62.06 4.44
CA VAL D 3 10.67 62.09 5.76
C VAL D 3 10.80 63.53 6.13
N GLU D 4 10.23 63.90 7.28
CA GLU D 4 10.16 65.28 7.69
C GLU D 4 10.97 65.50 8.95
N GLN D 5 11.80 66.53 8.94
CA GLN D 5 12.44 67.00 10.14
C GLN D 5 12.68 68.49 10.09
N ASN D 6 12.72 69.15 11.25
CA ASN D 6 12.93 70.60 11.32
C ASN D 6 14.42 71.01 11.05
N SER D 7 14.60 72.07 10.27
CA SER D 7 15.94 72.61 9.95
C SER D 7 16.77 73.04 11.19
N GLY D 8 16.11 73.61 12.21
CA GLY D 8 16.79 74.18 13.37
C GLY D 8 17.29 75.55 12.97
N PRO D 9 18.44 75.99 13.46
CA PRO D 9 19.31 75.29 14.41
C PRO D 9 18.74 75.00 15.82
N LEU D 10 19.02 73.82 16.34
CA LEU D 10 18.83 73.53 17.74
C LEU D 10 20.02 74.13 18.44
N SER D 11 19.80 74.77 19.57
CA SER D 11 20.95 75.23 20.37
C SER D 11 20.96 74.44 21.65
N VAL D 12 22.06 73.79 21.99
CA VAL D 12 22.14 73.00 23.20
C VAL D 12 23.32 73.45 24.01
N PRO D 13 23.17 73.63 25.34
CA PRO D 13 24.36 73.92 26.14
C PRO D 13 25.29 72.71 26.28
N GLU D 14 26.60 72.94 26.21
CA GLU D 14 27.58 71.88 26.34
C GLU D 14 27.41 71.17 27.68
N GLY D 15 27.37 69.84 27.62
CA GLY D 15 27.09 68.99 28.75
C GLY D 15 25.68 68.44 28.79
N ALA D 16 24.77 69.06 28.03
CA ALA D 16 23.33 68.82 28.16
C ALA D 16 22.77 68.02 27.01
N ILE D 17 21.62 67.36 27.25
CA ILE D 17 21.09 66.38 26.31
C ILE D 17 20.56 67.07 25.06
N ALA D 18 21.18 66.81 23.91
CA ALA D 18 20.58 67.20 22.62
C ALA D 18 19.55 66.16 22.23
N SER D 19 18.67 66.58 21.33
CA SER D 19 17.43 65.84 21.11
C SER D 19 16.90 66.19 19.74
N LEU D 20 16.86 65.21 18.83
CA LEU D 20 16.42 65.43 17.46
C LEU D 20 15.30 64.50 17.12
N ASN D 21 14.36 64.95 16.33
CA ASN D 21 13.27 64.12 15.89
C ASN D 21 13.14 64.15 14.41
N CYS D 22 12.33 63.23 13.94
CA CYS D 22 12.15 62.94 12.54
C CYS D 22 10.86 62.10 12.47
N THR D 23 9.92 62.46 11.60
CA THR D 23 8.65 61.74 11.45
C THR D 23 8.56 61.34 10.01
N TYR D 24 7.85 60.26 9.72
CA TYR D 24 7.72 59.79 8.33
C TYR D 24 6.33 59.35 8.14
N SER D 25 5.86 59.20 6.91
CA SER D 25 4.47 58.82 6.68
C SER D 25 4.25 57.40 6.13
N ASP D 26 5.18 56.86 5.35
CA ASP D 26 4.97 55.57 4.67
C ASP D 26 5.09 54.50 5.69
N ARG D 27 4.04 53.69 5.83
CA ARG D 27 4.03 52.57 6.76
C ARG D 27 4.86 51.39 6.30
N GLY D 28 5.21 51.38 5.02
CA GLY D 28 6.21 50.46 4.52
C GLY D 28 7.59 50.67 5.13
N SER D 29 7.81 51.80 5.82
CA SER D 29 9.14 52.18 6.31
C SER D 29 9.64 51.13 7.25
N GLN D 30 10.83 50.61 7.05
CA GLN D 30 11.30 49.37 7.73
C GLN D 30 12.64 49.47 8.41
N SER D 31 13.52 50.35 7.91
CA SER D 31 14.86 50.56 8.47
C SER D 31 15.23 52.04 8.51
N PHE D 32 15.99 52.42 9.55
CA PHE D 32 16.19 53.81 9.93
C PHE D 32 17.60 54.11 10.26
N PHE D 33 18.08 55.25 9.84
CA PHE D 33 19.44 55.59 10.07
C PHE D 33 19.52 57.05 10.46
N TRP D 34 20.52 57.38 11.28
CA TRP D 34 20.96 58.74 11.54
C TRP D 34 22.34 58.92 10.93
N TYR D 35 22.51 59.99 10.16
CA TYR D 35 23.83 60.34 9.64
C TYR D 35 24.19 61.72 10.20
N ARG D 36 25.47 61.94 10.37
CA ARG D 36 26.00 63.20 10.83
C ARG D 36 26.87 63.83 9.77
N GLN D 37 26.69 65.12 9.51
CA GLN D 37 27.41 65.80 8.46
C GLN D 37 27.97 67.08 8.99
N TYR D 38 29.27 67.18 9.02
CA TYR D 38 29.89 68.44 9.38
C TYR D 38 29.94 69.36 8.16
N SER D 39 29.88 70.66 8.40
CA SER D 39 30.14 71.67 7.41
C SER D 39 31.14 71.24 6.35
N GLY D 40 30.69 71.20 5.11
CA GLY D 40 31.57 70.91 3.99
C GLY D 40 32.12 69.51 3.91
N LYS D 41 31.42 68.54 4.49
CA LYS D 41 31.91 67.15 4.53
C LYS D 41 30.79 66.21 4.11
N SER D 42 31.13 64.93 4.01
CA SER D 42 30.12 63.91 3.70
C SER D 42 29.32 63.47 4.87
N PRO D 43 28.12 62.92 4.65
CA PRO D 43 27.42 62.29 5.80
C PRO D 43 28.11 61.03 6.27
N GLU D 44 28.23 60.88 7.58
CA GLU D 44 28.70 59.63 8.15
C GLU D 44 27.68 58.98 9.07
N LEU D 45 27.43 57.70 8.78
CA LEU D 45 26.46 56.91 9.47
C LEU D 45 26.88 56.84 10.90
N ILE D 46 26.02 57.30 11.80
CA ILE D 46 26.30 57.14 13.22
C ILE D 46 25.41 56.13 13.92
N MET D 47 24.28 55.79 13.34
CA MET D 47 23.46 54.76 13.92
C MET D 47 22.43 54.22 12.97
N PHE D 48 22.24 52.91 13.04
CA PHE D 48 21.16 52.25 12.34
C PHE D 48 20.24 51.67 13.38
N ILE D 49 18.94 51.71 13.10
CA ILE D 49 17.98 51.04 13.96
C ILE D 49 16.91 50.32 13.16
N TYR D 50 16.69 49.06 13.53
CA TYR D 50 15.88 48.13 12.79
C TYR D 50 14.59 47.64 13.50
N SER D 51 14.61 47.68 14.82
CA SER D 51 13.53 47.25 15.70
C SER D 51 13.00 48.40 16.54
N ASN D 52 11.68 48.43 16.68
CA ASN D 52 10.94 49.30 17.61
C ASN D 52 11.60 49.34 18.97
N GLY D 53 11.61 50.50 19.61
CA GLY D 53 12.20 50.70 20.94
C GLY D 53 13.43 51.57 20.97
N ASP D 54 14.21 51.48 22.05
CA ASP D 54 15.50 52.16 22.19
C ASP D 54 16.67 51.28 21.77
N LYS D 55 17.75 51.94 21.32
CA LYS D 55 19.07 51.37 21.12
C LYS D 55 20.13 52.38 21.61
N GLU D 56 20.84 52.07 22.70
CA GLU D 56 21.88 52.96 23.27
C GLU D 56 23.23 52.55 22.67
N ASP D 57 24.06 53.53 22.33
CA ASP D 57 25.44 53.30 21.84
C ASP D 57 26.41 54.38 22.33
N GLY D 58 26.90 54.22 23.54
CA GLY D 58 27.79 55.20 24.14
C GLY D 58 26.92 56.38 24.47
N ARG D 59 27.27 57.56 23.95
CA ARG D 59 26.53 58.78 24.29
C ARG D 59 25.21 58.91 23.53
N PHE D 60 25.01 58.04 22.52
CA PHE D 60 23.88 58.15 21.58
C PHE D 60 22.78 57.16 21.85
N THR D 61 21.54 57.62 21.96
CA THR D 61 20.37 56.74 22.01
C THR D 61 19.41 57.11 20.90
N ALA D 62 19.00 56.10 20.13
CA ALA D 62 17.97 56.24 19.13
C ALA D 62 16.73 55.55 19.64
N GLN D 63 15.58 56.10 19.27
CA GLN D 63 14.27 55.68 19.76
C GLN D 63 13.42 55.59 18.47
N LEU D 64 12.96 54.39 18.10
CA LEU D 64 11.99 54.21 17.01
C LEU D 64 10.64 53.83 17.57
N ASN D 65 9.59 54.39 16.97
CA ASN D 65 8.21 54.09 17.34
C ASN D 65 7.36 53.99 16.08
N LYS D 66 7.14 52.79 15.61
CA LYS D 66 6.54 52.60 14.30
C LYS D 66 5.02 52.90 14.30
N ALA D 67 4.36 52.78 15.44
CA ALA D 67 2.93 52.99 15.44
C ALA D 67 2.68 54.49 15.21
N SER D 68 3.38 55.33 15.98
CA SER D 68 3.37 56.81 15.89
C SER D 68 4.25 57.44 14.80
N GLN D 69 5.18 56.65 14.28
CA GLN D 69 6.00 57.03 13.12
C GLN D 69 6.92 58.18 13.39
N TYR D 70 7.80 58.00 14.37
CA TYR D 70 8.91 58.90 14.59
C TYR D 70 10.19 58.09 14.85
N ILE D 71 11.36 58.72 14.69
CA ILE D 71 12.63 58.21 15.24
C ILE D 71 13.29 59.40 15.88
N SER D 72 13.64 59.27 17.16
CA SER D 72 14.42 60.27 17.85
C SER D 72 15.90 59.83 17.97
N LEU D 73 16.77 60.81 18.15
CA LEU D 73 18.12 60.60 18.51
C LEU D 73 18.44 61.54 19.67
N LEU D 74 18.92 61.00 20.79
CA LEU D 74 19.39 61.81 21.95
C LEU D 74 20.92 61.67 22.04
N ILE D 75 21.59 62.81 22.21
CA ILE D 75 23.02 62.82 22.42
C ILE D 75 23.25 63.30 23.84
N ARG D 76 23.66 62.38 24.70
CA ARG D 76 23.93 62.70 26.08
C ARG D 76 25.30 63.34 26.16
N ASP D 77 25.45 64.27 27.11
CA ASP D 77 26.73 64.84 27.40
C ASP D 77 27.31 65.60 26.19
N SER D 78 26.49 66.42 25.59
CA SER D 78 26.85 67.14 24.38
C SER D 78 28.22 67.82 24.40
N LYS D 79 29.05 67.51 23.39
CA LYS D 79 30.38 68.10 23.23
C LYS D 79 30.32 69.15 22.16
N LEU D 80 31.31 70.03 22.04
CA LEU D 80 31.33 71.01 20.94
C LEU D 80 31.45 70.33 19.57
N SER D 81 32.30 69.32 19.48
CA SER D 81 32.43 68.54 18.25
C SER D 81 31.15 67.81 17.78
N ASP D 82 30.09 67.81 18.59
CA ASP D 82 28.77 67.35 18.16
C ASP D 82 28.04 68.39 17.34
N SER D 83 28.59 69.58 17.17
CA SER D 83 27.94 70.56 16.34
C SER D 83 28.09 70.17 14.87
N ALA D 84 26.96 70.01 14.20
CA ALA D 84 26.87 69.31 12.93
C ALA D 84 25.42 69.26 12.52
N THR D 85 25.18 68.85 11.29
CA THR D 85 23.82 68.64 10.86
C THR D 85 23.55 67.14 11.01
N TYR D 86 22.37 66.81 11.54
CA TYR D 86 21.95 65.43 11.77
C TYR D 86 20.80 65.15 10.79
N LEU D 87 21.07 64.22 9.88
CA LEU D 87 20.10 63.75 8.92
C LEU D 87 19.57 62.41 9.34
N CYS D 88 18.29 62.18 9.13
CA CYS D 88 17.68 60.89 9.35
C CYS D 88 17.22 60.36 7.98
N ALA D 89 17.34 59.05 7.79
CA ALA D 89 16.95 58.40 6.51
C ALA D 89 16.13 57.16 6.77
N VAL D 90 15.08 56.93 5.96
CA VAL D 90 14.33 55.66 6.03
C VAL D 90 14.41 54.94 4.73
N ARG D 91 14.41 53.61 4.85
CA ARG D 91 14.36 52.67 3.75
C ARG D 91 13.07 51.92 3.94
N THR D 92 12.26 51.94 2.90
CA THR D 92 10.97 51.30 2.92
C THR D 92 11.18 49.91 2.31
N ASN D 93 10.23 49.01 2.56
CA ASN D 93 10.29 47.64 2.07
C ASN D 93 10.08 47.57 0.58
N SER D 94 9.61 48.64 -0.05
CA SER D 94 9.39 48.56 -1.48
C SER D 94 10.69 48.59 -2.31
N GLY D 95 11.82 48.86 -1.70
CA GLY D 95 13.04 49.04 -2.49
C GLY D 95 14.30 49.30 -1.69
N TYR D 96 15.30 49.81 -2.38
CA TYR D 96 16.68 49.92 -1.88
C TYR D 96 17.16 51.35 -1.65
N ALA D 97 16.31 52.33 -1.93
CA ALA D 97 16.71 53.72 -1.75
C ALA D 97 16.56 54.20 -0.32
N LEU D 98 17.50 55.04 0.10
CA LEU D 98 17.32 55.79 1.35
C LEU D 98 16.59 57.04 1.03
N ASN D 99 15.62 57.38 1.86
CA ASN D 99 14.84 58.62 1.75
C ASN D 99 15.17 59.56 2.90
N PHE D 100 15.61 60.78 2.64
CA PHE D 100 16.28 61.59 3.70
C PHE D 100 15.45 62.78 4.17
N GLY D 101 15.74 63.25 5.37
CA GLY D 101 15.22 64.53 5.84
C GLY D 101 16.14 65.62 5.39
N LYS D 102 15.68 66.88 5.48
CA LYS D 102 16.51 68.08 5.28
C LYS D 102 17.80 68.07 6.07
N GLY D 103 17.70 67.62 7.32
CA GLY D 103 18.77 67.70 8.27
C GLY D 103 18.41 68.71 9.34
N THR D 104 18.76 68.43 10.60
CA THR D 104 18.63 69.42 11.64
C THR D 104 20.02 69.85 12.06
N SER D 105 20.33 71.13 11.95
CA SER D 105 21.58 71.69 12.46
C SER D 105 21.60 71.80 14.00
N LEU D 106 22.69 71.35 14.62
CA LEU D 106 22.86 71.39 16.07
C LEU D 106 24.08 72.25 16.38
N LEU D 107 23.87 73.34 17.12
CA LEU D 107 24.95 74.15 17.64
C LEU D 107 25.04 73.85 19.14
N VAL D 108 26.21 73.38 19.55
CA VAL D 108 26.49 73.23 20.96
C VAL D 108 27.23 74.49 21.41
N THR D 109 26.59 75.13 22.36
CA THR D 109 27.01 76.37 22.99
C THR D 109 27.90 76.07 24.20
N PRO D 110 29.07 76.72 24.29
CA PRO D 110 29.96 76.62 25.48
C PRO D 110 29.59 77.62 26.55
N HIS D 111 29.89 77.32 27.80
CA HIS D 111 29.58 78.23 28.90
C HIS D 111 30.76 79.18 29.12
N ILE D 112 30.52 80.49 29.06
CA ILE D 112 31.58 81.45 29.29
C ILE D 112 31.60 81.80 30.76
N GLN D 113 32.76 81.63 31.39
CA GLN D 113 32.86 81.81 32.84
C GLN D 113 32.83 83.27 33.16
N LYS D 114 33.75 84.07 32.57
CA LYS D 114 33.74 85.53 32.72
C LYS D 114 33.44 86.27 31.39
N PRO D 115 32.16 86.46 31.03
CA PRO D 115 31.84 87.27 29.85
C PRO D 115 32.44 88.67 29.97
N ASP D 116 32.76 89.30 28.86
CA ASP D 116 33.54 90.53 28.86
C ASP D 116 33.25 91.25 27.54
N PRO D 117 31.96 91.43 27.20
CA PRO D 117 31.53 91.91 25.91
C PRO D 117 32.21 93.21 25.50
N ALA D 118 32.64 93.24 24.25
CA ALA D 118 33.53 94.27 23.74
C ALA D 118 33.41 94.30 22.22
N VAL D 119 33.47 95.51 21.68
CA VAL D 119 33.52 95.72 20.24
C VAL D 119 34.86 96.44 19.98
N TYR D 120 35.78 95.78 19.28
CA TYR D 120 37.07 96.40 18.96
C TYR D 120 37.08 96.80 17.49
N GLN D 121 37.94 97.73 17.14
CA GLN D 121 38.07 98.23 15.76
C GLN D 121 39.44 97.74 15.33
N LEU D 122 39.57 97.24 14.11
CA LEU D 122 40.87 96.72 13.65
C LEU D 122 41.22 97.34 12.29
N ARG D 123 42.46 97.80 12.12
CA ARG D 123 42.90 98.33 10.83
C ARG D 123 43.44 97.19 9.95
N ASP D 124 43.43 97.40 8.64
CA ASP D 124 44.16 96.52 7.69
C ASP D 124 45.67 96.78 7.71
N SER D 125 46.46 95.71 7.64
CA SER D 125 47.94 95.78 7.66
C SER D 125 48.56 96.72 6.59
N LYS D 126 48.06 96.66 5.36
CA LYS D 126 48.57 97.50 4.24
C LYS D 126 47.84 98.87 4.08
N SER D 127 46.60 98.87 3.59
CA SER D 127 45.87 100.12 3.27
C SER D 127 44.87 100.37 4.39
N SER D 128 43.97 101.36 4.24
CA SER D 128 42.74 101.51 5.12
C SER D 128 41.41 101.39 4.32
N ASP D 129 41.46 100.59 3.24
CA ASP D 129 40.41 100.52 2.21
C ASP D 129 39.27 99.57 2.57
N LYS D 130 39.42 98.84 3.68
CA LYS D 130 38.31 98.43 4.59
C LYS D 130 38.80 98.67 6.04
N SER D 131 37.86 98.63 6.99
CA SER D 131 38.18 98.27 8.37
C SER D 131 36.98 97.51 8.99
N VAL D 132 37.31 96.82 10.06
CA VAL D 132 36.54 95.73 10.58
C VAL D 132 36.22 96.00 12.04
N CYS D 133 35.07 95.50 12.47
CA CYS D 133 34.67 95.51 13.87
C CYS D 133 34.45 94.10 14.39
N LEU D 134 35.11 93.81 15.49
CA LEU D 134 35.10 92.54 16.19
C LEU D 134 34.33 92.69 17.51
N PHE D 135 33.12 92.13 17.51
CA PHE D 135 32.29 91.92 18.70
C PHE D 135 32.74 90.62 19.29
N THR D 136 33.23 90.64 20.53
CA THR D 136 33.84 89.44 21.15
C THR D 136 33.66 89.39 22.66
N ASP D 137 33.93 88.20 23.21
CA ASP D 137 33.84 87.85 24.63
C ASP D 137 32.46 87.98 25.28
N PHE D 138 31.42 87.89 24.46
CA PHE D 138 30.05 87.84 24.97
C PHE D 138 29.68 86.39 25.29
N ASP D 139 28.65 86.22 26.12
CA ASP D 139 28.23 84.88 26.56
C ASP D 139 27.36 84.26 25.49
N SER D 140 27.18 82.94 25.55
CA SER D 140 26.67 82.19 24.39
C SER D 140 25.20 82.43 24.09
N GLN D 141 24.54 83.22 24.94
CA GLN D 141 23.10 83.47 24.86
C GLN D 141 22.77 84.78 24.12
N THR D 142 23.78 85.39 23.48
CA THR D 142 23.61 86.58 22.66
C THR D 142 23.46 86.11 21.21
N ASN D 143 22.34 86.48 20.61
CA ASN D 143 22.08 86.22 19.18
C ASN D 143 22.58 87.45 18.43
N VAL D 144 23.42 87.25 17.41
CA VAL D 144 23.93 88.33 16.60
C VAL D 144 23.01 88.42 15.38
N SER D 145 22.71 89.64 14.93
CA SER D 145 21.75 89.83 13.85
C SER D 145 22.45 90.13 12.55
N GLN D 146 21.86 89.68 11.45
CA GLN D 146 22.37 90.09 10.15
C GLN D 146 22.04 91.58 9.97
N SER D 147 22.71 92.24 9.04
CA SER D 147 22.58 93.69 8.87
C SER D 147 21.32 94.07 8.10
N LYS D 148 20.71 95.19 8.48
CA LYS D 148 19.64 95.81 7.69
C LYS D 148 20.19 96.51 6.43
N ASP D 149 21.46 96.93 6.47
CA ASP D 149 22.07 97.64 5.36
C ASP D 149 22.68 96.70 4.29
N SER D 150 22.29 96.92 3.03
CA SER D 150 22.79 96.17 1.86
C SER D 150 24.32 96.11 1.73
N ASP D 151 25.02 97.19 2.09
CA ASP D 151 26.47 97.28 1.97
C ASP D 151 27.22 97.14 3.34
N VAL D 152 26.60 96.47 4.32
CA VAL D 152 27.28 96.15 5.59
C VAL D 152 27.16 94.67 5.85
N TYR D 153 28.30 94.00 5.97
CA TYR D 153 28.37 92.55 6.10
C TYR D 153 28.63 92.20 7.56
N ILE D 154 27.82 91.34 8.13
CA ILE D 154 27.97 90.86 9.52
C ILE D 154 27.91 89.32 9.58
N THR D 155 28.97 88.71 10.11
CA THR D 155 29.04 87.24 10.16
C THR D 155 28.23 86.74 11.31
N ASP D 156 27.87 85.46 11.25
CA ASP D 156 27.21 84.80 12.36
C ASP D 156 28.25 84.67 13.50
N LYS D 157 27.72 84.30 14.66
CA LYS D 157 28.56 83.94 15.79
C LYS D 157 29.39 82.71 15.48
N CYS D 158 30.49 82.57 16.18
CA CYS D 158 31.38 81.44 16.00
C CYS D 158 32.32 81.37 17.22
N VAL D 159 32.61 80.13 17.63
CA VAL D 159 33.26 79.80 18.93
C VAL D 159 34.64 79.13 18.77
N LEU D 160 35.67 79.78 19.34
CA LEU D 160 37.06 79.29 19.35
C LEU D 160 37.51 78.87 20.74
N ASP D 161 38.37 77.85 20.74
CA ASP D 161 38.84 77.19 21.94
C ASP D 161 40.36 77.42 21.93
N MET D 162 40.84 78.34 22.79
CA MET D 162 42.27 78.56 22.96
C MET D 162 42.83 77.42 23.80
N ARG D 163 42.90 76.22 23.23
CA ARG D 163 43.04 74.96 23.99
C ARG D 163 44.05 74.97 25.16
N SER D 164 45.19 75.62 24.96
CA SER D 164 46.35 75.53 25.86
C SER D 164 46.18 76.23 27.25
N MET D 165 45.39 77.32 27.34
CA MET D 165 44.89 77.93 28.61
C MET D 165 43.35 77.75 28.67
N ASP D 166 42.91 76.49 28.46
CA ASP D 166 41.55 76.12 27.93
C ASP D 166 40.40 77.14 28.03
N PHE D 167 40.43 78.11 27.13
CA PHE D 167 39.53 79.28 27.10
C PHE D 167 38.71 79.35 25.80
N LYS D 168 37.39 79.52 25.95
CA LYS D 168 36.48 79.59 24.82
C LYS D 168 35.84 81.00 24.68
N SER D 169 35.61 81.43 23.44
CA SER D 169 35.14 82.77 23.15
C SER D 169 34.15 82.76 22.02
N ASN D 170 33.18 83.65 22.09
CA ASN D 170 32.30 83.92 21.00
C ASN D 170 32.77 85.21 20.33
N SER D 171 32.55 85.29 19.02
CA SER D 171 32.90 86.46 18.22
C SER D 171 32.08 86.48 16.97
N ALA D 172 31.82 87.69 16.50
CA ALA D 172 31.29 87.93 15.20
C ALA D 172 31.97 89.19 14.68
N VAL D 173 32.02 89.28 13.36
CA VAL D 173 32.79 90.30 12.68
C VAL D 173 31.81 91.07 11.82
N ALA D 174 32.01 92.38 11.78
CA ALA D 174 31.25 93.22 10.88
C ALA D 174 32.22 94.09 10.11
N TRP D 175 31.89 94.39 8.86
CA TRP D 175 32.71 95.27 8.06
C TRP D 175 31.93 95.93 6.94
N SER D 176 32.41 97.10 6.53
CA SER D 176 31.88 97.79 5.34
C SER D 176 32.97 98.60 4.67
N ASN D 177 32.68 98.97 3.43
CA ASN D 177 33.50 99.90 2.69
C ASN D 177 32.93 101.31 2.79
N LYS D 178 31.82 101.51 3.49
CA LYS D 178 31.05 102.76 3.51
C LYS D 178 31.67 103.92 4.32
N SER D 179 31.79 105.10 3.69
CA SER D 179 31.89 106.39 4.38
C SER D 179 30.60 106.34 5.22
N ASP D 180 30.73 106.63 6.50
CA ASP D 180 29.62 106.65 7.54
C ASP D 180 29.14 105.30 8.07
N PHE D 181 30.12 104.45 8.37
CA PHE D 181 30.01 103.21 9.17
C PHE D 181 31.17 103.29 10.16
N ALA D 182 30.97 102.76 11.35
CA ALA D 182 32.01 102.73 12.41
C ALA D 182 31.54 101.78 13.49
N CYS D 183 32.40 101.46 14.45
CA CYS D 183 32.11 100.33 15.35
C CYS D 183 31.03 100.59 16.37
N ALA D 184 30.81 101.86 16.70
CA ALA D 184 29.65 102.27 17.51
C ALA D 184 28.28 101.83 16.94
N ASN D 185 28.11 101.89 15.62
CA ASN D 185 26.81 101.59 14.97
C ASN D 185 26.65 100.13 14.43
N ALA D 186 27.72 99.33 14.43
CA ALA D 186 27.77 98.12 13.60
C ALA D 186 26.80 97.01 14.03
N PHE D 187 26.78 96.70 15.32
CA PHE D 187 25.93 95.62 15.85
C PHE D 187 24.66 96.19 16.51
N ASN D 188 24.05 97.17 15.84
CA ASN D 188 22.86 97.89 16.39
C ASN D 188 21.51 97.22 16.12
N ASN D 189 21.41 96.34 15.13
CA ASN D 189 20.24 95.48 14.97
C ASN D 189 20.31 94.20 15.83
N SER D 190 21.43 94.02 16.53
CA SER D 190 21.62 92.97 17.56
C SER D 190 21.31 93.54 18.94
N ILE D 191 20.83 92.69 19.84
CA ILE D 191 20.58 93.11 21.22
C ILE D 191 21.89 92.86 22.01
N ILE D 192 22.60 93.94 22.26
CA ILE D 192 23.99 93.92 22.76
C ILE D 192 23.86 93.94 24.29
N PRO D 193 24.84 93.42 25.02
CA PRO D 193 24.75 93.49 26.48
C PRO D 193 24.64 94.85 27.16
N GLU D 194 25.19 95.95 26.60
CA GLU D 194 24.88 97.31 27.11
C GLU D 194 25.65 97.76 28.40
N ASP D 195 26.50 96.92 28.98
CA ASP D 195 27.79 97.39 29.58
C ASP D 195 28.97 96.89 28.69
N THR D 196 28.75 96.87 27.38
CA THR D 196 29.74 96.42 26.40
C THR D 196 30.87 97.47 26.18
N PHE D 197 32.12 97.02 26.12
CA PHE D 197 33.31 97.90 26.00
C PHE D 197 33.52 98.44 24.57
N PHE D 198 33.78 99.75 24.44
CA PHE D 198 33.95 100.46 23.15
C PHE D 198 35.16 101.44 23.21
N PRO D 199 36.38 100.98 22.88
CA PRO D 199 37.60 101.81 22.84
C PRO D 199 38.01 102.32 21.41
N SER D 200 38.78 103.43 21.33
CA SER D 200 39.22 104.05 20.05
C SER D 200 40.50 103.45 19.45
N ALA E 1 40.85 51.96 0.75
CA ALA E 1 39.99 50.97 1.48
C ALA E 1 38.57 51.50 1.71
N GLY E 2 38.45 52.81 2.04
CA GLY E 2 37.17 53.52 2.16
C GLY E 2 36.59 53.84 0.80
N VAL E 3 35.41 54.45 0.77
CA VAL E 3 34.77 54.81 -0.49
C VAL E 3 35.59 55.92 -1.07
N THR E 4 35.82 55.96 -2.37
CA THR E 4 36.52 57.11 -3.00
C THR E 4 35.70 57.74 -4.12
N GLN E 5 35.92 59.02 -4.34
CA GLN E 5 35.26 59.75 -5.40
C GLN E 5 36.21 60.73 -6.03
N SER E 6 35.92 61.06 -7.29
CA SER E 6 36.61 62.16 -7.95
C SER E 6 35.83 62.65 -9.17
N PRO E 7 36.05 63.91 -9.56
CA PRO E 7 36.89 64.90 -8.83
C PRO E 7 36.25 65.42 -7.54
N THR E 8 37.03 66.07 -6.67
CA THR E 8 36.42 66.59 -5.44
C THR E 8 35.61 67.90 -5.74
N HIS E 9 36.07 68.73 -6.66
CA HIS E 9 35.32 69.94 -7.05
C HIS E 9 35.22 70.07 -8.57
N LEU E 10 34.23 70.78 -9.07
CA LEU E 10 34.15 71.08 -10.50
C LEU E 10 33.40 72.31 -10.82
N ILE E 11 33.85 73.06 -11.82
CA ILE E 11 33.00 74.10 -12.42
C ILE E 11 32.69 73.72 -13.85
N LYS E 12 31.40 73.63 -14.18
CA LYS E 12 30.98 73.40 -15.55
C LYS E 12 30.03 74.49 -16.03
N THR E 13 30.12 74.82 -17.31
CA THR E 13 29.19 75.79 -17.84
C THR E 13 27.90 75.08 -18.24
N ARG E 14 26.79 75.84 -18.33
CA ARG E 14 25.46 75.28 -18.57
C ARG E 14 25.41 74.65 -19.92
N GLY E 15 24.70 73.53 -20.01
CA GLY E 15 24.59 72.78 -21.26
C GLY E 15 25.74 71.78 -21.54
N GLN E 16 26.87 71.91 -20.84
CA GLN E 16 27.93 70.91 -20.93
C GLN E 16 27.45 69.57 -20.33
N GLN E 17 28.38 68.59 -20.35
CA GLN E 17 28.29 67.35 -19.60
C GLN E 17 29.39 67.15 -18.58
N VAL E 18 29.10 66.24 -17.66
CA VAL E 18 30.00 65.91 -16.58
C VAL E 18 30.03 64.41 -16.41
N THR E 19 31.06 63.90 -15.78
CA THR E 19 31.14 62.48 -15.57
C THR E 19 31.85 62.27 -14.30
N LEU E 20 31.14 61.83 -13.27
CA LEU E 20 31.69 61.67 -11.93
C LEU E 20 32.04 60.20 -11.69
N ARG E 21 33.15 59.93 -10.99
CA ARG E 21 33.55 58.57 -10.64
C ARG E 21 33.40 58.26 -9.16
N CYS E 22 33.01 57.01 -8.89
CA CYS E 22 32.93 56.48 -7.57
C CYS E 22 33.48 55.07 -7.49
N SER E 23 34.39 54.80 -6.57
CA SER E 23 34.78 53.40 -6.24
C SER E 23 34.23 53.03 -4.88
N PRO E 24 33.56 51.87 -4.77
CA PRO E 24 33.09 51.48 -3.46
C PRO E 24 34.19 51.05 -2.52
N LYS E 25 33.81 50.99 -1.26
CA LYS E 25 34.59 50.39 -0.20
C LYS E 25 35.01 48.98 -0.60
N GLN E 26 36.21 48.55 -0.19
CA GLN E 26 36.63 47.17 -0.40
C GLN E 26 35.59 46.28 0.27
N GLY E 27 35.13 45.22 -0.41
CA GLY E 27 34.12 44.33 0.16
C GLY E 27 32.68 44.68 -0.13
N HIS E 28 32.42 45.83 -0.74
CA HIS E 28 31.08 46.22 -1.18
C HIS E 28 30.99 46.24 -2.69
N ASP E 29 29.79 45.99 -3.19
CA ASP E 29 29.55 45.76 -4.61
C ASP E 29 28.35 46.51 -5.22
N THR E 30 27.60 47.27 -4.43
CA THR E 30 26.44 47.99 -4.91
C THR E 30 26.71 49.45 -4.72
N VAL E 31 26.43 50.30 -5.71
CA VAL E 31 26.56 51.72 -5.44
C VAL E 31 25.32 52.46 -5.76
N SER E 32 25.01 53.41 -4.87
CA SER E 32 23.89 54.28 -5.04
C SER E 32 24.43 55.70 -5.24
N TRP E 33 23.78 56.50 -6.09
CA TRP E 33 24.16 57.90 -6.26
C TRP E 33 23.07 58.79 -5.70
N TYR E 34 23.48 59.93 -5.13
CA TYR E 34 22.56 60.86 -4.48
C TYR E 34 22.96 62.29 -4.81
N GLN E 35 21.95 63.16 -4.96
CA GLN E 35 22.19 64.60 -5.13
C GLN E 35 21.86 65.35 -3.86
N GLN E 36 22.81 66.09 -3.31
CA GLN E 36 22.57 66.92 -2.11
C GLN E 36 22.69 68.39 -2.46
N ALA E 37 21.55 69.09 -2.49
CA ALA E 37 21.52 70.54 -2.64
C ALA E 37 21.83 71.11 -1.27
N LEU E 38 22.32 72.35 -1.29
CA LEU E 38 22.78 73.02 -0.08
C LEU E 38 21.64 73.11 0.90
N GLY E 39 21.92 72.71 2.16
CA GLY E 39 20.96 72.88 3.26
C GLY E 39 19.74 71.95 3.12
N GLN E 40 19.96 70.72 2.66
CA GLN E 40 18.89 69.88 2.15
C GLN E 40 19.33 68.41 2.29
N GLY E 41 18.39 67.47 2.17
CA GLY E 41 18.72 66.04 2.21
C GLY E 41 19.19 65.42 0.90
N PRO E 42 20.07 64.41 0.96
CA PRO E 42 20.42 63.72 -0.28
C PRO E 42 19.21 63.08 -0.99
N GLN E 43 19.07 63.30 -2.30
CA GLN E 43 18.01 62.73 -3.13
C GLN E 43 18.58 61.58 -3.95
N PHE E 44 17.95 60.42 -3.88
CA PHE E 44 18.41 59.21 -4.58
C PHE E 44 18.29 59.38 -6.09
N ILE E 45 19.39 59.16 -6.80
CA ILE E 45 19.38 59.25 -8.27
C ILE E 45 19.16 57.87 -8.83
N PHE E 46 19.99 56.92 -8.43
CA PHE E 46 19.85 55.49 -8.81
C PHE E 46 20.89 54.59 -8.18
N GLN E 47 20.60 53.29 -8.21
CA GLN E 47 21.48 52.27 -7.61
C GLN E 47 21.88 51.17 -8.61
N TYR E 48 23.13 50.78 -8.56
CA TYR E 48 23.69 49.88 -9.53
C TYR E 48 24.18 48.67 -8.78
N TYR E 49 23.88 47.49 -9.32
CA TYR E 49 24.33 46.23 -8.76
C TYR E 49 24.46 45.25 -9.90
N GLU E 50 25.63 44.58 -9.94
CA GLU E 50 25.98 43.63 -10.98
C GLU E 50 25.85 44.24 -12.35
N GLU E 51 26.36 45.48 -12.44
CA GLU E 51 26.40 46.26 -13.66
C GLU E 51 25.03 46.62 -14.25
N GLU E 52 23.99 46.71 -13.43
CA GLU E 52 22.66 47.09 -13.92
C GLU E 52 21.97 48.09 -12.98
N GLU E 53 21.25 49.04 -13.58
CA GLU E 53 20.48 50.00 -12.85
C GLU E 53 19.36 49.30 -12.15
N ARG E 54 19.62 48.88 -10.92
CA ARG E 54 18.66 48.19 -10.08
C ARG E 54 17.39 48.97 -9.73
N GLN E 55 17.52 50.27 -9.51
CA GLN E 55 16.39 51.14 -9.11
C GLN E 55 16.73 52.58 -9.37
N ARG E 56 15.73 53.39 -9.75
CA ARG E 56 15.92 54.79 -10.10
C ARG E 56 15.01 55.72 -9.30
N GLY E 57 15.46 56.95 -9.05
CA GLY E 57 14.71 57.94 -8.29
C GLY E 57 13.94 58.82 -9.23
N ASN E 58 13.66 60.08 -8.84
CA ASN E 58 13.03 61.08 -9.71
C ASN E 58 14.10 61.91 -10.39
N PHE E 59 14.82 61.27 -11.29
CA PHE E 59 15.74 62.00 -12.12
C PHE E 59 15.55 61.58 -13.51
N PRO E 60 15.56 62.54 -14.44
CA PRO E 60 15.24 62.30 -15.84
C PRO E 60 16.37 61.66 -16.64
N ASP E 61 16.05 61.28 -17.89
CA ASP E 61 16.95 60.55 -18.85
C ASP E 61 18.36 61.10 -18.82
N ARG E 62 18.51 62.41 -18.93
CA ARG E 62 19.85 63.00 -18.99
C ARG E 62 20.81 62.63 -17.88
N PHE E 63 20.35 62.03 -16.78
CA PHE E 63 21.22 61.36 -15.80
C PHE E 63 21.29 59.88 -16.17
N SER E 64 22.46 59.44 -16.59
CA SER E 64 22.72 58.01 -16.87
C SER E 64 23.85 57.56 -15.96
N GLY E 65 23.89 56.26 -15.76
CA GLY E 65 24.93 55.66 -14.96
C GLY E 65 25.55 54.45 -15.63
N HIS E 66 26.63 54.01 -15.00
CA HIS E 66 27.33 52.80 -15.43
C HIS E 66 28.05 52.21 -14.22
N GLN E 67 28.10 50.91 -14.16
CA GLN E 67 28.90 50.22 -13.17
C GLN E 67 29.70 49.21 -13.93
N PHE E 68 30.98 49.19 -13.64
CA PHE E 68 31.93 48.38 -14.35
C PHE E 68 31.99 47.01 -13.63
N PRO E 69 32.74 46.02 -14.17
CA PRO E 69 32.93 44.71 -13.48
C PRO E 69 33.78 44.68 -12.20
N ASN E 70 34.81 45.54 -12.03
CA ASN E 70 35.29 45.89 -10.67
C ASN E 70 34.08 46.66 -10.21
N TYR E 71 33.76 46.83 -8.96
CA TYR E 71 32.37 47.30 -8.77
C TYR E 71 32.17 48.84 -8.83
N SER E 72 33.13 49.56 -9.44
CA SER E 72 33.15 51.02 -9.47
C SER E 72 32.11 51.55 -10.42
N SER E 73 31.83 52.85 -10.37
CA SER E 73 30.66 53.42 -11.03
C SER E 73 30.92 54.81 -11.62
N GLU E 74 30.14 55.17 -12.63
CA GLU E 74 30.24 56.49 -13.25
C GLU E 74 28.84 57.03 -13.30
N LEU E 75 28.73 58.33 -12.98
CA LEU E 75 27.50 59.13 -13.14
C LEU E 75 27.78 60.17 -14.19
N ASN E 76 27.08 60.09 -15.33
CA ASN E 76 27.20 61.04 -16.42
C ASN E 76 25.93 61.87 -16.39
N VAL E 77 26.04 63.18 -16.40
CA VAL E 77 24.88 64.02 -16.60
C VAL E 77 25.15 64.81 -17.84
N ASN E 78 24.18 64.94 -18.74
CA ASN E 78 24.32 65.98 -19.79
C ASN E 78 23.19 67.00 -19.80
N ALA E 79 23.37 68.03 -20.63
CA ALA E 79 22.51 69.20 -20.68
C ALA E 79 22.42 69.76 -19.27
N LEU E 80 23.59 70.04 -18.66
CA LEU E 80 23.61 70.61 -17.32
C LEU E 80 22.76 71.86 -17.21
N LEU E 81 21.96 71.95 -16.15
CA LEU E 81 21.24 73.19 -15.79
C LEU E 81 21.92 73.79 -14.56
N LEU E 82 21.66 75.07 -14.31
CA LEU E 82 22.15 75.70 -13.05
C LEU E 82 21.59 74.96 -11.86
N GLY E 83 20.37 74.49 -11.98
CA GLY E 83 19.76 73.62 -10.99
C GLY E 83 20.48 72.36 -10.58
N ASP E 84 21.41 71.87 -11.39
CA ASP E 84 22.17 70.65 -11.04
C ASP E 84 23.33 70.90 -10.07
N SER E 85 23.60 72.15 -9.73
CA SER E 85 24.66 72.47 -8.78
C SER E 85 24.40 71.81 -7.41
N ALA E 86 25.32 70.95 -6.97
CA ALA E 86 25.12 70.16 -5.77
C ALA E 86 26.33 69.37 -5.33
N LEU E 87 26.23 68.72 -4.16
CA LEU E 87 27.20 67.75 -3.65
C LEU E 87 26.70 66.43 -4.18
N TYR E 88 27.45 65.84 -5.09
CA TYR E 88 27.09 64.53 -5.62
C TYR E 88 27.74 63.50 -4.77
N LEU E 89 26.90 62.80 -4.03
CA LEU E 89 27.37 61.76 -3.12
C LEU E 89 27.17 60.39 -3.70
N CYS E 90 28.18 59.57 -3.51
CA CYS E 90 28.16 58.19 -3.90
C CYS E 90 28.16 57.36 -2.62
N ALA E 91 27.39 56.28 -2.58
CA ALA E 91 27.35 55.45 -1.38
C ALA E 91 27.45 53.97 -1.71
N SER E 92 28.26 53.25 -0.96
CA SER E 92 28.47 51.84 -1.22
C SER E 92 27.82 50.95 -0.16
N SER E 93 27.51 49.71 -0.53
CA SER E 93 26.94 48.69 0.37
C SER E 93 27.25 47.24 -0.06
N ASP E 94 27.21 46.30 0.90
CA ASP E 94 27.24 44.87 0.58
C ASP E 94 25.81 44.38 0.44
N THR E 95 25.59 43.09 0.17
CA THR E 95 24.26 42.49 0.07
C THR E 95 24.01 41.57 1.27
N VAL E 96 24.61 41.91 2.42
CA VAL E 96 24.44 41.17 3.68
C VAL E 96 23.74 42.08 4.70
N SER E 97 24.34 43.19 5.11
CA SER E 97 23.65 44.15 5.97
C SER E 97 22.83 45.21 5.21
N TYR E 98 23.18 45.39 3.95
CA TYR E 98 22.69 46.50 3.12
C TYR E 98 22.95 47.92 3.66
N GLU E 99 23.85 48.10 4.64
CA GLU E 99 24.14 49.44 5.18
C GLU E 99 24.82 50.28 4.12
N GLN E 100 24.33 51.49 3.84
CA GLN E 100 24.92 52.39 2.85
C GLN E 100 25.88 53.39 3.48
N TYR E 101 27.11 53.47 2.95
CA TYR E 101 28.25 54.32 3.44
C TYR E 101 28.66 55.32 2.39
N PHE E 102 28.71 56.59 2.74
CA PHE E 102 28.99 57.64 1.75
C PHE E 102 30.47 57.89 1.57
N GLY E 103 30.84 58.30 0.36
CA GLY E 103 32.18 58.80 0.08
C GLY E 103 32.23 60.29 0.35
N PRO E 104 33.43 60.92 0.20
CA PRO E 104 33.46 62.38 0.12
C PRO E 104 32.68 62.63 -1.15
N GLY E 105 32.40 63.83 -1.58
CA GLY E 105 31.56 63.89 -2.80
C GLY E 105 32.30 64.51 -3.93
N THR E 106 31.56 64.90 -4.94
CA THR E 106 32.04 65.81 -5.94
C THR E 106 31.14 67.02 -5.81
N ARG E 107 31.72 68.19 -5.56
CA ARG E 107 30.97 69.45 -5.56
C ARG E 107 30.99 70.04 -6.96
N LEU E 108 29.83 69.99 -7.61
CA LEU E 108 29.58 70.57 -8.92
C LEU E 108 28.97 71.95 -8.73
N THR E 109 29.54 72.96 -9.39
CA THR E 109 28.88 74.27 -9.59
C THR E 109 28.74 74.48 -11.09
N VAL E 110 27.51 74.65 -11.54
CA VAL E 110 27.20 74.92 -12.94
C VAL E 110 26.90 76.39 -13.03
N THR E 111 27.69 77.12 -13.81
CA THR E 111 27.35 78.52 -14.05
C THR E 111 26.94 78.70 -15.49
N GLU E 112 26.23 79.77 -15.79
CA GLU E 112 25.84 80.06 -17.17
C GLU E 112 27.05 80.32 -18.02
N ASP E 113 28.02 81.02 -17.43
CA ASP E 113 29.11 81.62 -18.12
C ASP E 113 30.31 81.66 -17.15
N LEU E 114 31.51 81.38 -17.68
CA LEU E 114 32.70 81.24 -16.82
C LEU E 114 33.26 82.55 -16.30
N LYS E 115 32.88 83.67 -16.88
CA LYS E 115 33.19 84.99 -16.33
C LYS E 115 32.47 85.31 -15.03
N ASN E 116 31.57 84.43 -14.57
CA ASN E 116 31.03 84.52 -13.20
C ASN E 116 31.98 84.00 -12.09
N VAL E 117 33.04 83.28 -12.48
CA VAL E 117 34.07 82.73 -11.57
C VAL E 117 35.15 83.77 -11.20
N PHE E 118 35.39 83.90 -9.91
CA PHE E 118 36.27 84.93 -9.35
C PHE E 118 37.03 84.34 -8.18
N PRO E 119 38.33 84.55 -8.12
CA PRO E 119 39.03 84.08 -6.94
C PRO E 119 38.81 85.10 -5.80
N PRO E 120 39.30 84.78 -4.60
CA PRO E 120 39.14 85.69 -3.47
C PRO E 120 40.26 86.70 -3.37
N GLU E 121 39.93 87.91 -2.93
CA GLU E 121 40.92 88.84 -2.38
C GLU E 121 40.97 88.56 -0.88
N VAL E 122 42.15 88.57 -0.27
CA VAL E 122 42.29 88.17 1.13
C VAL E 122 42.96 89.25 1.89
N ALA E 123 42.53 89.48 3.13
CA ALA E 123 43.05 90.56 3.97
C ALA E 123 43.12 90.13 5.42
N VAL E 124 44.16 90.58 6.09
CA VAL E 124 44.32 90.31 7.51
C VAL E 124 44.25 91.63 8.27
N PHE E 125 43.51 91.61 9.35
CA PHE E 125 43.36 92.75 10.19
C PHE E 125 44.03 92.43 11.51
N GLU E 126 44.80 93.40 11.97
CA GLU E 126 45.70 93.18 13.07
C GLU E 126 44.93 93.57 14.34
N PRO E 127 45.12 92.81 15.42
CA PRO E 127 44.35 92.99 16.64
C PRO E 127 44.40 94.41 17.18
N SER E 128 43.33 94.84 17.86
CA SER E 128 43.31 96.22 18.35
C SER E 128 44.21 96.35 19.56
N GLU E 129 44.88 97.50 19.70
CA GLU E 129 45.72 97.73 20.87
C GLU E 129 44.89 97.86 22.18
N ALA E 130 43.58 98.14 22.00
CA ALA E 130 42.58 98.10 23.08
C ALA E 130 42.33 96.72 23.61
N GLU E 131 42.10 95.78 22.70
CA GLU E 131 41.96 94.38 23.06
C GLU E 131 43.18 93.88 23.81
N ILE E 132 44.37 94.27 23.37
CA ILE E 132 45.59 93.75 23.98
C ILE E 132 45.72 94.23 25.44
N SER E 133 45.45 95.50 25.68
CA SER E 133 45.55 96.01 27.04
C SER E 133 44.40 95.57 27.96
N HIS E 134 43.25 95.26 27.38
CA HIS E 134 42.02 94.96 28.12
C HIS E 134 41.81 93.50 28.47
N THR E 135 42.40 92.59 27.71
CA THR E 135 42.24 91.13 27.95
C THR E 135 43.52 90.32 27.95
N GLN E 136 44.67 90.91 27.63
CA GLN E 136 45.93 90.17 27.43
C GLN E 136 45.84 89.09 26.36
N LYS E 137 44.95 89.30 25.40
CA LYS E 137 44.73 88.39 24.30
C LYS E 137 44.61 89.23 23.03
N ALA E 138 44.99 88.63 21.90
CA ALA E 138 45.08 89.34 20.64
C ALA E 138 44.38 88.54 19.58
N THR E 139 43.39 89.13 18.89
CA THR E 139 42.62 88.44 17.87
C THR E 139 42.96 89.02 16.48
N LEU E 140 43.53 88.23 15.58
CA LEU E 140 43.67 88.69 14.19
C LEU E 140 42.42 88.25 13.45
N VAL E 141 41.82 89.05 12.57
CA VAL E 141 40.81 88.50 11.69
C VAL E 141 41.26 88.48 10.26
N CYS E 142 40.81 87.46 9.55
CA CYS E 142 41.02 87.30 8.15
C CYS E 142 39.72 87.37 7.41
N LEU E 143 39.77 87.86 6.19
CA LEU E 143 38.59 88.20 5.41
C LEU E 143 38.84 87.90 3.92
N ALA E 144 38.17 86.89 3.43
CA ALA E 144 38.30 86.49 2.06
C ALA E 144 37.05 86.99 1.40
N THR E 145 37.16 87.69 0.28
CA THR E 145 35.99 88.36 -0.31
C THR E 145 35.96 88.34 -1.84
N GLY E 146 34.77 88.52 -2.37
CA GLY E 146 34.55 88.63 -3.80
C GLY E 146 34.67 87.34 -4.57
N PHE E 147 34.67 86.17 -3.92
CA PHE E 147 34.92 84.93 -4.64
C PHE E 147 33.64 84.23 -5.05
N TYR E 148 33.72 83.52 -6.16
CA TYR E 148 32.65 82.65 -6.62
C TYR E 148 33.34 81.52 -7.39
N PRO E 149 33.02 80.26 -7.14
CA PRO E 149 31.94 79.77 -6.25
C PRO E 149 32.38 79.52 -4.82
N ASP E 150 31.52 79.00 -3.96
CA ASP E 150 31.89 78.74 -2.55
C ASP E 150 32.67 77.43 -2.38
N HIS E 151 33.70 77.27 -3.20
CA HIS E 151 34.60 76.14 -3.01
C HIS E 151 35.95 76.64 -2.51
N VAL E 152 36.15 76.80 -1.19
CA VAL E 152 37.41 77.32 -0.62
C VAL E 152 37.75 76.62 0.69
N GLU E 153 39.02 76.64 1.07
CA GLU E 153 39.52 76.17 2.35
C GLU E 153 40.42 77.26 2.90
N LEU E 154 40.01 77.82 4.04
CA LEU E 154 40.75 78.88 4.70
C LEU E 154 41.53 78.29 5.86
N SER E 155 42.80 78.68 5.97
CA SER E 155 43.64 78.20 7.05
C SER E 155 44.58 79.28 7.57
N TRP E 156 44.97 79.18 8.83
CA TRP E 156 45.97 80.07 9.39
C TRP E 156 47.32 79.35 9.51
N TRP E 157 48.41 80.08 9.23
CA TRP E 157 49.79 79.58 9.35
C TRP E 157 50.62 80.54 10.20
N VAL E 158 51.33 80.01 11.18
CA VAL E 158 52.14 80.82 12.04
C VAL E 158 53.53 80.25 12.00
N ASN E 159 54.48 81.13 11.75
CA ASN E 159 55.86 80.75 11.52
C ASN E 159 56.01 79.57 10.55
N GLY E 160 55.19 79.52 9.51
CA GLY E 160 55.28 78.47 8.51
C GLY E 160 54.62 77.13 8.80
N LYS E 161 53.88 77.06 9.88
CA LYS E 161 53.22 75.82 10.25
C LYS E 161 51.73 76.18 10.38
N GLU E 162 50.88 75.29 9.89
CA GLU E 162 49.42 75.49 9.97
C GLU E 162 48.98 75.26 11.39
N VAL E 163 48.08 76.12 11.87
CA VAL E 163 47.56 75.99 13.22
C VAL E 163 46.06 75.79 13.23
N HIS E 164 45.59 75.15 14.30
CA HIS E 164 44.17 74.87 14.57
C HIS E 164 43.71 75.42 15.94
N SER E 165 44.54 75.33 16.98
CA SER E 165 44.24 76.02 18.25
C SER E 165 44.02 77.48 17.98
N GLY E 166 43.05 78.06 18.68
CA GLY E 166 42.73 79.49 18.54
C GLY E 166 42.05 79.96 17.26
N VAL E 167 41.60 79.05 16.42
CA VAL E 167 40.98 79.43 15.15
C VAL E 167 39.49 79.24 15.24
N CYS E 168 38.71 80.16 14.68
CA CYS E 168 37.40 79.75 14.22
C CYS E 168 36.99 80.47 12.95
N THR E 169 36.41 79.70 12.01
CA THR E 169 36.00 80.14 10.69
C THR E 169 34.49 79.98 10.48
N ASP E 170 33.86 81.01 9.91
CA ASP E 170 32.44 81.00 9.70
C ASP E 170 32.08 79.68 9.05
N PRO E 171 31.20 78.89 9.68
CA PRO E 171 30.89 77.64 8.98
C PRO E 171 30.22 77.87 7.63
N GLN E 172 29.50 78.98 7.43
CA GLN E 172 28.94 79.34 6.10
C GLN E 172 29.39 80.74 5.61
N PRO E 173 29.56 80.92 4.31
CA PRO E 173 29.96 82.24 3.80
C PRO E 173 28.78 83.20 3.73
N LEU E 174 28.98 84.50 3.61
CA LEU E 174 27.87 85.42 3.26
C LEU E 174 27.79 85.68 1.76
N LYS E 175 26.59 85.76 1.20
CA LYS E 175 26.41 86.30 -0.16
C LYS E 175 26.49 87.83 -0.18
N GLU E 176 27.15 88.39 -1.18
CA GLU E 176 27.27 89.85 -1.31
C GLU E 176 26.07 90.49 -2.04
N GLN E 177 25.57 89.80 -3.06
CA GLN E 177 24.33 90.13 -3.77
C GLN E 177 23.31 88.98 -3.50
N PRO E 178 22.71 88.95 -2.30
CA PRO E 178 21.86 87.80 -1.95
C PRO E 178 20.79 87.34 -2.94
N ALA E 179 20.24 88.24 -3.75
CA ALA E 179 19.21 87.87 -4.74
C ALA E 179 19.75 87.04 -5.93
N LEU E 180 20.99 87.26 -6.32
CA LEU E 180 21.57 86.55 -7.47
C LEU E 180 21.98 85.12 -7.16
N ASN E 181 21.65 84.19 -8.05
CA ASN E 181 22.18 82.81 -8.09
C ASN E 181 23.69 82.72 -8.20
N ASP E 182 24.27 83.62 -9.02
CA ASP E 182 25.74 83.70 -9.19
C ASP E 182 26.42 84.74 -8.28
N SER E 183 25.73 85.22 -7.26
CA SER E 183 26.29 86.17 -6.29
C SER E 183 27.65 85.73 -5.84
N ARG E 184 28.51 86.71 -5.58
CA ARG E 184 29.77 86.46 -4.91
C ARG E 184 29.68 86.38 -3.43
N TYR E 185 30.72 85.78 -2.86
CA TYR E 185 30.75 85.30 -1.49
C TYR E 185 31.86 85.93 -0.67
N ALA E 186 31.63 86.00 0.65
CA ALA E 186 32.63 86.42 1.62
C ALA E 186 32.62 85.50 2.81
N LEU E 187 33.70 85.56 3.57
CA LEU E 187 33.96 84.57 4.62
C LEU E 187 34.98 85.15 5.55
N SER E 188 34.84 84.95 6.85
CA SER E 188 35.85 85.47 7.76
C SER E 188 36.44 84.35 8.59
N SER E 189 37.60 84.58 9.17
CA SER E 189 38.13 83.69 10.21
C SER E 189 38.83 84.51 11.28
N ARG E 190 38.97 83.95 12.47
CA ARG E 190 39.73 84.59 13.52
C ARG E 190 40.80 83.69 14.02
N LEU E 191 41.97 84.26 14.33
CA LEU E 191 43.01 83.55 15.08
C LEU E 191 43.23 84.34 16.31
N ARG E 192 43.18 83.69 17.47
CA ARG E 192 43.37 84.37 18.77
C ARG E 192 44.54 83.80 19.55
N VAL E 193 45.41 84.68 19.98
CA VAL E 193 46.66 84.28 20.62
C VAL E 193 46.88 85.19 21.80
N SER E 194 47.85 84.84 22.63
CA SER E 194 48.13 85.64 23.79
C SER E 194 48.75 86.93 23.33
N ALA E 195 48.44 88.03 24.00
CA ALA E 195 49.11 89.30 23.72
C ALA E 195 50.61 89.13 23.71
N THR E 196 51.18 88.41 24.68
CA THR E 196 52.63 88.23 24.66
C THR E 196 53.09 87.55 23.34
N PHE E 197 52.33 86.56 22.86
CA PHE E 197 52.72 85.79 21.67
C PHE E 197 52.65 86.64 20.39
N TRP E 198 51.66 87.52 20.32
CA TRP E 198 51.58 88.50 19.23
C TRP E 198 52.59 89.63 19.38
N GLN E 199 52.91 90.01 20.61
CA GLN E 199 53.83 91.16 20.82
C GLN E 199 55.28 90.86 20.47
N ASP E 200 55.62 89.57 20.46
CA ASP E 200 56.91 89.09 19.97
C ASP E 200 57.04 89.38 18.45
N PRO E 201 57.92 90.32 18.07
CA PRO E 201 58.09 90.66 16.63
C PRO E 201 58.75 89.62 15.69
N ARG E 202 59.20 88.47 16.22
CA ARG E 202 59.60 87.31 15.39
C ARG E 202 58.43 86.54 14.78
N ASN E 203 57.29 86.57 15.46
CA ASN E 203 56.15 85.76 15.08
C ASN E 203 55.36 86.35 13.92
N HIS E 204 55.08 85.50 12.93
CA HIS E 204 54.56 85.92 11.66
C HIS E 204 53.28 85.15 11.31
N PHE E 205 52.26 85.83 10.81
CA PHE E 205 50.93 85.25 10.68
C PHE E 205 50.48 85.35 9.28
N ARG E 206 50.03 84.26 8.70
CA ARG E 206 49.51 84.25 7.36
C ARG E 206 48.16 83.59 7.38
N CYS E 207 47.21 84.27 6.78
CA CYS E 207 45.90 83.72 6.49
C CYS E 207 45.94 83.27 5.03
N GLN E 208 45.43 82.08 4.74
CA GLN E 208 45.57 81.42 3.44
C GLN E 208 44.20 80.95 2.94
N VAL E 209 43.87 81.23 1.68
CA VAL E 209 42.64 80.68 1.11
C VAL E 209 42.96 79.84 -0.10
N GLN E 210 42.63 78.55 -0.03
CA GLN E 210 42.66 77.68 -1.21
C GLN E 210 41.34 77.93 -1.94
N PHE E 211 41.44 78.33 -3.22
CA PHE E 211 40.27 78.53 -4.08
C PHE E 211 40.28 77.45 -5.10
N TYR E 212 39.11 76.87 -5.37
CA TYR E 212 38.97 75.87 -6.46
C TYR E 212 38.21 76.51 -7.62
N GLY E 213 38.87 76.54 -8.78
CA GLY E 213 38.44 77.38 -9.88
C GLY E 213 38.46 76.59 -11.14
N LEU E 214 38.91 77.22 -12.21
CA LEU E 214 38.93 76.60 -13.51
C LEU E 214 40.11 75.65 -13.72
N SER E 215 39.89 74.63 -14.55
CA SER E 215 40.96 73.68 -14.90
C SER E 215 41.82 74.27 -16.01
N GLU E 216 42.86 73.53 -16.40
CA GLU E 216 43.57 73.76 -17.68
C GLU E 216 42.65 73.68 -18.93
N ASN E 217 41.75 72.68 -18.97
CA ASN E 217 40.74 72.50 -20.05
C ASN E 217 40.20 73.87 -20.54
N ASP E 218 39.79 74.69 -19.57
CA ASP E 218 38.79 75.71 -19.78
C ASP E 218 39.32 76.88 -20.59
N GLU E 219 38.45 77.36 -21.47
CA GLU E 219 38.72 78.48 -22.31
C GLU E 219 38.56 79.76 -21.48
N TRP E 220 39.44 80.75 -21.73
CA TRP E 220 39.34 82.07 -21.06
C TRP E 220 39.70 83.23 -21.96
N THR E 221 38.73 84.11 -22.22
CA THR E 221 38.95 85.24 -23.11
C THR E 221 39.00 86.61 -22.44
N GLN E 222 38.67 86.70 -21.16
CA GLN E 222 38.71 88.00 -20.47
C GLN E 222 40.12 88.59 -20.27
N ASP E 223 40.15 89.89 -19.99
CA ASP E 223 41.40 90.57 -19.66
C ASP E 223 41.94 90.15 -18.28
N ARG E 224 41.07 89.98 -17.29
CA ARG E 224 41.54 89.60 -15.98
C ARG E 224 42.08 88.17 -15.98
N ALA E 225 42.93 87.90 -15.00
CA ALA E 225 43.62 86.63 -14.92
C ALA E 225 42.65 85.48 -14.82
N LYS E 226 42.96 84.38 -15.53
CA LYS E 226 42.10 83.19 -15.54
C LYS E 226 41.99 82.71 -14.10
N PRO E 227 40.76 82.68 -13.54
CA PRO E 227 40.57 82.35 -12.13
C PRO E 227 40.68 80.85 -11.91
N VAL E 228 41.90 80.36 -12.09
CA VAL E 228 42.24 78.97 -11.89
C VAL E 228 42.33 78.64 -10.41
N THR E 229 42.38 77.35 -10.11
CA THR E 229 42.71 76.85 -8.79
C THR E 229 44.08 77.44 -8.38
N GLN E 230 44.12 77.98 -7.16
CA GLN E 230 45.22 78.81 -6.67
C GLN E 230 44.98 79.10 -5.20
N ILE E 231 46.05 79.50 -4.52
CA ILE E 231 46.01 79.96 -3.14
C ILE E 231 46.29 81.45 -3.04
N VAL E 232 45.45 82.19 -2.32
CA VAL E 232 45.62 83.62 -2.11
C VAL E 232 45.79 83.76 -0.61
N SER E 233 46.91 84.32 -0.15
CA SER E 233 47.14 84.58 1.26
C SER E 233 47.41 86.04 1.55
N ALA E 234 47.33 86.41 2.81
CA ALA E 234 47.63 87.76 3.32
C ALA E 234 48.30 87.59 4.67
N GLU E 235 49.09 88.57 5.10
CA GLU E 235 49.85 88.41 6.32
C GLU E 235 49.93 89.62 7.23
N ALA E 236 50.51 89.43 8.41
CA ALA E 236 50.76 90.48 9.37
C ALA E 236 51.98 90.17 10.22
N TRP E 237 52.62 91.20 10.75
CA TRP E 237 53.77 91.05 11.68
C TRP E 237 53.43 91.72 13.00
N GLY E 238 53.98 91.20 14.08
CA GLY E 238 53.67 91.69 15.43
C GLY E 238 54.21 93.09 15.73
N ARG E 239 53.78 93.67 16.86
CA ARG E 239 54.41 94.85 17.47
C ARG E 239 54.08 95.03 18.97
N GLY F 1 -26.54 -19.35 -15.37
CA GLY F 1 -27.57 -20.40 -15.57
C GLY F 1 -27.05 -21.76 -15.11
N SER F 2 -27.59 -22.81 -15.71
CA SER F 2 -27.30 -24.15 -15.33
C SER F 2 -25.94 -24.57 -15.77
N HIS F 3 -25.49 -25.65 -15.15
CA HIS F 3 -24.20 -26.28 -15.41
C HIS F 3 -24.34 -27.79 -15.23
N SER F 4 -23.51 -28.54 -15.92
CA SER F 4 -23.60 -30.01 -15.88
C SER F 4 -22.21 -30.58 -15.85
N MET F 5 -22.05 -31.73 -15.20
CA MET F 5 -20.84 -32.54 -15.32
C MET F 5 -21.31 -33.85 -15.94
N ARG F 6 -20.74 -34.20 -17.09
CA ARG F 6 -21.19 -35.35 -17.90
C ARG F 6 -19.94 -36.17 -18.22
N TYR F 7 -19.92 -37.43 -17.84
CA TYR F 7 -18.83 -38.34 -18.28
C TYR F 7 -19.33 -39.28 -19.37
N PHE F 8 -18.48 -39.52 -20.36
CA PHE F 8 -18.80 -40.38 -21.53
C PHE F 8 -17.78 -41.51 -21.65
N PHE F 9 -18.24 -42.74 -21.88
CA PHE F 9 -17.36 -43.89 -22.04
C PHE F 9 -17.75 -44.73 -23.23
N THR F 10 -16.75 -45.17 -23.98
CA THR F 10 -16.88 -46.04 -25.17
C THR F 10 -15.85 -47.17 -25.04
N SER F 11 -16.31 -48.41 -25.12
CA SER F 11 -15.41 -49.57 -25.28
C SER F 11 -15.76 -50.27 -26.56
N VAL F 12 -14.76 -50.61 -27.37
CA VAL F 12 -14.94 -51.33 -28.64
C VAL F 12 -14.04 -52.58 -28.66
N SER F 13 -14.66 -53.74 -28.78
CA SER F 13 -13.91 -55.00 -28.83
C SER F 13 -13.13 -55.12 -30.13
N ARG F 14 -11.90 -55.62 -30.05
CA ARG F 14 -11.03 -55.87 -31.22
C ARG F 14 -10.71 -57.37 -31.20
N PRO F 15 -11.61 -58.21 -31.73
CA PRO F 15 -11.37 -59.67 -31.75
C PRO F 15 -10.09 -60.10 -32.40
N GLY F 16 -9.61 -59.36 -33.40
CA GLY F 16 -8.23 -59.56 -33.89
C GLY F 16 -7.18 -59.39 -32.78
N ARG F 17 -7.07 -58.15 -32.29
CA ARG F 17 -5.88 -57.69 -31.53
C ARG F 17 -6.15 -57.24 -30.07
N GLY F 18 -6.84 -58.10 -29.31
CA GLY F 18 -6.68 -58.14 -27.84
C GLY F 18 -7.71 -57.55 -26.88
N GLU F 19 -7.26 -56.62 -26.02
CA GLU F 19 -8.14 -55.85 -25.13
C GLU F 19 -8.94 -54.85 -25.96
N PRO F 20 -10.16 -54.54 -25.53
CA PRO F 20 -10.96 -53.48 -26.08
C PRO F 20 -10.35 -52.10 -26.05
N ARG F 21 -10.53 -51.34 -27.13
CA ARG F 21 -10.24 -49.93 -27.14
C ARG F 21 -11.21 -49.25 -26.19
N PHE F 22 -10.69 -48.35 -25.35
CA PHE F 22 -11.51 -47.75 -24.28
C PHE F 22 -11.17 -46.28 -24.17
N ILE F 23 -12.23 -45.45 -24.22
CA ILE F 23 -12.05 -44.02 -24.26
C ILE F 23 -13.06 -43.40 -23.35
N ALA F 24 -12.59 -42.52 -22.47
CA ALA F 24 -13.43 -41.86 -21.47
C ALA F 24 -13.11 -40.39 -21.51
N VAL F 25 -14.14 -39.57 -21.46
CA VAL F 25 -13.97 -38.12 -21.43
C VAL F 25 -14.91 -37.59 -20.35
N GLY F 26 -14.49 -36.48 -19.75
CA GLY F 26 -15.30 -35.75 -18.76
C GLY F 26 -15.47 -34.34 -19.24
N TYR F 27 -16.72 -33.88 -19.31
CA TYR F 27 -17.05 -32.47 -19.58
C TYR F 27 -17.62 -31.74 -18.34
N VAL F 28 -17.35 -30.44 -18.29
CA VAL F 28 -18.13 -29.50 -17.49
C VAL F 28 -18.76 -28.50 -18.47
N ASP F 29 -20.08 -28.53 -18.60
CA ASP F 29 -20.77 -27.79 -19.64
C ASP F 29 -20.23 -28.28 -20.98
N ASP F 30 -19.81 -27.36 -21.84
CA ASP F 30 -19.28 -27.72 -23.14
C ASP F 30 -17.76 -27.80 -23.12
N THR F 31 -17.16 -27.90 -21.93
CA THR F 31 -15.69 -27.88 -21.80
C THR F 31 -15.15 -29.22 -21.28
N GLN F 32 -14.40 -29.93 -22.12
CA GLN F 32 -13.79 -31.20 -21.67
C GLN F 32 -12.70 -30.89 -20.66
N PHE F 33 -12.63 -31.66 -19.58
CA PHE F 33 -11.55 -31.50 -18.60
C PHE F 33 -10.68 -32.72 -18.34
N VAL F 34 -11.15 -33.91 -18.67
CA VAL F 34 -10.34 -35.10 -18.52
C VAL F 34 -10.54 -36.05 -19.67
N ARG F 35 -9.56 -36.92 -19.86
CA ARG F 35 -9.65 -38.03 -20.79
C ARG F 35 -8.84 -39.23 -20.27
N PHE F 36 -9.28 -40.42 -20.66
CA PHE F 36 -8.45 -41.59 -20.62
C PHE F 36 -8.56 -42.29 -21.94
N ASP F 37 -7.44 -42.80 -22.46
CA ASP F 37 -7.43 -43.61 -23.67
C ASP F 37 -6.57 -44.81 -23.39
N SER F 38 -7.14 -46.01 -23.53
CA SER F 38 -6.40 -47.25 -23.38
C SER F 38 -5.17 -47.31 -24.25
N ASP F 39 -5.21 -46.78 -25.46
CA ASP F 39 -4.05 -46.84 -26.35
C ASP F 39 -2.99 -45.75 -26.12
N ALA F 40 -3.26 -44.78 -25.22
CA ALA F 40 -2.27 -43.78 -24.90
C ALA F 40 -1.23 -44.37 -23.99
N ALA F 41 0.04 -44.05 -24.26
CA ALA F 41 1.20 -44.41 -23.40
C ALA F 41 0.98 -44.33 -21.86
N SER F 42 0.42 -43.21 -21.39
CA SER F 42 0.47 -42.86 -19.97
C SER F 42 -0.31 -43.80 -19.03
N GLN F 43 -1.42 -44.38 -19.49
CA GLN F 43 -2.26 -45.30 -18.69
C GLN F 43 -2.79 -44.66 -17.37
N ARG F 44 -3.25 -43.41 -17.49
CA ARG F 44 -3.72 -42.57 -16.37
C ARG F 44 -4.75 -41.59 -16.92
N MET F 45 -5.61 -41.07 -16.03
CA MET F 45 -6.48 -39.96 -16.40
C MET F 45 -5.62 -38.73 -16.59
N GLU F 46 -5.71 -38.12 -17.76
CA GLU F 46 -4.92 -36.96 -18.13
C GLU F 46 -5.82 -35.73 -17.99
N PRO F 47 -5.24 -34.60 -17.53
CA PRO F 47 -5.99 -33.36 -17.51
C PRO F 47 -6.14 -32.84 -18.93
N ARG F 48 -7.22 -32.10 -19.17
CA ARG F 48 -7.45 -31.39 -20.45
C ARG F 48 -7.95 -29.96 -20.29
N ALA F 49 -7.80 -29.41 -19.09
CA ALA F 49 -8.08 -28.02 -18.81
C ALA F 49 -7.03 -27.49 -17.80
N PRO F 50 -6.81 -26.17 -17.75
CA PRO F 50 -5.82 -25.63 -16.79
C PRO F 50 -6.22 -25.74 -15.30
N TRP F 51 -7.51 -25.70 -15.04
CA TRP F 51 -8.04 -25.67 -13.68
C TRP F 51 -8.14 -27.05 -13.03
N ILE F 52 -7.95 -28.10 -13.81
CA ILE F 52 -7.87 -29.45 -13.25
C ILE F 52 -6.43 -29.86 -12.95
N GLU F 53 -5.45 -29.30 -13.70
CA GLU F 53 -4.02 -29.51 -13.43
C GLU F 53 -3.66 -29.22 -11.96
N GLN F 54 -4.38 -28.26 -11.38
CA GLN F 54 -4.28 -27.94 -9.95
C GLN F 54 -4.37 -29.09 -8.92
N GLU F 55 -5.12 -30.16 -9.24
CA GLU F 55 -5.39 -31.22 -8.25
C GLU F 55 -4.14 -32.03 -7.96
N GLY F 56 -4.02 -32.55 -6.73
CA GLY F 56 -2.82 -33.30 -6.31
C GLY F 56 -2.78 -34.72 -6.81
N PRO F 57 -1.70 -35.45 -6.57
CA PRO F 57 -1.66 -36.82 -6.99
C PRO F 57 -2.65 -37.70 -6.26
N GLU F 58 -3.13 -37.33 -5.08
CA GLU F 58 -4.24 -38.10 -4.46
C GLU F 58 -5.43 -38.19 -5.43
N TYR F 59 -5.91 -37.05 -5.90
CA TYR F 59 -7.01 -36.98 -6.88
C TYR F 59 -6.76 -37.86 -8.10
N TRP F 60 -5.58 -37.73 -8.71
CA TRP F 60 -5.30 -38.38 -9.99
C TRP F 60 -5.23 -39.87 -9.85
N ASP F 61 -4.58 -40.36 -8.80
CA ASP F 61 -4.57 -41.79 -8.44
C ASP F 61 -5.96 -42.37 -8.31
N GLY F 62 -6.90 -41.60 -7.77
CA GLY F 62 -8.29 -42.05 -7.63
C GLY F 62 -9.02 -42.08 -8.93
N GLU F 63 -8.83 -41.05 -9.75
CA GLU F 63 -9.49 -41.01 -11.02
C GLU F 63 -8.95 -42.07 -11.97
N THR F 64 -7.67 -42.38 -11.84
CA THR F 64 -7.05 -43.43 -12.62
C THR F 64 -7.57 -44.79 -12.25
N ARG F 65 -7.75 -45.07 -10.96
CA ARG F 65 -8.20 -46.41 -10.53
C ARG F 65 -9.66 -46.62 -10.81
N LYS F 66 -10.43 -45.57 -10.76
CA LYS F 66 -11.86 -45.68 -11.03
C LYS F 66 -12.13 -45.79 -12.52
N VAL F 67 -11.32 -45.11 -13.33
CA VAL F 67 -11.45 -45.22 -14.79
C VAL F 67 -10.98 -46.60 -15.21
N LYS F 68 -9.94 -47.12 -14.59
CA LYS F 68 -9.54 -48.47 -14.84
C LYS F 68 -10.68 -49.43 -14.49
N ALA F 69 -11.46 -49.15 -13.46
CA ALA F 69 -12.58 -50.04 -13.08
C ALA F 69 -13.68 -50.01 -14.13
N HIS F 70 -13.92 -48.83 -14.71
CA HIS F 70 -14.89 -48.69 -15.79
C HIS F 70 -14.42 -49.44 -17.01
N SER F 71 -13.15 -49.36 -17.29
CA SER F 71 -12.58 -50.02 -18.44
C SER F 71 -12.79 -51.50 -18.28
N GLN F 72 -12.40 -52.04 -17.13
CA GLN F 72 -12.50 -53.48 -16.83
C GLN F 72 -13.99 -53.90 -16.80
N THR F 73 -14.89 -53.06 -16.32
CA THR F 73 -16.32 -53.38 -16.30
C THR F 73 -16.94 -53.51 -17.70
N HIS F 74 -16.66 -52.57 -18.57
CA HIS F 74 -16.99 -52.69 -20.00
C HIS F 74 -16.35 -53.91 -20.70
N ARG F 75 -15.16 -54.26 -20.31
CA ARG F 75 -14.53 -55.44 -20.85
C ARG F 75 -15.46 -56.60 -20.56
N VAL F 76 -15.89 -56.81 -19.31
CA VAL F 76 -16.60 -58.06 -19.01
C VAL F 76 -18.01 -58.02 -19.57
N ASP F 77 -18.60 -56.82 -19.57
CA ASP F 77 -19.90 -56.60 -20.19
C ASP F 77 -19.90 -56.98 -21.69
N LEU F 78 -18.90 -56.57 -22.42
CA LEU F 78 -18.79 -56.99 -23.83
C LEU F 78 -18.93 -58.49 -23.95
N GLY F 79 -18.25 -59.20 -23.09
CA GLY F 79 -18.39 -60.65 -23.02
C GLY F 79 -19.77 -61.11 -22.60
N THR F 80 -20.34 -60.55 -21.53
CA THR F 80 -21.65 -60.97 -21.06
C THR F 80 -22.74 -60.79 -22.10
N LEU F 81 -22.70 -59.65 -22.79
CA LEU F 81 -23.69 -59.32 -23.84
C LEU F 81 -23.58 -60.22 -25.04
N ARG F 82 -22.35 -60.39 -25.51
CA ARG F 82 -22.06 -61.32 -26.58
C ARG F 82 -22.75 -62.66 -26.35
N GLY F 83 -22.71 -63.13 -25.10
CA GLY F 83 -23.41 -64.33 -24.64
C GLY F 83 -24.93 -64.20 -24.60
N TYR F 84 -25.45 -63.10 -24.10
CA TYR F 84 -26.89 -62.89 -24.06
C TYR F 84 -27.47 -62.84 -25.46
N TYR F 85 -26.71 -62.36 -26.43
CA TYR F 85 -27.22 -62.27 -27.81
C TYR F 85 -26.74 -63.39 -28.72
N ASN F 86 -26.08 -64.40 -28.16
CA ASN F 86 -25.59 -65.57 -28.90
C ASN F 86 -24.78 -65.15 -30.12
N GLN F 87 -23.87 -64.19 -29.95
CA GLN F 87 -23.04 -63.63 -31.04
C GLN F 87 -21.64 -64.22 -31.01
N SER F 88 -21.02 -64.42 -32.18
CA SER F 88 -19.73 -65.06 -32.25
C SER F 88 -18.63 -64.16 -31.73
N GLU F 89 -17.43 -64.70 -31.62
CA GLU F 89 -16.25 -63.95 -31.15
C GLU F 89 -15.63 -63.12 -32.26
N ALA F 90 -15.92 -63.47 -33.53
CA ALA F 90 -15.29 -62.80 -34.65
C ALA F 90 -15.77 -61.36 -34.91
N GLY F 91 -16.93 -60.98 -34.36
CA GLY F 91 -17.50 -59.65 -34.59
C GLY F 91 -16.95 -58.58 -33.66
N SER F 92 -16.90 -57.33 -34.11
CA SER F 92 -16.56 -56.19 -33.26
C SER F 92 -17.79 -55.51 -32.73
N HIS F 93 -17.89 -55.40 -31.42
CA HIS F 93 -19.09 -54.85 -30.76
C HIS F 93 -18.74 -53.67 -29.87
N THR F 94 -19.74 -52.85 -29.52
CA THR F 94 -19.53 -51.60 -28.78
C THR F 94 -20.45 -51.49 -27.59
N VAL F 95 -19.94 -50.99 -26.46
CA VAL F 95 -20.79 -50.48 -25.37
C VAL F 95 -20.46 -49.04 -25.09
N GLN F 96 -21.47 -48.29 -24.71
CA GLN F 96 -21.36 -46.85 -24.43
C GLN F 96 -22.08 -46.59 -23.15
N ARG F 97 -21.58 -45.66 -22.36
CA ARG F 97 -22.17 -45.30 -21.05
C ARG F 97 -22.01 -43.81 -20.94
N MET F 98 -23.06 -43.13 -20.45
CA MET F 98 -23.06 -41.68 -20.19
C MET F 98 -23.68 -41.47 -18.83
N TYR F 99 -23.07 -40.68 -17.94
CA TYR F 99 -23.76 -40.32 -16.67
C TYR F 99 -23.38 -38.95 -16.15
N GLY F 100 -24.24 -38.33 -15.35
CA GLY F 100 -23.87 -37.12 -14.65
C GLY F 100 -24.96 -36.27 -14.00
N CYS F 101 -24.54 -35.07 -13.59
CA CYS F 101 -25.29 -34.09 -12.84
C CYS F 101 -25.80 -32.98 -13.66
N ASP F 102 -26.95 -32.45 -13.31
CA ASP F 102 -27.25 -31.05 -13.65
C ASP F 102 -27.44 -30.26 -12.38
N VAL F 103 -27.11 -28.97 -12.42
CA VAL F 103 -27.49 -28.03 -11.36
C VAL F 103 -28.17 -26.82 -11.93
N GLY F 104 -28.96 -26.15 -11.12
CA GLY F 104 -29.61 -24.89 -11.49
C GLY F 104 -28.70 -23.66 -11.44
N SER F 105 -29.27 -22.52 -11.76
CA SER F 105 -28.56 -21.26 -11.63
C SER F 105 -28.07 -21.08 -10.20
N ASP F 106 -28.91 -21.49 -9.24
CA ASP F 106 -28.51 -21.63 -7.84
C ASP F 106 -27.40 -22.66 -7.47
N TRP F 107 -26.74 -23.33 -8.39
CA TRP F 107 -25.75 -24.39 -8.05
C TRP F 107 -26.33 -25.66 -7.33
N ARG F 108 -27.64 -25.84 -7.14
CA ARG F 108 -28.21 -27.01 -6.40
C ARG F 108 -28.65 -28.11 -7.37
N PHE F 109 -28.82 -29.34 -6.89
CA PHE F 109 -29.08 -30.48 -7.77
C PHE F 109 -30.37 -30.31 -8.50
N LEU F 110 -30.34 -30.47 -9.82
CA LEU F 110 -31.53 -30.37 -10.65
C LEU F 110 -31.98 -31.72 -11.13
N ARG F 111 -31.07 -32.56 -11.62
CA ARG F 111 -31.44 -33.75 -12.37
C ARG F 111 -30.17 -34.60 -12.46
N GLY F 112 -30.32 -35.91 -12.46
CA GLY F 112 -29.20 -36.80 -12.74
C GLY F 112 -29.54 -37.81 -13.81
N TYR F 113 -28.55 -38.52 -14.31
CA TYR F 113 -28.79 -39.49 -15.37
C TYR F 113 -27.70 -40.54 -15.48
N HIS F 114 -28.10 -41.73 -15.91
CA HIS F 114 -27.15 -42.78 -16.22
C HIS F 114 -27.73 -43.74 -17.23
N GLN F 115 -27.11 -43.86 -18.39
CA GLN F 115 -27.63 -44.65 -19.53
C GLN F 115 -26.57 -45.51 -20.15
N TYR F 116 -26.96 -46.67 -20.65
CA TYR F 116 -26.04 -47.65 -21.23
C TYR F 116 -26.57 -48.04 -22.59
N ALA F 117 -25.67 -48.22 -23.53
CA ALA F 117 -26.01 -48.71 -24.88
C ALA F 117 -25.15 -49.91 -25.30
N TYR F 118 -25.70 -50.79 -26.12
CA TYR F 118 -24.98 -51.88 -26.77
C TYR F 118 -25.21 -51.78 -28.28
N ASP F 119 -24.11 -51.74 -29.03
CA ASP F 119 -24.10 -51.54 -30.47
C ASP F 119 -25.02 -50.40 -30.93
N GLY F 120 -24.92 -49.26 -30.28
CA GLY F 120 -25.68 -48.07 -30.63
C GLY F 120 -27.14 -48.01 -30.31
N LYS F 121 -27.67 -48.97 -29.54
CA LYS F 121 -29.11 -48.99 -29.16
C LYS F 121 -29.17 -49.02 -27.66
N ASP F 122 -30.07 -48.22 -27.10
CA ASP F 122 -30.38 -48.25 -25.68
C ASP F 122 -30.40 -49.70 -25.11
N TYR F 123 -29.63 -49.97 -24.07
CA TYR F 123 -29.74 -51.23 -23.36
C TYR F 123 -30.52 -51.04 -22.06
N ILE F 124 -29.98 -50.29 -21.13
CA ILE F 124 -30.66 -50.01 -19.87
C ILE F 124 -30.31 -48.62 -19.36
N ALA F 125 -31.26 -48.00 -18.66
CA ALA F 125 -31.09 -46.63 -18.17
C ALA F 125 -31.89 -46.32 -16.95
N LEU F 126 -31.38 -45.43 -16.12
CA LEU F 126 -32.07 -44.92 -14.96
C LEU F 126 -33.23 -44.04 -15.44
N LYS F 127 -34.40 -44.19 -14.83
CA LYS F 127 -35.57 -43.31 -15.04
C LYS F 127 -35.32 -41.91 -14.44
N GLU F 128 -36.26 -40.96 -14.49
CA GLU F 128 -35.90 -39.53 -14.25
C GLU F 128 -35.58 -39.21 -12.79
N ASP F 129 -36.41 -39.65 -11.82
CA ASP F 129 -35.96 -39.80 -10.38
C ASP F 129 -34.87 -40.79 -10.50
N LEU F 130 -34.28 -41.35 -9.44
CA LEU F 130 -33.24 -42.37 -9.83
C LEU F 130 -33.35 -43.69 -9.13
N ARG F 131 -34.57 -44.21 -9.08
CA ARG F 131 -34.96 -45.33 -8.26
C ARG F 131 -35.27 -46.60 -9.05
N SER F 132 -35.47 -46.50 -10.36
CA SER F 132 -35.78 -47.68 -11.20
C SER F 132 -35.11 -47.64 -12.57
N TRP F 133 -35.30 -48.69 -13.37
CA TRP F 133 -34.66 -48.80 -14.64
C TRP F 133 -35.65 -49.00 -15.77
N THR F 134 -35.32 -48.45 -16.95
CA THR F 134 -35.96 -48.77 -18.22
C THR F 134 -35.11 -49.78 -18.89
N ALA F 135 -35.67 -50.96 -19.11
CA ALA F 135 -35.01 -52.00 -19.90
C ALA F 135 -35.56 -52.06 -21.33
N ALA F 136 -34.69 -51.85 -22.31
CA ALA F 136 -35.07 -52.03 -23.74
C ALA F 136 -35.73 -53.39 -24.10
N ASP F 137 -35.03 -54.52 -23.86
CA ASP F 137 -35.42 -55.88 -24.32
C ASP F 137 -35.32 -56.93 -23.22
N MET F 138 -35.39 -58.20 -23.56
CA MET F 138 -35.45 -59.29 -22.55
C MET F 138 -34.09 -59.51 -21.86
N ALA F 139 -32.99 -59.25 -22.56
CA ALA F 139 -31.66 -59.28 -21.94
C ALA F 139 -31.52 -58.25 -20.82
N ALA F 140 -31.89 -57.00 -21.17
CA ALA F 140 -31.87 -55.87 -20.23
C ALA F 140 -32.80 -56.08 -19.06
N GLN F 141 -33.88 -56.81 -19.27
CA GLN F 141 -34.80 -57.15 -18.22
C GLN F 141 -34.14 -58.07 -17.19
N THR F 142 -33.18 -58.91 -17.57
CA THR F 142 -32.47 -59.74 -16.57
C THR F 142 -31.45 -58.90 -15.87
N THR F 143 -30.79 -58.00 -16.57
CA THR F 143 -29.90 -57.03 -15.96
C THR F 143 -30.60 -56.16 -14.93
N LYS F 144 -31.78 -55.64 -15.27
CA LYS F 144 -32.65 -54.94 -14.30
C LYS F 144 -32.88 -55.72 -13.00
N HIS F 145 -33.41 -56.93 -13.10
CA HIS F 145 -33.75 -57.76 -11.92
C HIS F 145 -32.51 -57.97 -11.05
N LYS F 146 -31.38 -58.15 -11.70
CA LYS F 146 -30.09 -58.44 -11.06
C LYS F 146 -29.58 -57.23 -10.27
N TRP F 147 -29.57 -56.06 -10.91
CA TRP F 147 -29.30 -54.74 -10.31
C TRP F 147 -30.29 -54.28 -9.23
N GLU F 148 -31.52 -54.73 -9.31
CA GLU F 148 -32.49 -54.38 -8.28
C GLU F 148 -32.16 -55.10 -6.96
N ALA F 149 -31.82 -56.37 -7.02
CA ALA F 149 -31.43 -57.13 -5.82
C ALA F 149 -30.17 -56.55 -5.15
N ALA F 150 -29.25 -56.00 -5.95
CA ALA F 150 -27.97 -55.50 -5.50
C ALA F 150 -27.95 -54.00 -5.18
N HIS F 151 -29.08 -53.33 -5.29
CA HIS F 151 -29.18 -51.91 -4.97
C HIS F 151 -28.21 -51.06 -5.73
N VAL F 152 -28.10 -51.39 -7.02
CA VAL F 152 -27.22 -50.69 -7.93
C VAL F 152 -27.73 -49.26 -8.05
N ALA F 153 -29.04 -49.10 -8.20
CA ALA F 153 -29.62 -47.77 -8.42
C ALA F 153 -29.40 -46.82 -7.24
N GLU F 154 -29.58 -47.32 -6.02
CA GLU F 154 -29.47 -46.52 -4.79
C GLU F 154 -28.04 -45.98 -4.65
N GLN F 155 -27.05 -46.82 -4.87
CA GLN F 155 -25.67 -46.38 -4.82
C GLN F 155 -25.35 -45.36 -5.88
N LEU F 156 -25.90 -45.54 -7.09
CA LEU F 156 -25.76 -44.56 -8.17
C LEU F 156 -26.38 -43.25 -7.82
N ARG F 157 -27.56 -43.31 -7.24
CA ARG F 157 -28.32 -42.14 -6.90
C ARG F 157 -27.56 -41.29 -5.89
N ALA F 158 -26.98 -41.93 -4.88
CA ALA F 158 -26.13 -41.28 -3.87
C ALA F 158 -24.97 -40.50 -4.49
N TYR F 159 -24.35 -41.04 -5.53
CA TYR F 159 -23.35 -40.32 -6.29
C TYR F 159 -23.97 -39.14 -7.10
N LEU F 160 -25.09 -39.35 -7.79
CA LEU F 160 -25.59 -38.34 -8.77
C LEU F 160 -26.12 -37.10 -8.07
N GLU F 161 -27.13 -37.25 -7.21
CA GLU F 161 -27.46 -36.23 -6.17
C GLU F 161 -26.23 -36.36 -5.31
N GLY F 162 -25.74 -35.34 -4.64
CA GLY F 162 -24.55 -35.58 -3.77
C GLY F 162 -23.15 -35.41 -4.35
N THR F 163 -22.38 -36.48 -4.50
CA THR F 163 -20.93 -36.27 -4.66
C THR F 163 -20.60 -35.71 -6.03
N CYS F 164 -21.28 -36.20 -7.07
CA CYS F 164 -21.15 -35.65 -8.41
C CYS F 164 -21.38 -34.15 -8.40
N VAL F 165 -22.44 -33.70 -7.71
CA VAL F 165 -22.78 -32.27 -7.55
C VAL F 165 -21.70 -31.49 -6.80
N GLU F 166 -21.33 -31.98 -5.62
CA GLU F 166 -20.26 -31.40 -4.79
C GLU F 166 -18.99 -31.16 -5.64
N TRP F 167 -18.61 -32.15 -6.45
CA TRP F 167 -17.46 -32.00 -7.36
C TRP F 167 -17.65 -31.00 -8.49
N LEU F 168 -18.84 -30.99 -9.08
CA LEU F 168 -19.21 -29.98 -10.07
C LEU F 168 -19.09 -28.61 -9.44
N ARG F 169 -19.70 -28.42 -8.27
CA ARG F 169 -19.64 -27.12 -7.58
C ARG F 169 -18.20 -26.65 -7.37
N ARG F 170 -17.32 -27.61 -7.09
CA ARG F 170 -15.91 -27.31 -6.91
C ARG F 170 -15.23 -26.92 -8.19
N TYR F 171 -15.45 -27.66 -9.27
CA TYR F 171 -14.82 -27.34 -10.59
C TYR F 171 -15.23 -25.96 -11.11
N LEU F 172 -16.48 -25.60 -10.90
CA LEU F 172 -16.98 -24.29 -11.28
C LEU F 172 -16.27 -23.13 -10.60
N GLU F 173 -15.86 -23.32 -9.35
CA GLU F 173 -15.13 -22.31 -8.61
C GLU F 173 -13.66 -22.23 -9.07
N ASN F 174 -12.98 -23.37 -9.11
CA ASN F 174 -11.56 -23.41 -9.45
C ASN F 174 -11.29 -23.00 -10.89
N GLY F 175 -12.22 -23.30 -11.79
CA GLY F 175 -12.12 -22.91 -13.21
C GLY F 175 -12.91 -21.67 -13.59
N LYS F 176 -13.22 -20.82 -12.61
CA LYS F 176 -14.18 -19.75 -12.78
C LYS F 176 -13.85 -18.88 -13.99
N GLU F 177 -12.58 -18.59 -14.24
CA GLU F 177 -12.16 -17.74 -15.37
C GLU F 177 -12.62 -18.26 -16.73
N THR F 178 -12.74 -19.58 -16.90
CA THR F 178 -13.16 -20.17 -18.18
C THR F 178 -14.61 -20.69 -18.16
N LEU F 179 -15.03 -21.36 -17.08
CA LEU F 179 -16.35 -22.03 -17.05
C LEU F 179 -17.56 -21.09 -16.87
N GLN F 180 -17.34 -19.98 -16.17
CA GLN F 180 -18.38 -18.97 -15.89
C GLN F 180 -18.26 -17.73 -16.76
N ARG F 181 -17.25 -17.68 -17.61
CA ARG F 181 -17.22 -16.81 -18.80
C ARG F 181 -18.43 -17.12 -19.74
N THR F 182 -19.01 -16.06 -20.29
CA THR F 182 -19.68 -16.14 -21.59
C THR F 182 -18.89 -15.32 -22.61
N ASP F 183 -19.05 -15.71 -23.86
CA ASP F 183 -18.43 -15.04 -25.02
C ASP F 183 -19.54 -14.90 -26.06
N ALA F 184 -19.92 -13.65 -26.32
CA ALA F 184 -21.02 -13.34 -27.22
C ALA F 184 -20.60 -13.66 -28.64
N PRO F 185 -21.55 -14.05 -29.49
CA PRO F 185 -21.15 -14.27 -30.86
C PRO F 185 -20.71 -12.98 -31.57
N LYS F 186 -19.63 -13.09 -32.34
CA LYS F 186 -19.30 -12.15 -33.39
C LYS F 186 -20.07 -12.66 -34.61
N THR F 187 -20.67 -11.70 -35.31
CA THR F 187 -21.76 -11.95 -36.24
C THR F 187 -21.54 -11.14 -37.48
N HIS F 188 -21.96 -11.70 -38.60
CA HIS F 188 -22.02 -10.98 -39.87
C HIS F 188 -22.98 -11.72 -40.80
N MET F 189 -23.28 -11.09 -41.93
CA MET F 189 -24.19 -11.64 -42.93
C MET F 189 -23.47 -11.65 -44.28
N THR F 190 -23.74 -12.67 -45.10
CA THR F 190 -23.25 -12.68 -46.51
C THR F 190 -24.39 -12.89 -47.50
N HIS F 191 -24.30 -12.22 -48.64
CA HIS F 191 -25.33 -12.24 -49.70
C HIS F 191 -24.64 -12.72 -50.95
N HIS F 192 -25.02 -13.89 -51.46
CA HIS F 192 -24.44 -14.42 -52.68
C HIS F 192 -25.49 -14.87 -53.66
N ALA F 193 -25.48 -14.30 -54.85
CA ALA F 193 -26.51 -14.61 -55.85
C ALA F 193 -26.39 -16.07 -56.27
N VAL F 194 -27.51 -16.77 -56.26
CA VAL F 194 -27.64 -18.11 -56.76
C VAL F 194 -27.76 -18.05 -58.29
N SER F 195 -28.89 -17.50 -58.74
CA SER F 195 -29.19 -17.29 -60.12
C SER F 195 -29.33 -15.76 -60.26
N ASP F 196 -29.93 -15.32 -61.36
CA ASP F 196 -30.18 -13.89 -61.59
C ASP F 196 -31.56 -13.45 -61.09
N HIS F 197 -32.22 -14.30 -60.30
CA HIS F 197 -33.57 -14.06 -59.83
C HIS F 197 -33.76 -14.56 -58.37
N GLU F 198 -32.66 -14.78 -57.64
CA GLU F 198 -32.61 -15.52 -56.36
C GLU F 198 -31.21 -15.40 -55.68
N ALA F 199 -31.18 -15.13 -54.39
CA ALA F 199 -29.92 -14.94 -53.70
C ALA F 199 -29.95 -15.57 -52.31
N THR F 200 -28.81 -16.09 -51.87
CA THR F 200 -28.66 -16.74 -50.56
C THR F 200 -28.21 -15.73 -49.51
N LEU F 201 -28.98 -15.59 -48.42
CA LEU F 201 -28.57 -14.76 -47.29
C LEU F 201 -28.14 -15.67 -46.20
N ARG F 202 -26.93 -15.48 -45.73
CA ARG F 202 -26.40 -16.33 -44.70
C ARG F 202 -25.92 -15.48 -43.54
N CYS F 203 -26.29 -15.91 -42.35
CA CYS F 203 -26.10 -15.18 -41.13
C CYS F 203 -25.28 -16.06 -40.20
N TRP F 204 -24.17 -15.51 -39.74
CA TRP F 204 -23.11 -16.24 -39.03
C TRP F 204 -23.00 -15.85 -37.58
N ALA F 205 -22.76 -16.86 -36.73
CA ALA F 205 -22.39 -16.64 -35.33
C ALA F 205 -21.07 -17.37 -35.09
N LEU F 206 -20.05 -16.62 -34.68
CA LEU F 206 -18.72 -17.17 -34.51
C LEU F 206 -18.19 -16.82 -33.13
N SER F 207 -17.28 -17.66 -32.60
CA SER F 207 -16.51 -17.43 -31.38
C SER F 207 -17.34 -17.29 -30.12
N PHE F 208 -18.43 -18.06 -30.01
CA PHE F 208 -19.30 -17.96 -28.83
C PHE F 208 -19.11 -19.13 -27.89
N TYR F 209 -19.31 -18.87 -26.59
CA TYR F 209 -19.37 -19.92 -25.52
C TYR F 209 -20.43 -19.46 -24.55
N PRO F 210 -21.31 -20.33 -24.06
CA PRO F 210 -21.37 -21.75 -24.37
C PRO F 210 -21.94 -22.04 -25.77
N ALA F 211 -22.20 -23.31 -26.10
CA ALA F 211 -22.63 -23.72 -27.44
C ALA F 211 -24.12 -23.53 -27.70
N GLU F 212 -24.91 -23.39 -26.64
CA GLU F 212 -26.33 -23.07 -26.77
C GLU F 212 -26.51 -21.76 -27.51
N ILE F 213 -27.28 -21.78 -28.60
CA ILE F 213 -27.52 -20.59 -29.40
C ILE F 213 -28.74 -20.78 -30.27
N THR F 214 -29.50 -19.71 -30.47
CA THR F 214 -30.64 -19.74 -31.41
C THR F 214 -30.40 -18.74 -32.51
N LEU F 215 -30.66 -19.18 -33.74
CA LEU F 215 -30.30 -18.47 -34.95
C LEU F 215 -31.45 -18.73 -35.94
N THR F 216 -32.23 -17.69 -36.20
CA THR F 216 -33.55 -17.84 -36.89
C THR F 216 -33.62 -16.73 -37.91
N TRP F 217 -34.33 -16.96 -39.02
CA TRP F 217 -34.61 -15.88 -39.98
C TRP F 217 -36.05 -15.48 -39.87
N GLN F 218 -36.35 -14.20 -40.06
CA GLN F 218 -37.72 -13.71 -40.17
C GLN F 218 -37.90 -12.91 -41.45
N ARG F 219 -39.11 -12.97 -42.02
CA ARG F 219 -39.47 -12.20 -43.21
C ARG F 219 -40.63 -11.34 -42.81
N ASP F 220 -40.36 -10.02 -42.72
CA ASP F 220 -41.34 -9.06 -42.23
C ASP F 220 -41.83 -9.45 -40.83
N GLY F 221 -40.99 -10.09 -40.03
CA GLY F 221 -41.41 -10.60 -38.71
C GLY F 221 -41.87 -12.06 -38.65
N GLU F 222 -42.35 -12.61 -39.76
CA GLU F 222 -42.77 -14.03 -39.81
C GLU F 222 -41.52 -14.94 -39.81
N ASP F 223 -41.49 -15.97 -38.96
CA ASP F 223 -40.35 -16.91 -38.89
C ASP F 223 -40.30 -17.98 -39.97
N GLN F 224 -39.44 -17.74 -40.96
CA GLN F 224 -38.98 -18.80 -41.88
C GLN F 224 -38.46 -20.01 -41.09
N THR F 225 -38.87 -21.22 -41.47
CA THR F 225 -38.40 -22.45 -40.78
C THR F 225 -38.26 -23.62 -41.74
N GLN F 226 -39.32 -23.97 -42.47
CA GLN F 226 -39.13 -24.90 -43.59
C GLN F 226 -38.06 -24.24 -44.47
N ASP F 227 -38.18 -22.96 -44.75
CA ASP F 227 -37.28 -22.24 -45.66
C ASP F 227 -35.79 -22.04 -45.26
N THR F 228 -35.40 -22.25 -44.00
CA THR F 228 -34.01 -21.97 -43.58
C THR F 228 -33.13 -23.22 -43.51
N GLU F 229 -31.98 -23.16 -44.17
CA GLU F 229 -30.93 -24.13 -43.97
C GLU F 229 -30.12 -23.75 -42.73
N LEU F 230 -29.91 -24.72 -41.88
CA LEU F 230 -29.32 -24.49 -40.55
C LEU F 230 -28.28 -25.55 -40.32
N VAL F 231 -27.05 -25.20 -40.02
CA VAL F 231 -26.03 -26.24 -39.76
C VAL F 231 -25.85 -26.55 -38.29
N GLU F 232 -25.54 -27.80 -38.00
CA GLU F 232 -25.18 -28.23 -36.64
C GLU F 232 -24.12 -27.33 -36.08
N THR F 233 -24.27 -26.97 -34.82
CA THR F 233 -23.32 -26.09 -34.12
C THR F 233 -22.02 -26.79 -34.04
N ARG F 234 -20.92 -26.13 -34.34
CA ARG F 234 -19.65 -26.86 -34.49
C ARG F 234 -18.49 -26.27 -33.68
N PRO F 235 -17.54 -27.13 -33.26
CA PRO F 235 -16.41 -26.59 -32.52
C PRO F 235 -15.46 -25.82 -33.42
N ALA F 236 -15.09 -24.63 -32.98
CA ALA F 236 -14.05 -23.88 -33.65
C ALA F 236 -12.69 -24.58 -33.56
N GLY F 237 -12.45 -25.28 -32.45
CA GLY F 237 -11.16 -25.91 -32.15
C GLY F 237 -10.46 -25.26 -30.96
N ASP F 238 -10.90 -24.06 -30.58
CA ASP F 238 -10.25 -23.28 -29.54
C ASP F 238 -11.15 -23.12 -28.31
N GLY F 239 -12.08 -24.05 -28.11
CA GLY F 239 -13.01 -23.95 -26.97
C GLY F 239 -14.15 -22.94 -27.15
N THR F 240 -14.43 -22.57 -28.41
CA THR F 240 -15.56 -21.72 -28.77
C THR F 240 -16.32 -22.42 -29.91
N PHE F 241 -17.49 -21.88 -30.23
CA PHE F 241 -18.39 -22.53 -31.18
C PHE F 241 -18.84 -21.63 -32.33
N GLN F 242 -19.46 -22.28 -33.32
CA GLN F 242 -19.85 -21.64 -34.58
C GLN F 242 -21.12 -22.26 -35.09
N LYS F 243 -21.98 -21.42 -35.66
CA LYS F 243 -23.17 -21.86 -36.40
C LYS F 243 -23.42 -20.84 -37.47
N TRP F 244 -24.17 -21.24 -38.48
CA TRP F 244 -24.78 -20.32 -39.43
C TRP F 244 -26.13 -20.81 -39.87
N ALA F 245 -26.94 -19.86 -40.32
CA ALA F 245 -28.28 -20.14 -40.89
C ALA F 245 -28.39 -19.42 -42.19
N ALA F 246 -28.91 -20.10 -43.20
CA ALA F 246 -29.08 -19.48 -44.50
C ALA F 246 -30.52 -19.55 -44.96
N VAL F 247 -30.86 -18.67 -45.88
CA VAL F 247 -32.18 -18.67 -46.48
C VAL F 247 -32.02 -18.09 -47.87
N VAL F 248 -32.85 -18.57 -48.79
CA VAL F 248 -32.85 -18.10 -50.18
C VAL F 248 -34.09 -17.29 -50.40
N VAL F 249 -33.87 -16.13 -51.03
CA VAL F 249 -34.89 -15.09 -51.15
C VAL F 249 -34.93 -14.61 -52.59
N PRO F 250 -36.10 -14.16 -53.07
CA PRO F 250 -36.17 -13.45 -54.34
C PRO F 250 -35.35 -12.14 -54.32
N SER F 251 -34.61 -11.89 -55.39
CA SER F 251 -33.71 -10.74 -55.44
C SER F 251 -34.43 -9.40 -55.44
N GLY F 252 -33.87 -8.46 -54.67
CA GLY F 252 -34.53 -7.19 -54.39
C GLY F 252 -35.39 -7.21 -53.12
N GLN F 253 -35.65 -8.37 -52.55
CA GLN F 253 -36.49 -8.45 -51.33
C GLN F 253 -35.65 -8.67 -50.06
N GLU F 254 -34.33 -8.52 -50.14
CA GLU F 254 -33.47 -8.93 -49.00
C GLU F 254 -33.67 -8.04 -47.76
N GLN F 255 -34.03 -6.76 -47.98
CA GLN F 255 -34.34 -5.80 -46.88
C GLN F 255 -35.48 -6.26 -45.94
N ARG F 256 -36.42 -7.02 -46.50
CA ARG F 256 -37.51 -7.66 -45.73
C ARG F 256 -37.10 -8.76 -44.74
N TYR F 257 -35.86 -9.20 -44.79
CA TYR F 257 -35.38 -10.35 -44.00
C TYR F 257 -34.42 -9.90 -42.93
N THR F 258 -34.56 -10.49 -41.75
CA THR F 258 -33.75 -10.16 -40.58
C THR F 258 -33.34 -11.45 -39.84
N CYS F 259 -32.08 -11.53 -39.42
CA CYS F 259 -31.56 -12.69 -38.65
C CYS F 259 -31.69 -12.43 -37.18
N HIS F 260 -32.08 -13.42 -36.39
CA HIS F 260 -32.24 -13.23 -34.92
C HIS F 260 -31.35 -14.13 -34.15
N VAL F 261 -30.52 -13.52 -33.30
CA VAL F 261 -29.48 -14.24 -32.56
C VAL F 261 -29.78 -14.17 -31.05
N GLN F 262 -30.11 -15.32 -30.44
CA GLN F 262 -30.33 -15.43 -28.99
C GLN F 262 -29.18 -16.18 -28.38
N HIS F 263 -28.55 -15.63 -27.34
CA HIS F 263 -27.38 -16.28 -26.69
C HIS F 263 -27.16 -15.74 -25.28
N GLU F 264 -26.85 -16.62 -24.32
CA GLU F 264 -26.68 -16.23 -22.88
C GLU F 264 -25.75 -15.01 -22.71
N GLY F 265 -24.68 -14.96 -23.52
CA GLY F 265 -23.75 -13.84 -23.59
C GLY F 265 -24.29 -12.46 -23.96
N LEU F 266 -25.25 -12.38 -24.89
CA LEU F 266 -25.76 -11.08 -25.37
C LEU F 266 -26.73 -10.45 -24.36
N PRO F 267 -26.48 -9.18 -23.90
CA PRO F 267 -27.46 -8.50 -23.01
C PRO F 267 -28.91 -8.50 -23.51
N LYS F 268 -29.15 -7.92 -24.71
CA LYS F 268 -30.43 -8.05 -25.43
C LYS F 268 -30.18 -8.82 -26.75
N PRO F 269 -31.19 -9.59 -27.26
CA PRO F 269 -30.95 -10.36 -28.52
C PRO F 269 -30.61 -9.46 -29.73
N LEU F 270 -29.66 -9.88 -30.56
CA LEU F 270 -29.27 -9.12 -31.78
C LEU F 270 -30.25 -9.39 -32.91
N THR F 271 -30.32 -8.42 -33.81
CA THR F 271 -31.18 -8.46 -35.00
C THR F 271 -30.45 -7.76 -36.13
N LEU F 272 -29.94 -8.55 -37.08
CA LEU F 272 -29.10 -8.02 -38.13
C LEU F 272 -29.98 -7.97 -39.33
N ARG F 273 -29.81 -6.91 -40.13
CA ARG F 273 -30.53 -6.67 -41.36
C ARG F 273 -29.52 -6.75 -42.52
N TRP F 274 -29.97 -7.16 -43.70
CA TRP F 274 -29.08 -7.14 -44.85
C TRP F 274 -28.81 -5.69 -45.26
N GLU F 275 -27.63 -5.17 -44.96
CA GLU F 275 -27.25 -3.84 -45.40
C GLU F 275 -26.44 -3.87 -46.69
N PRO F 276 -26.95 -3.25 -47.78
CA PRO F 276 -26.36 -3.45 -49.11
C PRO F 276 -24.83 -3.68 -49.13
N MET G 1 -26.02 -54.17 -34.48
CA MET G 1 -25.47 -53.44 -35.66
C MET G 1 -26.47 -52.44 -36.19
N ILE G 2 -26.62 -51.34 -35.43
CA ILE G 2 -26.98 -50.08 -36.07
C ILE G 2 -25.75 -49.55 -36.79
N GLN G 3 -25.95 -49.10 -38.02
CA GLN G 3 -24.99 -48.32 -38.72
C GLN G 3 -25.62 -46.99 -39.02
N ARG G 4 -24.81 -45.97 -39.01
CA ARG G 4 -25.26 -44.63 -39.27
C ARG G 4 -24.09 -43.96 -39.95
N THR G 5 -24.43 -43.14 -40.93
CA THR G 5 -23.44 -42.58 -41.82
C THR G 5 -22.98 -41.17 -41.40
N PRO G 6 -21.66 -40.87 -41.51
CA PRO G 6 -21.16 -39.60 -41.00
C PRO G 6 -21.72 -38.35 -41.68
N LYS G 7 -21.65 -37.26 -40.92
CA LYS G 7 -21.91 -35.94 -41.35
C LYS G 7 -20.61 -35.17 -41.30
N ILE G 8 -20.20 -34.59 -42.42
CA ILE G 8 -18.95 -33.89 -42.57
C ILE G 8 -19.21 -32.38 -42.76
N GLN G 9 -18.35 -31.60 -42.11
CA GLN G 9 -18.30 -30.14 -42.20
C GLN G 9 -16.82 -29.76 -42.22
N VAL G 10 -16.39 -29.07 -43.25
CA VAL G 10 -15.02 -28.59 -43.39
C VAL G 10 -15.06 -27.08 -43.32
N TYR G 11 -14.22 -26.52 -42.47
CA TYR G 11 -14.28 -25.09 -42.20
C TYR G 11 -13.02 -24.69 -41.48
N SER G 12 -12.73 -23.40 -41.48
CA SER G 12 -11.62 -22.83 -40.74
C SER G 12 -12.06 -22.38 -39.35
N ARG G 13 -11.06 -22.19 -38.49
CA ARG G 13 -11.23 -21.77 -37.10
C ARG G 13 -11.63 -20.31 -37.02
N HIS G 14 -10.79 -19.41 -37.54
CA HIS G 14 -11.13 -18.01 -37.67
C HIS G 14 -11.48 -17.77 -39.11
N PRO G 15 -12.24 -16.68 -39.42
CA PRO G 15 -12.53 -16.29 -40.80
C PRO G 15 -11.29 -16.38 -41.62
N ALA G 16 -11.37 -17.07 -42.74
CA ALA G 16 -10.21 -17.27 -43.64
C ALA G 16 -9.68 -16.02 -44.31
N GLU G 17 -8.37 -15.88 -44.49
CA GLU G 17 -7.77 -14.77 -45.19
C GLU G 17 -6.51 -15.23 -45.95
N ASN G 18 -6.51 -15.07 -47.28
CA ASN G 18 -5.40 -15.50 -48.10
C ASN G 18 -4.04 -15.05 -47.56
N GLY G 19 -3.20 -16.03 -47.24
CA GLY G 19 -1.86 -15.78 -46.78
C GLY G 19 -1.74 -15.39 -45.31
N LYS G 20 -2.68 -15.83 -44.47
CA LYS G 20 -2.61 -15.68 -43.00
C LYS G 20 -2.82 -17.04 -42.27
N SER G 21 -2.25 -17.13 -41.06
CA SER G 21 -2.29 -18.35 -40.27
C SER G 21 -3.72 -18.68 -39.71
N ASN G 22 -4.09 -19.95 -39.82
CA ASN G 22 -5.41 -20.41 -39.43
C ASN G 22 -5.36 -21.89 -39.05
N PHE G 23 -6.53 -22.46 -38.77
CA PHE G 23 -6.64 -23.88 -38.56
C PHE G 23 -7.75 -24.39 -39.44
N LEU G 24 -7.56 -25.56 -40.02
CA LEU G 24 -8.57 -26.16 -40.88
C LEU G 24 -9.16 -27.33 -40.14
N ASN G 25 -10.47 -27.28 -39.91
CA ASN G 25 -11.17 -28.28 -39.17
C ASN G 25 -11.98 -29.17 -40.12
N CYS G 26 -11.92 -30.49 -39.96
CA CYS G 26 -12.96 -31.39 -40.46
C CYS G 26 -13.78 -32.04 -39.32
N TYR G 27 -15.04 -31.65 -39.15
CA TYR G 27 -15.87 -32.10 -38.01
C TYR G 27 -16.77 -33.18 -38.54
N VAL G 28 -16.65 -34.40 -37.98
CA VAL G 28 -17.47 -35.54 -38.43
C VAL G 28 -18.30 -36.01 -37.30
N SER G 29 -19.59 -36.20 -37.55
CA SER G 29 -20.57 -36.47 -36.49
C SER G 29 -21.65 -37.38 -37.00
N GLY G 30 -22.51 -37.90 -36.16
CA GLY G 30 -23.64 -38.70 -36.60
C GLY G 30 -23.38 -40.14 -36.93
N PHE G 31 -22.16 -40.62 -36.69
CA PHE G 31 -21.74 -41.94 -37.24
C PHE G 31 -21.73 -43.06 -36.22
N HIS G 32 -21.78 -44.28 -36.75
CA HIS G 32 -21.77 -45.50 -35.92
C HIS G 32 -21.60 -46.67 -36.90
N PRO G 33 -20.75 -47.65 -36.62
CA PRO G 33 -19.85 -47.69 -35.49
C PRO G 33 -18.73 -46.65 -35.53
N SER G 34 -17.93 -46.65 -34.47
CA SER G 34 -16.84 -45.69 -34.22
C SER G 34 -15.72 -45.72 -35.24
N ASP G 35 -15.51 -46.86 -35.90
CA ASP G 35 -14.42 -47.02 -36.85
C ASP G 35 -14.50 -46.13 -38.09
N ILE G 36 -13.47 -45.29 -38.24
CA ILE G 36 -13.45 -44.22 -39.24
C ILE G 36 -12.02 -43.71 -39.54
N GLU G 37 -11.74 -43.55 -40.83
CA GLU G 37 -10.52 -42.92 -41.31
C GLU G 37 -10.89 -41.52 -41.84
N VAL G 38 -10.18 -40.51 -41.37
CA VAL G 38 -10.44 -39.10 -41.71
C VAL G 38 -9.11 -38.44 -42.12
N ASP G 39 -9.05 -37.88 -43.32
CA ASP G 39 -7.87 -37.15 -43.75
C ASP G 39 -8.21 -35.74 -44.18
N LEU G 40 -7.38 -34.80 -43.79
CA LEU G 40 -7.37 -33.49 -44.42
C LEU G 40 -6.46 -33.56 -45.63
N LEU G 41 -6.91 -32.96 -46.75
CA LEU G 41 -6.12 -32.92 -48.00
C LEU G 41 -5.72 -31.50 -48.43
N LYS G 42 -4.49 -31.33 -48.92
CA LYS G 42 -4.05 -30.07 -49.55
C LYS G 42 -3.74 -30.40 -51.00
N ASN G 43 -4.53 -29.85 -51.91
CA ASN G 43 -4.48 -30.23 -53.32
C ASN G 43 -4.50 -31.74 -53.54
N GLY G 44 -5.22 -32.49 -52.70
CA GLY G 44 -5.49 -33.90 -52.97
C GLY G 44 -4.57 -34.91 -52.32
N GLU G 45 -3.44 -34.45 -51.76
CA GLU G 45 -2.56 -35.29 -50.95
C GLU G 45 -2.68 -35.03 -49.43
N ARG G 46 -2.52 -36.08 -48.65
CA ARG G 46 -2.77 -36.12 -47.20
C ARG G 46 -1.88 -35.12 -46.42
N ILE G 47 -2.46 -34.37 -45.47
CA ILE G 47 -1.64 -33.53 -44.57
C ILE G 47 -1.10 -34.42 -43.46
N GLU G 48 0.15 -34.26 -43.07
CA GLU G 48 0.65 -35.01 -41.88
C GLU G 48 0.54 -34.05 -40.71
N LYS G 49 0.72 -34.57 -39.51
CA LYS G 49 0.54 -33.80 -38.26
C LYS G 49 -0.94 -33.40 -37.96
N VAL G 50 -1.89 -34.11 -38.57
CA VAL G 50 -3.34 -33.91 -38.30
C VAL G 50 -3.65 -34.40 -36.88
N GLU G 51 -4.07 -33.49 -35.99
CA GLU G 51 -4.56 -33.83 -34.62
C GLU G 51 -6.06 -34.16 -34.59
N HIS G 52 -6.51 -34.85 -33.54
CA HIS G 52 -7.95 -35.01 -33.32
C HIS G 52 -8.48 -34.98 -31.87
N SER G 53 -9.75 -34.62 -31.73
CA SER G 53 -10.43 -34.67 -30.41
C SER G 53 -10.56 -36.10 -29.86
N ASP G 54 -10.72 -36.24 -28.55
CA ASP G 54 -10.99 -37.53 -27.99
C ASP G 54 -12.44 -37.93 -28.34
N LEU G 55 -12.66 -39.19 -28.72
CA LEU G 55 -13.98 -39.61 -29.18
C LEU G 55 -15.04 -39.50 -28.10
N SER G 56 -16.21 -39.00 -28.49
CA SER G 56 -17.30 -38.75 -27.56
C SER G 56 -18.55 -38.93 -28.38
N PHE G 57 -19.72 -38.71 -27.81
CA PHE G 57 -20.96 -38.95 -28.52
C PHE G 57 -22.17 -38.24 -27.96
N SER G 58 -23.21 -38.27 -28.77
CA SER G 58 -24.44 -37.54 -28.53
C SER G 58 -25.52 -38.37 -27.84
N LYS G 59 -26.58 -37.69 -27.43
CA LYS G 59 -27.77 -38.26 -26.79
C LYS G 59 -28.32 -39.50 -27.50
N ASP G 60 -28.22 -39.48 -28.82
CA ASP G 60 -28.74 -40.56 -29.68
C ASP G 60 -27.75 -41.71 -29.85
N TRP G 61 -26.59 -41.62 -29.15
CA TRP G 61 -25.47 -42.58 -29.13
C TRP G 61 -24.49 -42.44 -30.25
N SER G 62 -24.67 -41.53 -31.19
CA SER G 62 -23.81 -41.54 -32.38
C SER G 62 -22.59 -40.64 -32.16
N PHE G 63 -21.45 -41.04 -32.72
CA PHE G 63 -20.17 -40.42 -32.36
C PHE G 63 -19.85 -39.14 -33.13
N TYR G 64 -18.97 -38.30 -32.54
CA TYR G 64 -18.46 -37.07 -33.14
C TYR G 64 -16.95 -36.91 -32.84
N LEU G 65 -16.23 -36.48 -33.87
CA LEU G 65 -14.80 -36.20 -33.79
C LEU G 65 -14.51 -34.90 -34.52
N LEU G 66 -13.51 -34.19 -34.03
CA LEU G 66 -12.96 -33.03 -34.72
C LEU G 66 -11.58 -33.37 -35.18
N TYR G 67 -11.27 -33.21 -36.47
CA TYR G 67 -9.86 -33.32 -36.95
C TYR G 67 -9.34 -31.95 -37.38
N TYR G 68 -8.15 -31.55 -36.93
CA TYR G 68 -7.67 -30.21 -37.23
C TYR G 68 -6.18 -30.12 -37.49
N THR G 69 -5.77 -29.01 -38.11
CA THR G 69 -4.41 -28.78 -38.58
C THR G 69 -4.15 -27.29 -38.74
N GLU G 70 -2.91 -26.87 -38.50
CA GLU G 70 -2.50 -25.52 -38.89
C GLU G 70 -2.41 -25.47 -40.43
N PHE G 71 -2.90 -24.38 -41.02
CA PHE G 71 -2.70 -24.10 -42.45
C PHE G 71 -2.76 -22.62 -42.76
N THR G 72 -2.39 -22.32 -44.00
CA THR G 72 -2.33 -20.95 -44.52
C THR G 72 -3.00 -20.96 -45.89
N PRO G 73 -4.26 -20.43 -46.00
CA PRO G 73 -4.93 -20.56 -47.28
C PRO G 73 -4.28 -19.59 -48.26
N THR G 74 -4.16 -20.05 -49.50
CA THR G 74 -3.80 -19.20 -50.61
C THR G 74 -4.97 -19.26 -51.55
N GLU G 75 -5.03 -18.30 -52.47
CA GLU G 75 -6.16 -18.29 -53.37
C GLU G 75 -6.15 -19.60 -54.14
N LYS G 76 -5.00 -19.93 -54.73
CA LYS G 76 -4.84 -21.11 -55.57
C LYS G 76 -5.05 -22.50 -54.89
N ASP G 77 -4.53 -22.71 -53.68
CA ASP G 77 -4.44 -24.09 -53.09
C ASP G 77 -5.78 -24.67 -52.59
N GLU G 78 -6.20 -25.82 -53.08
CA GLU G 78 -7.48 -26.48 -52.67
C GLU G 78 -7.36 -27.43 -51.49
N TYR G 79 -7.98 -27.05 -50.37
CA TYR G 79 -8.11 -27.90 -49.19
C TYR G 79 -9.43 -28.68 -49.23
N ALA G 80 -9.50 -29.76 -48.49
CA ALA G 80 -10.67 -30.66 -48.45
C ALA G 80 -10.53 -31.68 -47.30
N CYS G 81 -11.58 -32.46 -47.05
CA CYS G 81 -11.57 -33.55 -46.05
C CYS G 81 -12.11 -34.84 -46.61
N ARG G 82 -11.46 -35.94 -46.28
CA ARG G 82 -11.86 -37.23 -46.81
C ARG G 82 -12.21 -38.15 -45.68
N VAL G 83 -13.33 -38.86 -45.82
CA VAL G 83 -13.84 -39.70 -44.78
C VAL G 83 -14.24 -41.05 -45.35
N ASN G 84 -13.76 -42.12 -44.71
CA ASN G 84 -14.23 -43.45 -45.02
C ASN G 84 -14.75 -44.11 -43.76
N HIS G 85 -15.71 -44.99 -43.95
CA HIS G 85 -16.58 -45.51 -42.90
C HIS G 85 -17.24 -46.75 -43.48
N VAL G 86 -17.63 -47.72 -42.66
CA VAL G 86 -18.36 -48.89 -43.18
C VAL G 86 -19.65 -48.56 -43.99
N THR G 87 -20.30 -47.43 -43.71
CA THR G 87 -21.55 -47.04 -44.37
C THR G 87 -21.38 -46.44 -45.76
N LEU G 88 -20.15 -46.20 -46.16
CA LEU G 88 -19.85 -45.50 -47.40
C LEU G 88 -19.18 -46.47 -48.36
N SER G 89 -19.70 -46.52 -49.59
CA SER G 89 -19.22 -47.51 -50.57
C SER G 89 -17.85 -47.13 -51.09
N GLN G 90 -17.56 -45.83 -51.16
CA GLN G 90 -16.25 -45.33 -51.54
C GLN G 90 -16.00 -44.16 -50.65
N PRO G 91 -14.74 -43.73 -50.53
CA PRO G 91 -14.48 -42.55 -49.68
C PRO G 91 -15.23 -41.29 -50.15
N LYS G 92 -15.71 -40.48 -49.20
CA LYS G 92 -16.40 -39.22 -49.45
C LYS G 92 -15.49 -38.01 -49.17
N ILE G 93 -15.23 -37.21 -50.20
CA ILE G 93 -14.43 -36.01 -50.10
C ILE G 93 -15.38 -34.80 -50.02
N VAL G 94 -15.04 -33.82 -49.19
CA VAL G 94 -15.81 -32.60 -49.02
C VAL G 94 -14.86 -31.42 -49.12
N LYS G 95 -15.02 -30.60 -50.17
CA LYS G 95 -14.12 -29.49 -50.44
C LYS G 95 -14.36 -28.38 -49.43
N TRP G 96 -13.30 -27.71 -49.02
CA TRP G 96 -13.39 -26.57 -48.13
C TRP G 96 -13.84 -25.38 -48.89
N ASP G 97 -14.83 -24.69 -48.36
CA ASP G 97 -15.32 -23.43 -48.94
C ASP G 97 -15.36 -22.34 -47.85
N ARG G 98 -14.70 -21.21 -48.12
CA ARG G 98 -14.51 -20.13 -47.14
C ARG G 98 -15.84 -19.64 -46.54
N ASP G 99 -16.92 -19.68 -47.34
CA ASP G 99 -18.28 -19.21 -47.00
C ASP G 99 -19.29 -20.33 -46.71
N MET G 100 -18.90 -21.24 -45.82
CA MET G 100 -19.61 -22.49 -45.47
C MET G 100 -19.02 -23.13 -44.16
N SER H 1 -15.49 -35.50 -10.94
CA SER H 1 -14.84 -36.76 -10.53
C SER H 1 -15.79 -37.90 -10.64
N LEU H 2 -15.28 -39.05 -11.03
CA LEU H 2 -16.19 -40.07 -11.49
C LEU H 2 -16.51 -41.05 -10.42
N TYR H 3 -17.63 -41.76 -10.63
CA TYR H 3 -18.22 -42.69 -9.69
C TYR H 3 -17.33 -43.87 -9.49
N ASN H 4 -17.38 -44.46 -8.28
CA ASN H 4 -16.48 -45.56 -7.87
C ASN H 4 -17.07 -46.95 -8.17
N THR H 5 -18.22 -47.29 -7.57
CA THR H 5 -18.83 -48.63 -7.63
C THR H 5 -19.73 -48.85 -8.85
N ILE H 6 -19.14 -48.66 -10.01
CA ILE H 6 -19.76 -48.94 -11.33
C ILE H 6 -20.02 -50.46 -11.50
N ALA H 7 -21.27 -50.85 -11.80
CA ALA H 7 -21.66 -52.28 -11.80
C ALA H 7 -21.63 -52.94 -13.15
N THR H 8 -21.16 -54.16 -13.14
CA THR H 8 -21.28 -55.02 -14.28
C THR H 8 -22.70 -55.54 -14.43
N LEU H 9 -23.14 -55.64 -15.70
CA LEU H 9 -24.16 -56.62 -16.12
C LEU H 9 -23.76 -58.05 -15.60
N LYS I 1 -7.04 -41.71 11.78
CA LYS I 1 -8.21 -42.39 11.11
C LYS I 1 -9.49 -41.50 11.06
N GLU I 2 -10.26 -41.66 9.99
CA GLU I 2 -11.46 -40.87 9.78
C GLU I 2 -12.54 -41.27 10.79
N VAL I 3 -12.83 -42.57 10.85
CA VAL I 3 -14.01 -43.08 11.50
C VAL I 3 -13.79 -43.33 12.98
N GLU I 4 -14.58 -42.68 13.82
CA GLU I 4 -14.31 -42.62 15.25
C GLU I 4 -15.53 -43.15 15.96
N GLN I 5 -15.34 -44.08 16.88
CA GLN I 5 -16.43 -44.50 17.75
C GLN I 5 -15.90 -44.94 19.11
N ASN I 6 -16.73 -44.82 20.15
CA ASN I 6 -16.30 -45.14 21.52
C ASN I 6 -16.25 -46.66 21.77
N SER I 7 -15.17 -47.11 22.44
CA SER I 7 -14.97 -48.52 22.78
C SER I 7 -16.09 -49.14 23.64
N GLY I 8 -16.64 -48.36 24.58
CA GLY I 8 -17.54 -48.86 25.59
C GLY I 8 -16.72 -49.60 26.67
N PRO I 9 -17.21 -50.72 27.22
CA PRO I 9 -18.50 -51.38 26.81
C PRO I 9 -19.78 -50.60 27.16
N LEU I 10 -20.74 -50.61 26.27
CA LEU I 10 -22.08 -50.15 26.57
C LEU I 10 -22.75 -51.28 27.29
N SER I 11 -23.49 -50.99 28.32
CA SER I 11 -24.25 -52.01 29.02
C SER I 11 -25.71 -51.70 28.77
N VAL I 12 -26.49 -52.66 28.29
CA VAL I 12 -27.90 -52.42 28.02
C VAL I 12 -28.69 -53.52 28.68
N PRO I 13 -29.80 -53.20 29.37
CA PRO I 13 -30.60 -54.30 29.91
C PRO I 13 -31.36 -55.06 28.82
N GLU I 14 -31.43 -56.39 28.94
CA GLU I 14 -32.12 -57.18 27.94
C GLU I 14 -33.59 -56.76 27.82
N GLY I 15 -34.04 -56.56 26.59
CA GLY I 15 -35.35 -56.03 26.29
C GLY I 15 -35.36 -54.57 25.85
N ALA I 16 -34.27 -53.86 26.15
CA ALA I 16 -34.22 -52.41 26.01
C ALA I 16 -33.37 -51.96 24.83
N ILE I 17 -33.62 -50.73 24.36
CA ILE I 17 -33.04 -50.23 23.15
C ILE I 17 -31.56 -49.96 23.33
N ALA I 18 -30.70 -50.70 22.62
CA ALA I 18 -29.29 -50.34 22.51
C ALA I 18 -29.14 -49.26 21.45
N SER I 19 -28.02 -48.57 21.48
CA SER I 19 -27.86 -47.32 20.77
C SER I 19 -26.36 -47.06 20.63
N LEU I 20 -25.86 -47.08 19.40
CA LEU I 20 -24.43 -46.91 19.14
C LEU I 20 -24.24 -45.77 18.17
N ASN I 21 -23.16 -45.03 18.32
CA ASN I 21 -22.85 -43.95 17.39
C ASN I 21 -21.50 -44.10 16.81
N CYS I 22 -21.26 -43.28 15.80
CA CYS I 22 -20.07 -43.33 14.99
C CYS I 22 -20.04 -42.01 14.22
N THR I 23 -18.92 -41.29 14.23
CA THR I 23 -18.76 -40.05 13.47
C THR I 23 -17.63 -40.25 12.52
N TYR I 24 -17.63 -39.54 11.39
CA TYR I 24 -16.54 -39.66 10.43
C TYR I 24 -16.17 -38.28 9.97
N SER I 25 -14.99 -38.09 9.40
CA SER I 25 -14.58 -36.74 9.03
C SER I 25 -14.51 -36.45 7.52
N ASP I 26 -14.23 -37.45 6.69
CA ASP I 26 -14.12 -37.22 5.25
C ASP I 26 -15.50 -37.00 4.68
N ARG I 27 -15.73 -35.86 4.06
CA ARG I 27 -17.01 -35.55 3.40
C ARG I 27 -17.15 -36.26 2.07
N GLY I 28 -16.07 -36.82 1.55
CA GLY I 28 -16.17 -37.75 0.46
C GLY I 28 -16.91 -39.04 0.77
N SER I 29 -17.19 -39.27 2.07
CA SER I 29 -17.76 -40.51 2.53
C SER I 29 -19.11 -40.70 1.91
N GLN I 30 -19.35 -41.85 1.29
CA GLN I 30 -20.52 -42.05 0.41
C GLN I 30 -21.40 -43.23 0.77
N SER I 31 -20.82 -44.26 1.41
CA SER I 31 -21.53 -45.49 1.79
C SER I 31 -21.08 -45.98 3.15
N PHE I 32 -22.00 -46.62 3.88
CA PHE I 32 -21.86 -46.87 5.31
C PHE I 32 -22.34 -48.23 5.68
N PHE I 33 -21.63 -48.90 6.56
CA PHE I 33 -21.99 -50.21 6.90
C PHE I 33 -21.81 -50.41 8.39
N TRP I 34 -22.64 -51.26 9.00
CA TRP I 34 -22.44 -51.76 10.37
C TRP I 34 -22.12 -53.23 10.29
N TYR I 35 -21.05 -53.64 10.97
CA TYR I 35 -20.70 -55.06 11.06
C TYR I 35 -20.72 -55.46 12.53
N ARG I 36 -21.04 -56.72 12.77
CA ARG I 36 -21.09 -57.28 14.10
C ARG I 36 -20.02 -58.36 14.27
N GLN I 37 -19.28 -58.31 15.37
CA GLN I 37 -18.17 -59.22 15.60
C GLN I 37 -18.28 -59.83 16.96
N TYR I 38 -18.51 -61.12 17.00
CA TYR I 38 -18.52 -61.84 18.24
C TYR I 38 -17.13 -62.18 18.68
N SER I 39 -16.91 -62.26 19.99
CA SER I 39 -15.65 -62.73 20.57
C SER I 39 -15.01 -63.82 19.72
N GLY I 40 -13.80 -63.55 19.23
CA GLY I 40 -13.03 -64.57 18.53
C GLY I 40 -13.57 -65.00 17.18
N LYS I 41 -14.35 -64.13 16.52
CA LYS I 41 -14.89 -64.40 15.21
C LYS I 41 -14.59 -63.26 14.25
N SER I 42 -14.97 -63.45 12.99
CA SER I 42 -14.91 -62.40 12.00
C SER I 42 -16.05 -61.42 12.08
N PRO I 43 -15.88 -60.22 11.50
CA PRO I 43 -17.06 -59.32 11.39
C PRO I 43 -18.07 -59.84 10.38
N GLU I 44 -19.35 -59.78 10.71
CA GLU I 44 -20.41 -60.01 9.74
C GLU I 44 -21.33 -58.83 9.48
N LEU I 45 -21.50 -58.52 8.19
CA LEU I 45 -22.27 -57.36 7.74
C LEU I 45 -23.66 -57.52 8.21
N ILE I 46 -24.15 -56.60 9.00
CA ILE I 46 -25.58 -56.63 9.37
C ILE I 46 -26.43 -55.53 8.72
N MET I 47 -25.82 -54.50 8.19
CA MET I 47 -26.56 -53.48 7.51
C MET I 47 -25.69 -52.57 6.68
N PHE I 48 -26.23 -52.20 5.50
CA PHE I 48 -25.64 -51.17 4.67
C PHE I 48 -26.61 -50.02 4.61
N ILE I 49 -26.09 -48.81 4.58
CA ILE I 49 -26.91 -47.64 4.28
C ILE I 49 -26.22 -46.68 3.29
N TYR I 50 -26.98 -46.27 2.28
CA TYR I 50 -26.49 -45.52 1.13
C TYR I 50 -27.06 -44.07 0.98
N SER I 51 -28.26 -43.87 1.55
CA SER I 51 -28.97 -42.60 1.54
C SER I 51 -29.16 -42.05 2.96
N ASN I 52 -29.00 -40.73 3.09
CA ASN I 52 -29.38 -39.93 4.26
C ASN I 52 -30.72 -40.34 4.79
N GLY I 53 -30.86 -40.35 6.13
CA GLY I 53 -32.13 -40.69 6.77
C GLY I 53 -32.06 -41.97 7.55
N ASP I 54 -33.23 -42.47 7.95
CA ASP I 54 -33.40 -43.71 8.71
C ASP I 54 -33.68 -44.86 7.75
N LYS I 55 -33.24 -46.05 8.16
CA LYS I 55 -33.47 -47.30 7.46
C LYS I 55 -33.74 -48.39 8.52
N GLU I 56 -35.00 -48.86 8.63
CA GLU I 56 -35.37 -49.93 9.58
C GLU I 56 -35.23 -51.28 8.91
N ASP I 57 -34.67 -52.27 9.62
CA ASP I 57 -34.55 -53.65 9.15
C ASP I 57 -34.81 -54.64 10.31
N GLY I 58 -36.08 -54.87 10.60
CA GLY I 58 -36.45 -55.72 11.70
C GLY I 58 -36.17 -54.92 12.94
N ARG I 59 -35.39 -55.50 13.83
CA ARG I 59 -35.13 -54.86 15.11
C ARG I 59 -34.05 -53.79 15.02
N PHE I 60 -33.41 -53.66 13.86
CA PHE I 60 -32.29 -52.72 13.64
C PHE I 60 -32.75 -51.47 12.89
N THR I 61 -32.39 -50.29 13.41
CA THR I 61 -32.52 -49.04 12.65
C THR I 61 -31.16 -48.36 12.59
N ALA I 62 -30.75 -47.98 11.39
CA ALA I 62 -29.63 -47.10 11.21
C ALA I 62 -30.14 -45.71 10.85
N GLN I 63 -29.45 -44.67 11.31
CA GLN I 63 -29.77 -43.27 11.09
C GLN I 63 -28.47 -42.65 10.55
N LEU I 64 -28.47 -42.19 9.30
CA LEU I 64 -27.33 -41.45 8.73
C LEU I 64 -27.68 -39.99 8.57
N ASN I 65 -26.71 -39.15 8.91
CA ASN I 65 -26.85 -37.70 8.78
C ASN I 65 -25.56 -37.12 8.20
N LYS I 66 -25.54 -36.89 6.89
CA LYS I 66 -24.32 -36.55 6.22
C LYS I 66 -23.88 -35.10 6.51
N ALA I 67 -24.80 -34.22 6.85
CA ALA I 67 -24.41 -32.85 7.04
C ALA I 67 -23.53 -32.79 8.29
N SER I 68 -24.04 -33.39 9.38
CA SER I 68 -23.37 -33.52 10.71
C SER I 68 -22.36 -34.66 10.82
N GLN I 69 -22.41 -35.60 9.90
CA GLN I 69 -21.42 -36.67 9.78
C GLN I 69 -21.42 -37.62 10.96
N TYR I 70 -22.54 -38.26 11.18
CA TYR I 70 -22.65 -39.39 12.11
C TYR I 70 -23.52 -40.47 11.48
N ILE I 71 -23.43 -41.71 11.98
CA ILE I 71 -24.41 -42.78 11.70
C ILE I 71 -24.67 -43.42 13.04
N SER I 72 -25.95 -43.48 13.43
CA SER I 72 -26.32 -44.29 14.59
C SER I 72 -26.89 -45.65 14.18
N LEU I 73 -26.80 -46.61 15.09
CA LEU I 73 -27.48 -47.87 14.96
C LEU I 73 -28.23 -48.11 16.26
N LEU I 74 -29.56 -48.33 16.18
CA LEU I 74 -30.40 -48.69 17.34
C LEU I 74 -30.85 -50.13 17.20
N ILE I 75 -30.71 -50.92 18.27
CA ILE I 75 -31.19 -52.27 18.32
C ILE I 75 -32.35 -52.33 19.27
N ARG I 76 -33.55 -52.47 18.74
CA ARG I 76 -34.76 -52.52 19.55
C ARG I 76 -34.87 -53.93 20.12
N ASP I 77 -35.40 -54.04 21.32
CA ASP I 77 -35.70 -55.32 21.90
C ASP I 77 -34.45 -56.18 22.12
N SER I 78 -33.41 -55.57 22.68
CA SER I 78 -32.09 -56.23 22.82
C SER I 78 -32.14 -57.62 23.39
N LYS I 79 -31.53 -58.58 22.69
CA LYS I 79 -31.41 -59.99 23.12
C LYS I 79 -30.01 -60.22 23.65
N LEU I 80 -29.78 -61.30 24.39
CA LEU I 80 -28.41 -61.63 24.83
C LEU I 80 -27.46 -61.86 23.68
N SER I 81 -27.91 -62.61 22.68
CA SER I 81 -27.12 -62.86 21.48
C SER I 81 -26.70 -61.61 20.68
N ASP I 82 -27.27 -60.44 21.02
CA ASP I 82 -26.80 -59.16 20.47
C ASP I 82 -25.54 -58.67 21.15
N SER I 83 -25.05 -59.34 22.18
CA SER I 83 -23.82 -58.92 22.82
C SER I 83 -22.67 -59.27 21.91
N ALA I 84 -21.89 -58.24 21.55
CA ALA I 84 -20.96 -58.29 20.45
C ALA I 84 -20.32 -56.95 20.31
N THR I 85 -19.28 -56.89 19.51
CA THR I 85 -18.68 -55.63 19.15
C THR I 85 -19.34 -55.19 17.85
N TYR I 86 -19.71 -53.92 17.73
CA TYR I 86 -20.35 -53.35 16.56
C TYR I 86 -19.33 -52.37 15.97
N LEU I 87 -18.89 -52.71 14.77
CA LEU I 87 -18.00 -51.88 14.00
C LEU I 87 -18.78 -51.15 12.93
N CYS I 88 -18.36 -49.93 12.69
CA CYS I 88 -18.93 -49.04 11.72
C CYS I 88 -17.89 -48.79 10.64
N ALA I 89 -18.28 -48.77 9.36
CA ALA I 89 -17.29 -48.62 8.27
C ALA I 89 -17.78 -47.67 7.21
N VAL I 90 -16.92 -46.80 6.68
CA VAL I 90 -17.30 -45.93 5.55
C VAL I 90 -16.40 -46.17 4.39
N ARG I 91 -17.02 -46.02 3.21
CA ARG I 91 -16.38 -46.10 1.90
C ARG I 91 -16.56 -44.75 1.28
N THR I 92 -15.46 -44.15 0.88
CA THR I 92 -15.40 -42.83 0.30
C THR I 92 -15.49 -42.99 -1.23
N ASN I 93 -15.88 -41.93 -1.95
CA ASN I 93 -15.96 -42.04 -3.42
C ASN I 93 -14.60 -42.11 -4.09
N SER I 94 -13.55 -41.81 -3.37
CA SER I 94 -12.23 -41.85 -3.95
C SER I 94 -11.72 -43.25 -4.20
N GLY I 95 -12.39 -44.29 -3.69
CA GLY I 95 -11.99 -45.64 -4.01
C GLY I 95 -12.85 -46.72 -3.41
N TYR I 96 -12.25 -47.89 -3.21
CA TYR I 96 -12.95 -49.12 -2.87
C TYR I 96 -12.65 -49.64 -1.48
N ALA I 97 -11.80 -48.97 -0.70
CA ALA I 97 -11.52 -49.44 0.66
C ALA I 97 -12.56 -49.03 1.69
N LEU I 98 -12.84 -49.92 2.61
CA LEU I 98 -13.62 -49.61 3.79
C LEU I 98 -12.68 -49.09 4.83
N ASN I 99 -13.10 -48.04 5.51
CA ASN I 99 -12.38 -47.48 6.67
C ASN I 99 -13.19 -47.73 7.97
N PHE I 100 -12.58 -48.33 9.00
CA PHE I 100 -13.35 -48.82 10.17
C PHE I 100 -13.16 -48.04 11.44
N GLY I 101 -14.12 -48.17 12.33
CA GLY I 101 -14.01 -47.66 13.70
C GLY I 101 -13.36 -48.69 14.57
N LYS I 102 -12.95 -48.31 15.76
CA LYS I 102 -12.48 -49.24 16.83
C LYS I 102 -13.42 -50.39 17.06
N GLY I 103 -14.69 -50.06 17.09
CA GLY I 103 -15.75 -50.98 17.49
C GLY I 103 -16.29 -50.55 18.83
N THR I 104 -17.59 -50.68 19.01
CA THR I 104 -18.18 -50.48 20.33
C THR I 104 -18.67 -51.84 20.83
N SER I 105 -18.13 -52.28 21.95
CA SER I 105 -18.57 -53.49 22.61
C SER I 105 -19.90 -53.25 23.34
N LEU I 106 -20.82 -54.18 23.16
CA LEU I 106 -22.17 -54.13 23.73
C LEU I 106 -22.31 -55.37 24.60
N LEU I 107 -22.55 -55.15 25.89
CA LEU I 107 -22.97 -56.22 26.78
C LEU I 107 -24.45 -55.99 27.00
N VAL I 108 -25.24 -57.02 26.69
CA VAL I 108 -26.62 -57.05 27.12
C VAL I 108 -26.62 -57.80 28.44
N THR I 109 -26.97 -57.06 29.50
CA THR I 109 -27.15 -57.56 30.84
C THR I 109 -28.53 -58.24 30.98
N PRO I 110 -28.53 -59.52 31.43
CA PRO I 110 -29.76 -60.30 31.55
C PRO I 110 -30.43 -60.07 32.88
N HIS I 111 -31.74 -60.20 32.88
CA HIS I 111 -32.54 -59.93 34.03
C HIS I 111 -32.68 -61.20 34.85
N ILE I 112 -32.27 -61.18 36.11
CA ILE I 112 -32.40 -62.34 36.98
C ILE I 112 -33.69 -62.18 37.72
N GLN I 113 -34.57 -63.17 37.66
CA GLN I 113 -35.89 -63.09 38.30
C GLN I 113 -35.73 -63.21 39.79
N LYS I 114 -35.16 -64.33 40.26
CA LYS I 114 -34.91 -64.56 41.72
C LYS I 114 -33.43 -64.72 42.04
N PRO I 115 -32.71 -63.60 42.25
CA PRO I 115 -31.29 -63.71 42.64
C PRO I 115 -31.10 -64.58 43.85
N ASP I 116 -29.98 -65.25 43.96
CA ASP I 116 -29.78 -66.29 44.99
C ASP I 116 -28.29 -66.48 45.20
N PRO I 117 -27.57 -65.35 45.42
CA PRO I 117 -26.12 -65.33 45.46
C PRO I 117 -25.54 -66.37 46.40
N ALA I 118 -24.53 -67.08 45.91
CA ALA I 118 -23.98 -68.26 46.57
C ALA I 118 -22.57 -68.51 46.02
N VAL I 119 -21.69 -68.94 46.92
CA VAL I 119 -20.32 -69.33 46.56
C VAL I 119 -20.19 -70.80 46.93
N TYR I 120 -20.01 -71.67 45.93
CA TYR I 120 -19.91 -73.11 46.17
C TYR I 120 -18.47 -73.54 45.99
N GLN I 121 -18.12 -74.70 46.53
CA GLN I 121 -16.80 -75.27 46.36
C GLN I 121 -17.00 -76.48 45.48
N LEU I 122 -16.11 -76.71 44.51
CA LEU I 122 -16.29 -77.86 43.61
C LEU I 122 -15.02 -78.70 43.54
N ARG I 123 -15.14 -80.02 43.70
CA ARG I 123 -13.93 -80.88 43.71
C ARG I 123 -13.58 -81.35 42.30
N ASP I 124 -12.31 -81.62 42.06
CA ASP I 124 -11.82 -82.04 40.72
C ASP I 124 -12.06 -83.53 40.48
N SER I 125 -12.51 -83.88 39.27
CA SER I 125 -12.76 -85.29 38.89
C SER I 125 -11.53 -86.22 39.06
N LYS I 126 -10.36 -85.76 38.63
CA LYS I 126 -9.12 -86.59 38.52
C LYS I 126 -8.23 -86.47 39.79
N SER I 127 -7.55 -85.33 39.95
CA SER I 127 -6.65 -85.10 41.08
C SER I 127 -7.55 -84.63 42.24
N SER I 128 -7.12 -84.99 43.44
CA SER I 128 -7.94 -84.95 44.66
C SER I 128 -7.80 -83.60 45.41
N ASP I 129 -6.57 -83.07 45.39
CA ASP I 129 -6.16 -81.90 46.19
C ASP I 129 -6.52 -80.55 45.55
N LYS I 130 -7.02 -80.60 44.30
CA LYS I 130 -7.50 -79.40 43.53
C LYS I 130 -8.88 -79.00 44.02
N SER I 131 -9.20 -77.72 43.80
CA SER I 131 -10.43 -77.09 44.29
C SER I 131 -10.63 -75.69 43.74
N VAL I 132 -11.85 -75.46 43.27
CA VAL I 132 -12.28 -74.24 42.61
C VAL I 132 -13.49 -73.69 43.34
N CYS I 133 -13.71 -72.38 43.24
CA CYS I 133 -14.86 -71.73 43.86
C CYS I 133 -15.71 -71.01 42.82
N LEU I 134 -17.01 -71.32 42.84
CA LEU I 134 -18.02 -70.82 41.93
C LEU I 134 -18.95 -69.88 42.67
N PHE I 135 -18.79 -68.59 42.40
CA PHE I 135 -19.76 -67.55 42.78
C PHE I 135 -20.83 -67.52 41.69
N THR I 136 -22.09 -67.76 42.06
CA THR I 136 -23.16 -67.85 41.07
C THR I 136 -24.53 -67.38 41.60
N ASP I 137 -25.48 -67.23 40.66
CA ASP I 137 -26.87 -66.81 40.90
C ASP I 137 -27.05 -65.38 41.49
N PHE I 138 -26.06 -64.51 41.30
CA PHE I 138 -26.19 -63.12 41.67
C PHE I 138 -26.84 -62.32 40.53
N ASP I 139 -27.41 -61.15 40.86
CA ASP I 139 -28.07 -60.32 39.85
C ASP I 139 -27.04 -59.50 39.11
N SER I 140 -27.40 -58.95 37.95
CA SER I 140 -26.41 -58.46 36.99
C SER I 140 -25.68 -57.18 37.45
N GLN I 141 -26.07 -56.66 38.61
CA GLN I 141 -25.55 -55.40 39.16
C GLN I 141 -24.41 -55.61 40.17
N THR I 142 -23.93 -56.85 40.28
CA THR I 142 -22.79 -57.18 41.13
C THR I 142 -21.54 -57.18 40.22
N ASN I 143 -20.58 -56.32 40.56
CA ASN I 143 -19.27 -56.33 39.91
C ASN I 143 -18.35 -57.29 40.67
N VAL I 144 -17.67 -58.16 39.93
CA VAL I 144 -16.67 -59.06 40.50
C VAL I 144 -15.31 -58.39 40.35
N SER I 145 -14.45 -58.48 41.35
CA SER I 145 -13.14 -57.82 41.30
C SER I 145 -12.04 -58.82 41.06
N GLN I 146 -10.96 -58.33 40.46
CA GLN I 146 -9.78 -59.14 40.32
C GLN I 146 -9.15 -59.31 41.73
N SER I 147 -8.26 -60.29 41.86
CA SER I 147 -7.67 -60.61 43.16
C SER I 147 -6.54 -59.68 43.53
N LYS I 148 -6.42 -59.38 44.83
CA LYS I 148 -5.23 -58.71 45.37
C LYS I 148 -4.00 -59.64 45.42
N ASP I 149 -4.22 -60.95 45.51
CA ASP I 149 -3.14 -61.93 45.61
C ASP I 149 -2.62 -62.39 44.25
N SER I 150 -1.29 -62.30 44.08
CA SER I 150 -0.57 -62.71 42.87
C SER I 150 -0.87 -64.14 42.38
N ASP I 151 -1.04 -65.10 43.29
CA ASP I 151 -1.31 -66.50 42.90
C ASP I 151 -2.75 -66.93 43.24
N VAL I 152 -3.71 -65.99 43.16
CA VAL I 152 -5.15 -66.34 43.21
C VAL I 152 -5.82 -65.75 41.98
N TYR I 153 -6.43 -66.61 41.17
CA TYR I 153 -6.98 -66.24 39.87
C TYR I 153 -8.49 -66.14 39.99
N ILE I 154 -9.06 -65.00 39.57
CA ILE I 154 -10.51 -64.77 39.61
C ILE I 154 -10.99 -64.23 38.24
N THR I 155 -11.93 -64.97 37.62
CA THR I 155 -12.41 -64.61 36.31
C THR I 155 -13.42 -63.51 36.41
N ASP I 156 -13.64 -62.83 35.31
CA ASP I 156 -14.71 -61.86 35.21
C ASP I 156 -16.03 -62.62 35.21
N LYS I 157 -17.10 -61.85 35.31
CA LYS I 157 -18.45 -62.30 35.17
C LYS I 157 -18.68 -62.88 33.77
N CYS I 158 -19.67 -63.77 33.67
CA CYS I 158 -20.15 -64.25 32.41
C CYS I 158 -21.57 -64.85 32.64
N VAL I 159 -22.40 -64.78 31.59
CA VAL I 159 -23.85 -65.12 31.62
C VAL I 159 -24.25 -66.32 30.70
N LEU I 160 -24.88 -67.35 31.28
CA LEU I 160 -25.46 -68.50 30.54
C LEU I 160 -26.99 -68.50 30.57
N ASP I 161 -27.57 -68.97 29.49
CA ASP I 161 -29.00 -68.99 29.23
C ASP I 161 -29.33 -70.50 29.09
N MET I 162 -29.95 -71.08 30.13
CA MET I 162 -30.46 -72.46 30.04
C MET I 162 -31.75 -72.45 29.20
N ARG I 163 -31.58 -72.29 27.89
CA ARG I 163 -32.66 -71.86 26.96
C ARG I 163 -34.06 -72.46 27.20
N SER I 164 -34.12 -73.77 27.53
CA SER I 164 -35.40 -74.52 27.50
C SER I 164 -36.41 -74.17 28.65
N MET I 165 -35.92 -73.76 29.84
CA MET I 165 -36.78 -73.11 30.91
C MET I 165 -36.45 -71.62 31.09
N ASP I 166 -36.18 -70.92 29.97
CA ASP I 166 -35.93 -69.46 29.90
C ASP I 166 -35.07 -68.89 31.07
N PHE I 167 -34.01 -69.60 31.47
CA PHE I 167 -33.29 -69.33 32.74
C PHE I 167 -31.81 -68.90 32.58
N LYS I 168 -31.50 -67.73 33.13
CA LYS I 168 -30.18 -67.08 32.95
C LYS I 168 -29.46 -66.93 34.30
N SER I 169 -28.13 -67.03 34.28
CA SER I 169 -27.34 -66.98 35.50
C SER I 169 -26.07 -66.21 35.29
N ASN I 170 -25.64 -65.49 36.30
CA ASN I 170 -24.31 -64.92 36.30
C ASN I 170 -23.41 -65.82 37.15
N SER I 171 -22.12 -65.86 36.80
CA SER I 171 -21.13 -66.65 37.52
C SER I 171 -19.75 -66.12 37.27
N ALA I 172 -18.88 -66.34 38.26
CA ALA I 172 -17.47 -66.12 38.13
C ALA I 172 -16.80 -67.19 38.96
N VAL I 173 -15.56 -67.46 38.62
CA VAL I 173 -14.81 -68.59 39.13
C VAL I 173 -13.56 -68.06 39.75
N ALA I 174 -13.18 -68.64 40.88
CA ALA I 174 -11.90 -68.36 41.50
C ALA I 174 -11.18 -69.67 41.79
N TRP I 175 -9.87 -69.65 41.72
CA TRP I 175 -9.07 -70.80 42.10
C TRP I 175 -7.65 -70.43 42.49
N SER I 176 -7.01 -71.28 43.28
CA SER I 176 -5.57 -71.15 43.53
C SER I 176 -4.87 -72.47 43.63
N ASN I 177 -3.55 -72.40 43.51
CA ASN I 177 -2.68 -73.54 43.74
C ASN I 177 -2.23 -73.57 45.22
N LYS I 178 -2.41 -72.45 45.94
CA LYS I 178 -1.80 -72.32 47.28
C LYS I 178 -2.62 -72.91 48.42
N SER I 179 -1.93 -73.68 49.29
CA SER I 179 -2.46 -74.22 50.58
C SER I 179 -3.53 -73.42 51.38
N ASP I 180 -3.21 -72.18 51.75
CA ASP I 180 -4.02 -71.30 52.63
C ASP I 180 -5.10 -70.44 51.89
N PHE I 181 -5.85 -71.08 50.99
CA PHE I 181 -6.96 -70.43 50.25
C PHE I 181 -8.19 -71.32 50.42
N ALA I 182 -9.38 -70.71 50.44
CA ALA I 182 -10.64 -71.42 50.56
C ALA I 182 -11.77 -70.49 50.17
N CYS I 183 -12.94 -71.07 49.95
CA CYS I 183 -14.00 -70.34 49.27
C CYS I 183 -14.63 -69.20 50.08
N ALA I 184 -14.54 -69.29 51.40
CA ALA I 184 -14.95 -68.17 52.26
C ALA I 184 -14.21 -66.84 51.99
N ASN I 185 -12.93 -66.90 51.68
CA ASN I 185 -12.08 -65.68 51.51
C ASN I 185 -11.87 -65.23 50.03
N ALA I 186 -12.35 -66.02 49.05
CA ALA I 186 -11.93 -65.86 47.66
C ALA I 186 -12.37 -64.55 46.98
N PHE I 187 -13.63 -64.18 47.17
CA PHE I 187 -14.20 -62.98 46.55
C PHE I 187 -14.24 -61.80 47.55
N ASN I 188 -13.16 -61.61 48.31
CA ASN I 188 -13.07 -60.59 49.36
C ASN I 188 -12.69 -59.17 48.90
N ASN I 189 -12.04 -59.06 47.75
CA ASN I 189 -11.80 -57.75 47.09
C ASN I 189 -13.03 -57.29 46.26
N SER I 190 -14.06 -58.15 46.15
CA SER I 190 -15.36 -57.81 45.58
C SER I 190 -16.31 -57.34 46.68
N ILE I 191 -17.22 -56.44 46.34
CA ILE I 191 -18.39 -56.18 47.18
C ILE I 191 -19.48 -57.20 46.80
N ILE I 192 -19.60 -58.21 47.69
CA ILE I 192 -20.56 -59.32 47.59
C ILE I 192 -21.91 -58.83 48.11
N PRO I 193 -22.99 -59.43 47.64
CA PRO I 193 -24.29 -59.16 48.30
C PRO I 193 -24.30 -59.64 49.77
N GLU I 194 -24.97 -58.90 50.64
CA GLU I 194 -24.79 -59.12 52.12
C GLU I 194 -25.17 -60.56 52.59
N ASP I 195 -26.28 -61.09 52.03
CA ASP I 195 -26.78 -62.43 52.34
C ASP I 195 -26.37 -63.47 51.28
N THR I 196 -25.10 -63.47 50.88
CA THR I 196 -24.56 -64.53 49.99
C THR I 196 -24.35 -65.87 50.73
N PHE I 197 -24.80 -66.99 50.15
CA PHE I 197 -24.70 -68.31 50.78
C PHE I 197 -23.28 -68.93 50.70
N PHE I 198 -22.76 -69.45 51.83
CA PHE I 198 -21.40 -70.02 51.95
C PHE I 198 -21.45 -71.34 52.79
N PRO I 199 -21.61 -72.49 52.12
CA PRO I 199 -21.59 -73.82 52.78
C PRO I 199 -20.23 -74.57 52.65
N SER I 200 -19.86 -75.43 53.60
CA SER I 200 -18.57 -76.17 53.46
C SER I 200 -18.71 -77.40 52.51
N PRO I 201 -17.66 -78.27 52.43
CA PRO I 201 -17.89 -79.73 52.20
C PRO I 201 -18.17 -80.51 53.49
N ALA J 1 -20.23 -71.87 -0.99
CA ALA J 1 -18.98 -72.31 -0.29
C ALA J 1 -18.60 -71.36 0.87
N GLY J 2 -18.81 -70.04 0.68
CA GLY J 2 -18.46 -69.00 1.67
C GLY J 2 -17.01 -68.63 1.53
N VAL J 3 -16.61 -67.50 2.11
CA VAL J 3 -15.21 -67.05 2.05
C VAL J 3 -14.41 -68.04 2.86
N THR J 4 -13.23 -68.44 2.39
CA THR J 4 -12.36 -69.31 3.20
C THR J 4 -10.96 -68.72 3.40
N GLN J 5 -10.31 -69.09 4.49
CA GLN J 5 -8.96 -68.67 4.75
C GLN J 5 -8.15 -69.79 5.35
N SER J 6 -6.84 -69.74 5.11
CA SER J 6 -5.92 -70.62 5.80
C SER J 6 -4.50 -70.08 5.86
N PRO J 7 -3.74 -70.47 6.90
CA PRO J 7 -4.23 -71.25 8.05
C PRO J 7 -5.16 -70.46 9.00
N THR J 8 -5.83 -71.14 9.91
CA THR J 8 -6.72 -70.47 10.85
C THR J 8 -5.89 -69.70 11.94
N HIS J 9 -4.77 -70.26 12.40
CA HIS J 9 -3.89 -69.61 13.36
C HIS J 9 -2.44 -69.86 12.97
N LEU J 10 -1.55 -69.00 13.42
CA LEU J 10 -0.12 -69.16 13.18
C LEU J 10 0.78 -68.62 14.25
N ILE J 11 1.86 -69.31 14.57
CA ILE J 11 2.85 -68.77 15.49
C ILE J 11 4.16 -68.61 14.75
N LYS J 12 4.69 -67.39 14.73
CA LYS J 12 5.98 -67.12 14.10
C LYS J 12 6.90 -66.39 15.03
N THR J 13 8.19 -66.65 14.98
CA THR J 13 9.12 -65.83 15.74
C THR J 13 9.44 -64.55 14.95
N ARG J 14 9.94 -63.54 15.65
CA ARG J 14 10.24 -62.22 15.09
C ARG J 14 11.29 -62.32 14.01
N GLY J 15 11.11 -61.55 12.94
CA GLY J 15 11.98 -61.60 11.78
C GLY J 15 11.69 -62.66 10.73
N GLN J 16 10.86 -63.65 11.07
CA GLN J 16 10.41 -64.65 10.07
C GLN J 16 9.50 -63.99 9.01
N GLN J 17 9.03 -64.81 8.05
CA GLN J 17 7.99 -64.40 7.08
C GLN J 17 6.88 -65.40 6.93
N VAL J 18 5.74 -64.92 6.45
CA VAL J 18 4.48 -65.62 6.55
C VAL J 18 3.71 -65.49 5.24
N THR J 19 2.77 -66.38 4.97
CA THR J 19 2.06 -66.29 3.73
C THR J 19 0.68 -66.79 3.94
N LEU J 20 -0.30 -65.89 3.96
CA LEU J 20 -1.68 -66.22 4.28
C LEU J 20 -2.49 -66.35 2.97
N ARG J 21 -3.43 -67.30 2.90
CA ARG J 21 -4.29 -67.52 1.76
C ARG J 21 -5.74 -67.19 2.02
N CYS J 22 -6.39 -66.68 0.99
CA CYS J 22 -7.79 -66.35 1.01
C CYS J 22 -8.47 -66.78 -0.29
N SER J 23 -9.56 -67.54 -0.21
CA SER J 23 -10.43 -67.75 -1.37
C SER J 23 -11.72 -66.97 -1.21
N PRO J 24 -12.13 -66.24 -2.27
CA PRO J 24 -13.39 -65.56 -2.15
C PRO J 24 -14.58 -66.48 -2.20
N LYS J 25 -15.70 -65.93 -1.79
CA LYS J 25 -16.99 -66.53 -1.97
C LYS J 25 -17.21 -66.90 -3.42
N GLN J 26 -17.94 -67.98 -3.67
CA GLN J 26 -18.31 -68.34 -5.02
C GLN J 26 -19.07 -67.15 -5.62
N GLY J 27 -18.77 -66.76 -6.86
CA GLY J 27 -19.41 -65.62 -7.51
C GLY J 27 -18.80 -64.25 -7.24
N HIS J 28 -17.78 -64.16 -6.37
CA HIS J 28 -17.04 -62.95 -6.11
C HIS J 28 -15.64 -63.07 -6.65
N ASP J 29 -15.07 -61.93 -7.00
CA ASP J 29 -13.80 -61.88 -7.71
C ASP J 29 -12.82 -60.84 -7.20
N THR J 30 -13.15 -60.07 -6.20
CA THR J 30 -12.28 -59.02 -5.69
C THR J 30 -11.96 -59.40 -4.28
N VAL J 31 -10.69 -59.32 -3.88
CA VAL J 31 -10.41 -59.49 -2.45
C VAL J 31 -9.66 -58.35 -1.88
N SER J 32 -10.09 -57.95 -0.70
CA SER J 32 -9.43 -56.94 0.07
C SER J 32 -8.82 -57.62 1.30
N TRP J 33 -7.64 -57.17 1.73
CA TRP J 33 -7.03 -57.66 2.97
C TRP J 33 -7.03 -56.60 4.01
N TYR J 34 -7.20 -57.02 5.27
CA TYR J 34 -7.27 -56.09 6.40
C TYR J 34 -6.52 -56.64 7.58
N GLN J 35 -5.88 -55.75 8.35
CA GLN J 35 -5.29 -56.14 9.62
C GLN J 35 -6.15 -55.69 10.80
N GLN J 36 -6.56 -56.62 11.65
CA GLN J 36 -7.30 -56.25 12.88
C GLN J 36 -6.47 -56.55 14.12
N ALA J 37 -5.98 -55.51 14.79
CA ALA J 37 -5.31 -55.64 16.07
C ALA J 37 -6.38 -55.79 17.12
N LEU J 38 -5.98 -56.38 18.24
CA LEU J 38 -6.94 -56.72 19.30
C LEU J 38 -7.65 -55.47 19.79
N GLY J 39 -8.98 -55.53 19.86
CA GLY J 39 -9.80 -54.44 20.40
C GLY J 39 -9.80 -53.18 19.56
N GLN J 40 -9.84 -53.35 18.24
CA GLN J 40 -9.46 -52.29 17.28
C GLN J 40 -10.17 -52.56 15.94
N GLY J 41 -10.23 -51.57 15.07
CA GLY J 41 -10.88 -51.75 13.75
C GLY J 41 -10.00 -52.36 12.64
N PRO J 42 -10.56 -53.13 11.72
CA PRO J 42 -9.76 -53.58 10.60
C PRO J 42 -9.14 -52.47 9.78
N GLN J 43 -7.82 -52.53 9.52
CA GLN J 43 -7.09 -51.56 8.70
C GLN J 43 -6.83 -52.15 7.32
N PHE J 44 -7.20 -51.41 6.27
CA PHE J 44 -7.10 -51.86 4.88
C PHE J 44 -5.63 -52.01 4.47
N ILE J 45 -5.26 -53.20 4.00
CA ILE J 45 -3.90 -53.42 3.55
C ILE J 45 -3.85 -53.18 2.04
N PHE J 46 -4.70 -53.89 1.29
CA PHE J 46 -4.86 -53.69 -0.15
C PHE J 46 -5.94 -54.55 -0.78
N GLN J 47 -6.34 -54.20 -2.00
CA GLN J 47 -7.40 -54.88 -2.74
C GLN J 47 -6.92 -55.38 -4.13
N TYR J 48 -7.36 -56.58 -4.48
CA TYR J 48 -6.90 -57.23 -5.67
C TYR J 48 -8.11 -57.50 -6.52
N TYR J 49 -8.00 -57.20 -7.80
CA TYR J 49 -9.06 -57.43 -8.78
C TYR J 49 -8.41 -57.65 -10.13
N GLU J 50 -8.85 -58.71 -10.82
CA GLU J 50 -8.31 -59.06 -12.16
C GLU J 50 -6.83 -59.31 -12.08
N GLU J 51 -6.42 -59.97 -11.01
CA GLU J 51 -5.03 -60.29 -10.72
C GLU J 51 -4.09 -59.11 -10.51
N GLU J 52 -4.59 -57.98 -10.00
CA GLU J 52 -3.74 -56.80 -9.81
C GLU J 52 -4.07 -56.05 -8.56
N GLU J 53 -3.04 -55.49 -7.93
CA GLU J 53 -3.21 -54.61 -6.79
C GLU J 53 -3.94 -53.37 -7.22
N ARG J 54 -5.25 -53.45 -7.14
CA ARG J 54 -6.18 -52.36 -7.44
C ARG J 54 -6.00 -51.10 -6.63
N GLN J 55 -5.68 -51.22 -5.34
CA GLN J 55 -5.66 -50.11 -4.40
C GLN J 55 -4.91 -50.54 -3.15
N ARG J 56 -4.13 -49.62 -2.59
CA ARG J 56 -3.20 -49.91 -1.50
C ARG J 56 -3.49 -49.05 -0.28
N GLY J 57 -3.24 -49.58 0.91
CA GLY J 57 -3.42 -48.89 2.19
C GLY J 57 -2.11 -48.22 2.57
N ASN J 58 -1.95 -47.87 3.84
CA ASN J 58 -0.79 -47.10 4.29
C ASN J 58 0.28 -48.03 4.85
N PHE J 59 0.28 -49.35 4.58
CA PHE J 59 1.25 -50.34 5.11
C PHE J 59 2.51 -50.36 4.31
N PRO J 60 3.66 -50.67 4.90
CA PRO J 60 4.95 -50.65 4.24
C PRO J 60 5.23 -51.84 3.31
N ASP J 61 6.35 -51.71 2.57
CA ASP J 61 6.87 -52.66 1.54
C ASP J 61 6.71 -54.10 1.97
N ARG J 62 7.18 -54.40 3.18
CA ARG J 62 7.09 -55.74 3.78
C ARG J 62 5.82 -56.52 3.50
N PHE J 63 4.70 -55.82 3.35
CA PHE J 63 3.42 -56.42 3.00
C PHE J 63 3.24 -56.37 1.48
N SER J 64 3.27 -57.55 0.87
CA SER J 64 3.03 -57.73 -0.57
C SER J 64 1.90 -58.73 -0.75
N GLY J 65 1.28 -58.71 -1.92
CA GLY J 65 0.14 -59.59 -2.21
C GLY J 65 0.13 -60.14 -3.61
N HIS J 66 -0.74 -61.11 -3.85
CA HIS J 66 -1.03 -61.64 -5.17
C HIS J 66 -2.45 -62.14 -5.28
N GLN J 67 -3.02 -62.06 -6.47
CA GLN J 67 -4.27 -62.74 -6.77
C GLN J 67 -4.05 -63.57 -7.99
N PHE J 68 -4.51 -64.81 -7.93
CA PHE J 68 -4.29 -65.81 -8.93
C PHE J 68 -5.45 -65.67 -9.96
N PRO J 69 -5.42 -66.43 -11.09
CA PRO J 69 -6.52 -66.47 -12.05
C PRO J 69 -7.88 -67.08 -11.64
N ASN J 70 -7.91 -68.13 -10.79
CA ASN J 70 -9.14 -68.41 -9.99
C ASN J 70 -9.09 -67.22 -9.10
N TYR J 71 -10.12 -66.69 -8.50
CA TYR J 71 -9.85 -65.35 -7.94
C TYR J 71 -9.25 -65.30 -6.54
N SER J 72 -8.59 -66.37 -6.10
CA SER J 72 -8.03 -66.49 -4.75
C SER J 72 -6.81 -65.61 -4.58
N SER J 73 -6.37 -65.38 -3.35
CA SER J 73 -5.35 -64.38 -3.06
C SER J 73 -4.33 -64.83 -1.99
N GLU J 74 -3.16 -64.21 -1.97
CA GLU J 74 -2.12 -64.50 -0.99
C GLU J 74 -1.63 -63.19 -0.47
N LEU J 75 -1.42 -63.13 0.83
CA LEU J 75 -0.80 -62.02 1.58
C LEU J 75 0.50 -62.55 2.17
N ASN J 76 1.62 -62.00 1.75
CA ASN J 76 2.95 -62.30 2.30
C ASN J 76 3.33 -61.11 3.17
N VAL J 77 3.77 -61.37 4.39
CA VAL J 77 4.44 -60.36 5.16
C VAL J 77 5.84 -60.88 5.42
N ASN J 78 6.89 -60.07 5.29
CA ASN J 78 8.19 -60.45 5.86
C ASN J 78 8.79 -59.48 6.88
N ALA J 79 9.91 -59.89 7.49
CA ALA J 79 10.51 -59.14 8.59
C ALA J 79 9.44 -58.88 9.66
N LEU J 80 8.83 -59.98 10.13
CA LEU J 80 7.78 -59.88 11.14
C LEU J 80 8.28 -59.14 12.38
N LEU J 81 7.43 -58.24 12.87
CA LEU J 81 7.64 -57.59 14.18
C LEU J 81 6.67 -58.19 15.18
N LEU J 82 6.95 -58.01 16.47
CA LEU J 82 5.98 -58.43 17.52
C LEU J 82 4.67 -57.70 17.29
N GLY J 83 4.78 -56.44 16.89
CA GLY J 83 3.61 -55.65 16.56
C GLY J 83 2.74 -56.12 15.41
N ASP J 84 3.17 -57.07 14.60
CA ASP J 84 2.30 -57.64 13.54
C ASP J 84 1.28 -58.65 14.02
N SER J 85 1.31 -59.01 15.30
CA SER J 85 0.33 -59.91 15.86
C SER J 85 -1.09 -59.37 15.69
N ALA J 86 -1.93 -60.11 14.96
CA ALA J 86 -3.26 -59.63 14.63
C ALA J 86 -4.13 -60.69 13.96
N LEU J 87 -5.40 -60.32 13.73
CA LEU J 87 -6.35 -61.11 12.95
C LEU J 87 -6.23 -60.59 11.56
N TYR J 88 -5.72 -61.39 10.65
CA TYR J 88 -5.59 -60.97 9.26
C TYR J 88 -6.86 -61.42 8.58
N LEU J 89 -7.69 -60.45 8.27
CA LEU J 89 -8.97 -60.70 7.61
C LEU J 89 -8.92 -60.47 6.13
N CYS J 90 -9.58 -61.36 5.44
CA CYS J 90 -9.76 -61.27 4.03
C CYS J 90 -11.24 -61.02 3.75
N ALA J 91 -11.53 -60.15 2.79
CA ALA J 91 -12.95 -59.89 2.47
C ALA J 91 -13.19 -59.94 0.97
N SER J 92 -14.29 -60.57 0.59
CA SER J 92 -14.61 -60.73 -0.81
C SER J 92 -15.79 -59.91 -1.22
N SER J 93 -15.85 -59.58 -2.53
CA SER J 93 -16.95 -58.84 -3.13
C SER J 93 -17.10 -59.13 -4.64
N ASP J 94 -18.30 -58.90 -5.15
CA ASP J 94 -18.59 -58.89 -6.57
C ASP J 94 -18.41 -57.45 -7.04
N THR J 95 -18.59 -57.18 -8.32
CA THR J 95 -18.54 -55.83 -8.88
C THR J 95 -19.97 -55.37 -9.27
N VAL J 96 -20.97 -55.82 -8.52
CA VAL J 96 -22.36 -55.46 -8.71
C VAL J 96 -22.87 -54.66 -7.48
N SER J 97 -22.93 -55.27 -6.29
CA SER J 97 -23.23 -54.50 -5.08
C SER J 97 -22.00 -53.81 -4.43
N TYR J 98 -20.84 -54.35 -4.74
CA TYR J 98 -19.58 -54.06 -4.06
C TYR J 98 -19.56 -54.28 -2.54
N GLU J 99 -20.51 -55.03 -1.98
CA GLU J 99 -20.57 -55.25 -0.55
C GLU J 99 -19.43 -56.16 -0.17
N GLN J 100 -18.66 -55.82 0.87
CA GLN J 100 -17.51 -56.64 1.31
C GLN J 100 -17.91 -57.60 2.43
N TYR J 101 -17.63 -58.90 2.26
CA TYR J 101 -17.95 -60.00 3.22
C TYR J 101 -16.69 -60.65 3.73
N PHE J 102 -16.52 -60.74 5.04
CA PHE J 102 -15.28 -61.24 5.62
C PHE J 102 -15.27 -62.76 5.77
N GLY J 103 -14.07 -63.33 5.68
CA GLY J 103 -13.85 -64.72 6.02
C GLY J 103 -13.53 -64.84 7.48
N PRO J 104 -13.36 -66.08 8.00
CA PRO J 104 -12.71 -66.24 9.31
C PRO J 104 -11.34 -65.69 9.03
N GLY J 105 -10.45 -65.57 9.95
CA GLY J 105 -9.18 -64.93 9.54
C GLY J 105 -8.04 -65.91 9.64
N THR J 106 -6.84 -65.36 9.62
CA THR J 106 -5.68 -66.07 10.07
C THR J 106 -5.25 -65.27 11.31
N ARG J 107 -5.21 -65.92 12.48
CA ARG J 107 -4.67 -65.29 13.66
C ARG J 107 -3.18 -65.54 13.76
N LEU J 108 -2.41 -64.48 13.56
CA LEU J 108 -0.97 -64.48 13.72
C LEU J 108 -0.61 -64.04 15.15
N THR J 109 0.24 -64.83 15.81
CA THR J 109 0.95 -64.37 17.02
C THR J 109 2.43 -64.48 16.69
N VAL J 110 3.12 -63.34 16.78
CA VAL J 110 4.56 -63.27 16.60
C VAL J 110 5.15 -63.18 18.00
N THR J 111 5.93 -64.16 18.38
CA THR J 111 6.45 -64.25 19.73
C THR J 111 7.95 -64.16 19.67
N GLU J 112 8.58 -63.90 20.81
CA GLU J 112 10.03 -63.87 20.91
C GLU J 112 10.67 -65.18 20.57
N ASP J 113 10.07 -66.25 21.06
CA ASP J 113 10.77 -67.51 21.14
C ASP J 113 9.76 -68.64 21.22
N LEU J 114 9.98 -69.74 20.49
CA LEU J 114 9.00 -70.85 20.43
C LEU J 114 8.92 -71.70 21.69
N LYS J 115 9.94 -71.62 22.52
CA LYS J 115 9.90 -72.18 23.87
C LYS J 115 8.90 -71.50 24.81
N ASN J 116 8.23 -70.44 24.38
CA ASN J 116 7.10 -69.85 25.10
C ASN J 116 5.78 -70.63 24.88
N VAL J 117 5.71 -71.51 23.87
CA VAL J 117 4.47 -72.17 23.45
C VAL J 117 4.14 -73.42 24.31
N PHE J 118 2.92 -73.46 24.83
CA PHE J 118 2.49 -74.45 25.82
C PHE J 118 1.05 -74.78 25.54
N PRO J 119 0.70 -76.07 25.50
CA PRO J 119 -0.70 -76.39 25.37
C PRO J 119 -1.39 -76.24 26.71
N PRO J 120 -2.72 -76.40 26.76
CA PRO J 120 -3.43 -76.27 28.04
C PRO J 120 -3.51 -77.57 28.78
N GLU J 121 -3.49 -77.49 30.10
CA GLU J 121 -4.01 -78.54 30.97
C GLU J 121 -5.49 -78.22 31.20
N VAL J 122 -6.36 -79.23 31.17
CA VAL J 122 -7.78 -79.03 31.23
C VAL J 122 -8.32 -79.90 32.31
N ALA J 123 -9.28 -79.36 33.04
CA ALA J 123 -9.85 -80.05 34.21
C ALA J 123 -11.33 -79.71 34.30
N VAL J 124 -12.08 -80.71 34.76
CA VAL J 124 -13.50 -80.56 35.01
C VAL J 124 -13.76 -80.69 36.47
N PHE J 125 -14.58 -79.79 36.98
CA PHE J 125 -14.95 -79.79 38.37
C PHE J 125 -16.42 -80.14 38.42
N GLU J 126 -16.74 -81.06 39.32
CA GLU J 126 -18.07 -81.56 39.44
C GLU J 126 -18.87 -80.67 40.39
N PRO J 127 -20.14 -80.41 40.06
CA PRO J 127 -20.99 -79.52 40.82
C PRO J 127 -21.09 -79.90 42.30
N SER J 128 -21.25 -78.91 43.16
CA SER J 128 -21.31 -79.16 44.60
C SER J 128 -22.66 -79.74 44.95
N GLU J 129 -22.67 -80.65 45.93
CA GLU J 129 -23.92 -81.25 46.40
C GLU J 129 -24.81 -80.21 47.13
N ALA J 130 -24.19 -79.09 47.56
CA ALA J 130 -24.90 -77.90 48.09
C ALA J 130 -25.72 -77.21 47.05
N GLU J 131 -25.09 -76.93 45.91
CA GLU J 131 -25.81 -76.35 44.78
C GLU J 131 -26.99 -77.23 44.35
N ILE J 132 -26.81 -78.55 44.35
CA ILE J 132 -27.85 -79.44 43.88
C ILE J 132 -29.08 -79.41 44.81
N SER J 133 -28.85 -79.42 46.12
CA SER J 133 -29.98 -79.38 47.05
C SER J 133 -30.63 -78.00 47.17
N HIS J 134 -29.87 -76.94 46.87
CA HIS J 134 -30.31 -75.56 47.07
C HIS J 134 -31.02 -74.93 45.87
N THR J 135 -30.74 -75.41 44.67
CA THR J 135 -31.33 -74.85 43.44
C THR J 135 -31.90 -75.85 42.44
N GLN J 136 -31.74 -77.15 42.68
CA GLN J 136 -32.13 -78.22 41.72
C GLN J 136 -31.44 -78.04 40.35
N LYS J 137 -30.25 -77.45 40.38
CA LYS J 137 -29.45 -77.22 39.19
C LYS J 137 -28.02 -77.56 39.53
N ALA J 138 -27.25 -77.95 38.53
CA ALA J 138 -25.92 -78.47 38.72
C ALA J 138 -25.00 -77.80 37.73
N THR J 139 -23.92 -77.16 38.22
CA THR J 139 -22.97 -76.42 37.38
C THR J 139 -21.64 -77.16 37.34
N LEU J 140 -21.21 -77.65 36.20
CA LEU J 140 -19.86 -78.20 36.07
C LEU J 140 -19.00 -77.03 35.64
N VAL J 141 -17.78 -76.86 36.17
CA VAL J 141 -16.86 -75.91 35.52
C VAL J 141 -15.72 -76.62 34.87
N CYS J 142 -15.27 -76.04 33.77
CA CYS J 142 -14.09 -76.44 33.09
C CYS J 142 -13.05 -75.36 33.17
N LEU J 143 -11.80 -75.77 33.22
CA LEU J 143 -10.70 -74.87 33.52
C LEU J 143 -9.47 -75.26 32.71
N ALA J 144 -9.14 -74.43 31.75
CA ALA J 144 -7.99 -74.66 30.89
C ALA J 144 -6.93 -73.73 31.43
N THR J 145 -5.73 -74.22 31.65
CA THR J 145 -4.66 -73.41 32.26
C THR J 145 -3.26 -73.66 31.68
N GLY J 146 -2.40 -72.68 31.88
CA GLY J 146 -1.00 -72.75 31.50
C GLY J 146 -0.70 -72.69 30.03
N PHE J 147 -1.63 -72.25 29.20
CA PHE J 147 -1.43 -72.29 27.77
C PHE J 147 -0.93 -70.96 27.22
N TYR J 148 -0.15 -71.04 26.16
CA TYR J 148 0.26 -69.88 25.39
C TYR J 148 0.45 -70.37 23.96
N PRO J 149 -0.07 -69.68 22.94
CA PRO J 149 -0.70 -68.37 23.02
C PRO J 149 -2.23 -68.41 23.22
N ASP J 150 -2.85 -67.24 23.35
CA ASP J 150 -4.13 -67.16 23.99
C ASP J 150 -5.33 -67.45 23.14
N HIS J 151 -5.20 -67.86 21.88
CA HIS J 151 -6.39 -68.32 21.20
C HIS J 151 -6.56 -69.90 21.23
N VAL J 152 -7.71 -70.26 21.78
CA VAL J 152 -8.20 -71.63 21.91
C VAL J 152 -9.72 -71.60 21.74
N GLU J 153 -10.32 -72.76 21.48
CA GLU J 153 -11.78 -72.89 21.34
C GLU J 153 -12.22 -73.98 22.30
N LEU J 154 -12.97 -73.58 23.31
CA LEU J 154 -13.45 -74.47 24.36
C LEU J 154 -14.89 -74.79 24.09
N SER J 155 -15.22 -76.05 24.17
CA SER J 155 -16.58 -76.50 23.91
C SER J 155 -17.00 -77.62 24.87
N TRP J 156 -18.30 -77.71 25.12
CA TRP J 156 -18.84 -78.77 25.94
C TRP J 156 -19.54 -79.80 25.08
N TRP J 157 -19.36 -81.08 25.44
CA TRP J 157 -19.99 -82.23 24.75
C TRP J 157 -20.72 -83.10 25.77
N VAL J 158 -21.95 -83.48 25.48
CA VAL J 158 -22.69 -84.35 26.35
C VAL J 158 -23.12 -85.56 25.54
N ASN J 159 -22.86 -86.73 26.08
CA ASN J 159 -23.06 -87.97 25.37
C ASN J 159 -22.51 -87.95 23.93
N GLY J 160 -21.37 -87.31 23.72
CA GLY J 160 -20.72 -87.29 22.42
C GLY J 160 -21.21 -86.26 21.40
N LYS J 161 -22.09 -85.36 21.85
CA LYS J 161 -22.65 -84.38 20.95
C LYS J 161 -22.41 -83.02 21.59
N GLU J 162 -22.03 -82.00 20.79
CA GLU J 162 -21.70 -80.68 21.33
C GLU J 162 -22.96 -79.97 21.73
N VAL J 163 -22.93 -79.31 22.87
CA VAL J 163 -24.08 -78.55 23.35
C VAL J 163 -23.76 -77.06 23.49
N HIS J 164 -24.80 -76.24 23.36
CA HIS J 164 -24.74 -74.79 23.49
C HIS J 164 -25.64 -74.20 24.59
N SER J 165 -26.85 -74.72 24.77
CA SER J 165 -27.68 -74.37 25.92
C SER J 165 -26.90 -74.64 27.20
N GLY J 166 -27.06 -73.74 28.18
CA GLY J 166 -26.40 -73.89 29.46
C GLY J 166 -24.91 -73.65 29.53
N VAL J 167 -24.29 -73.13 28.48
CA VAL J 167 -22.87 -72.87 28.48
C VAL J 167 -22.61 -71.40 28.63
N CYS J 168 -21.60 -71.05 29.42
CA CYS J 168 -20.98 -69.75 29.26
C CYS J 168 -19.49 -69.78 29.48
N THR J 169 -18.73 -69.14 28.59
CA THR J 169 -17.27 -69.10 28.60
C THR J 169 -16.71 -67.69 28.75
N ASP J 170 -15.68 -67.53 29.56
CA ASP J 170 -15.03 -66.24 29.73
C ASP J 170 -14.79 -65.64 28.37
N PRO J 171 -15.32 -64.46 28.09
CA PRO J 171 -15.08 -63.94 26.77
C PRO J 171 -13.59 -63.70 26.46
N GLN J 172 -12.75 -63.44 27.46
CA GLN J 172 -11.28 -63.33 27.27
C GLN J 172 -10.54 -64.23 28.25
N PRO J 173 -9.36 -64.74 27.87
CA PRO J 173 -8.57 -65.52 28.84
C PRO J 173 -7.82 -64.62 29.82
N LEU J 174 -7.47 -65.09 31.02
CA LEU J 174 -6.69 -64.25 31.96
C LEU J 174 -5.21 -64.57 31.91
N LYS J 175 -4.35 -63.57 32.02
CA LYS J 175 -2.90 -63.79 32.16
C LYS J 175 -2.51 -64.27 33.54
N GLU J 176 -1.61 -65.24 33.62
CA GLU J 176 -1.19 -65.77 34.91
C GLU J 176 -0.05 -64.97 35.58
N GLN J 177 0.88 -64.49 34.74
CA GLN J 177 1.91 -63.54 35.12
C GLN J 177 1.62 -62.23 34.35
N PRO J 178 0.64 -61.42 34.82
CA PRO J 178 0.30 -60.19 34.07
C PRO J 178 1.48 -59.25 33.69
N ALA J 179 2.57 -59.24 34.46
CA ALA J 179 3.74 -58.42 34.13
C ALA J 179 4.52 -58.88 32.85
N LEU J 180 4.56 -60.19 32.61
CA LEU J 180 5.34 -60.74 31.49
C LEU J 180 4.65 -60.55 30.14
N ASN J 181 5.45 -60.12 29.15
CA ASN J 181 5.14 -60.14 27.71
C ASN J 181 4.78 -61.52 27.17
N ASP J 182 5.47 -62.55 27.66
CA ASP J 182 5.29 -63.95 27.26
C ASP J 182 4.31 -64.74 28.18
N SER J 183 3.64 -64.06 29.11
CA SER J 183 2.80 -64.72 30.10
C SER J 183 1.89 -65.77 29.52
N ARG J 184 1.67 -66.83 30.28
CA ARG J 184 0.66 -67.82 29.97
C ARG J 184 -0.72 -67.45 30.48
N TYR J 185 -1.70 -68.19 29.96
CA TYR J 185 -3.11 -67.86 29.98
C TYR J 185 -3.96 -68.93 30.63
N ALA J 186 -5.08 -68.51 31.19
CA ALA J 186 -6.13 -69.39 31.71
C ALA J 186 -7.49 -68.93 31.21
N LEU J 187 -8.46 -69.83 31.28
CA LEU J 187 -9.79 -69.60 30.77
C LEU J 187 -10.74 -70.57 31.46
N SER J 188 -11.97 -70.17 31.75
CA SER J 188 -12.93 -71.09 32.34
C SER J 188 -14.16 -71.17 31.49
N SER J 189 -14.92 -72.24 31.64
CA SER J 189 -16.29 -72.27 31.09
C SER J 189 -17.18 -73.00 32.08
N ARG J 190 -18.48 -72.77 31.98
CA ARG J 190 -19.42 -73.44 32.85
C ARG J 190 -20.46 -74.11 31.99
N LEU J 191 -20.88 -75.31 32.40
CA LEU J 191 -22.06 -75.95 31.81
C LEU J 191 -23.00 -76.14 32.96
N ARG J 192 -24.24 -75.68 32.80
CA ARG J 192 -25.27 -75.83 33.83
C ARG J 192 -26.45 -76.67 33.34
N VAL J 193 -26.78 -77.66 34.13
CA VAL J 193 -27.80 -78.64 33.76
C VAL J 193 -28.65 -78.89 34.99
N SER J 194 -29.78 -79.55 34.78
CA SER J 194 -30.72 -79.77 35.85
C SER J 194 -30.07 -80.81 36.75
N ALA J 195 -30.31 -80.70 38.05
CA ALA J 195 -29.87 -81.72 38.98
C ALA J 195 -30.28 -83.11 38.50
N THR J 196 -31.51 -83.27 38.05
CA THR J 196 -31.89 -84.61 37.58
C THR J 196 -31.00 -85.11 36.43
N PHE J 197 -30.63 -84.20 35.51
CA PHE J 197 -29.84 -84.58 34.32
C PHE J 197 -28.40 -84.99 34.70
N TRP J 198 -27.82 -84.27 35.67
CA TRP J 198 -26.54 -84.64 36.22
C TRP J 198 -26.60 -85.88 37.11
N GLN J 199 -27.71 -86.09 37.82
CA GLN J 199 -27.82 -87.23 38.74
C GLN J 199 -27.90 -88.59 38.05
N ASP J 200 -28.34 -88.58 36.79
CA ASP J 200 -28.28 -89.76 35.93
C ASP J 200 -26.83 -90.16 35.61
N PRO J 201 -26.34 -91.28 36.18
CA PRO J 201 -24.93 -91.71 35.91
C PRO J 201 -24.57 -92.25 34.52
N ARG J 202 -25.55 -92.35 33.61
CA ARG J 202 -25.28 -92.69 32.18
C ARG J 202 -24.86 -91.49 31.35
N ASN J 203 -25.18 -90.29 31.82
CA ASN J 203 -24.78 -89.07 31.16
C ASN J 203 -23.32 -88.72 31.39
N HIS J 204 -22.67 -88.38 30.28
CA HIS J 204 -21.24 -88.18 30.22
C HIS J 204 -20.90 -86.75 29.74
N PHE J 205 -19.98 -86.09 30.41
CA PHE J 205 -19.74 -84.66 30.16
C PHE J 205 -18.31 -84.50 29.82
N ARG J 206 -18.01 -83.93 28.67
CA ARG J 206 -16.65 -83.68 28.27
C ARG J 206 -16.50 -82.21 27.97
N CYS J 207 -15.51 -81.63 28.61
CA CYS J 207 -15.02 -80.32 28.29
C CYS J 207 -13.85 -80.49 27.34
N GLN J 208 -13.80 -79.70 26.27
CA GLN J 208 -12.84 -79.91 25.17
C GLN J 208 -12.18 -78.58 24.84
N VAL J 209 -10.83 -78.55 24.75
CA VAL J 209 -10.17 -77.33 24.33
C VAL J 209 -9.36 -77.59 23.10
N GLN J 210 -9.70 -76.90 22.02
CA GLN J 210 -8.89 -76.89 20.81
C GLN J 210 -7.80 -75.85 21.04
N PHE J 211 -6.54 -76.26 20.95
CA PHE J 211 -5.38 -75.39 21.10
C PHE J 211 -4.73 -75.27 19.75
N TYR J 212 -4.32 -74.04 19.39
CA TYR J 212 -3.60 -73.83 18.15
C TYR J 212 -2.14 -73.52 18.46
N GLY J 213 -1.25 -74.35 17.92
CA GLY J 213 0.11 -74.37 18.35
C GLY J 213 1.02 -74.41 17.16
N LEU J 214 2.09 -75.19 17.25
CA LEU J 214 3.11 -75.20 16.23
C LEU J 214 2.74 -76.11 15.04
N SER J 215 3.26 -75.76 13.87
CA SER J 215 3.05 -76.57 12.68
C SER J 215 4.03 -77.76 12.69
N GLU J 216 3.92 -78.61 11.67
CA GLU J 216 4.97 -79.62 11.36
C GLU J 216 6.34 -78.97 11.05
N ASN J 217 6.35 -77.88 10.26
CA ASN J 217 7.59 -77.06 9.97
C ASN J 217 8.55 -77.01 11.17
N ASP J 218 7.99 -76.67 12.32
CA ASP J 218 8.73 -76.03 13.41
C ASP J 218 9.64 -77.00 14.12
N GLU J 219 10.83 -76.53 14.43
CA GLU J 219 11.88 -77.34 15.02
C GLU J 219 11.61 -77.46 16.53
N TRP J 220 11.84 -78.63 17.13
CA TRP J 220 11.57 -78.84 18.57
C TRP J 220 12.57 -79.77 19.26
N THR J 221 13.33 -79.25 20.21
CA THR J 221 14.37 -80.03 20.88
C THR J 221 14.08 -80.38 22.36
N GLN J 222 13.05 -79.81 22.94
CA GLN J 222 12.70 -80.07 24.35
C GLN J 222 12.20 -81.48 24.64
N ASP J 223 12.27 -81.85 25.92
CA ASP J 223 11.75 -83.12 26.42
C ASP J 223 10.24 -83.19 26.36
N ARG J 224 9.53 -82.11 26.70
CA ARG J 224 8.07 -82.16 26.65
C ARG J 224 7.59 -82.26 25.22
N ALA J 225 6.39 -82.82 25.07
CA ALA J 225 5.83 -83.06 23.78
C ALA J 225 5.70 -81.75 23.00
N LYS J 226 6.00 -81.81 21.69
CA LYS J 226 5.94 -80.64 20.82
C LYS J 226 4.51 -80.09 20.90
N PRO J 227 4.35 -78.83 21.34
CA PRO J 227 3.05 -78.24 21.56
C PRO J 227 2.39 -77.87 20.26
N VAL J 228 2.04 -78.91 19.50
CA VAL J 228 1.37 -78.76 18.22
C VAL J 228 -0.09 -78.48 18.45
N THR J 229 -0.76 -78.10 17.37
CA THR J 229 -2.22 -78.01 17.33
C THR J 229 -2.80 -79.40 17.74
N GLN J 230 -3.75 -79.34 18.67
CA GLN J 230 -4.26 -80.54 19.35
C GLN J 230 -5.47 -80.16 20.18
N ILE J 231 -6.28 -81.17 20.55
CA ILE J 231 -7.37 -81.01 21.52
C ILE J 231 -7.02 -81.66 22.85
N VAL J 232 -7.24 -80.94 23.94
CA VAL J 232 -7.06 -81.48 25.31
C VAL J 232 -8.47 -81.44 25.91
N SER J 233 -9.01 -82.60 26.29
CA SER J 233 -10.31 -82.67 26.94
C SER J 233 -10.23 -83.33 28.29
N ALA J 234 -11.25 -83.11 29.10
CA ALA J 234 -11.37 -83.62 30.46
C ALA J 234 -12.84 -83.98 30.66
N GLU J 235 -13.13 -84.91 31.56
CA GLU J 235 -14.46 -85.46 31.56
C GLU J 235 -14.97 -85.82 32.96
N ALA J 236 -16.23 -86.23 32.99
CA ALA J 236 -16.97 -86.53 34.19
C ALA J 236 -18.23 -87.31 33.74
N TRP J 237 -18.73 -88.16 34.63
CA TRP J 237 -20.03 -88.82 34.49
C TRP J 237 -20.94 -88.40 35.63
N GLY J 238 -22.24 -88.53 35.44
CA GLY J 238 -23.22 -88.20 36.48
C GLY J 238 -22.97 -89.00 37.75
N ARG J 239 -23.16 -88.37 38.92
CA ARG J 239 -23.06 -89.08 40.24
C ARG J 239 -24.55 -89.15 40.70
N ALA J 240 -24.96 -90.34 41.14
CA ALA J 240 -26.31 -90.59 41.65
C ALA J 240 -26.41 -90.16 43.09
C1 EDO K . 8.00 25.17 -18.65
O1 EDO K . 6.98 25.20 -19.65
C2 EDO K . 8.48 23.75 -18.34
O2 EDO K . 9.68 23.77 -17.54
C1 GOL L . -10.97 43.06 11.52
O1 GOL L . -11.28 43.27 10.13
C2 GOL L . -10.46 41.63 11.75
O2 GOL L . -10.20 41.41 13.15
C3 GOL L . -11.43 40.61 11.13
O3 GOL L . -11.45 39.36 11.83
S SO4 M . -26.94 10.06 11.46
O1 SO4 M . -25.84 10.58 10.61
O2 SO4 M . -27.29 11.13 12.41
O3 SO4 M . -28.17 9.75 10.68
O4 SO4 M . -26.49 8.83 12.15
S SO4 N . -20.19 -2.44 -8.47
O1 SO4 N . -19.11 -1.87 -9.30
O2 SO4 N . -20.90 -1.33 -7.79
O3 SO4 N . -21.13 -3.15 -9.38
O4 SO4 N . -19.66 -3.37 -7.45
S SO4 O . 20.79 39.75 14.89
O1 SO4 O . 21.74 38.79 15.49
O2 SO4 O . 21.34 41.13 14.98
O3 SO4 O . 20.63 39.43 13.45
O4 SO4 O . 19.46 39.64 15.54
S SO4 P . 1.43 48.61 3.55
O1 SO4 P . 2.44 49.08 2.58
O2 SO4 P . 1.63 49.31 4.83
O3 SO4 P . 1.56 47.15 3.78
O4 SO4 P . 0.07 48.88 2.99
C1 EDO Q . 32.48 60.08 20.95
O1 EDO Q . 31.20 59.50 21.22
C2 EDO Q . 32.97 60.79 22.21
O2 EDO Q . 32.80 59.98 23.40
C1 GOL R . 10.52 73.07 9.26
O1 GOL R . 9.40 72.62 8.47
C2 GOL R . 10.60 74.60 9.33
O2 GOL R . 10.38 75.07 10.67
C3 GOL R . 11.94 75.15 8.80
O3 GOL R . 12.96 75.08 9.81
C1 EDO S . 40.17 68.98 -7.39
O1 EDO S . 39.09 68.94 -8.32
C2 EDO S . 40.78 67.57 -7.32
O2 EDO S . 40.29 66.79 -8.42
C1 EDO T . 48.47 74.09 17.88
O1 EDO T . 47.99 75.39 17.50
C2 EDO T . 48.32 73.09 16.76
O2 EDO T . 46.95 72.95 16.47
C1 EDO U . 46.58 83.89 -19.51
O1 EDO U . 45.57 82.90 -19.72
C2 EDO U . 46.52 84.41 -18.08
O2 EDO U . 45.16 84.64 -17.68
S SO4 V . 17.61 75.37 -8.00
O1 SO4 V . 18.91 76.10 -8.08
O2 SO4 V . 16.79 75.99 -6.93
O3 SO4 V . 16.88 75.42 -9.31
O4 SO4 V . 17.87 73.95 -7.67
S SO4 W . 30.84 69.21 -23.37
O1 SO4 W . 31.00 70.58 -23.95
O2 SO4 W . 31.16 69.24 -21.92
O3 SO4 W . 29.45 68.75 -23.61
O4 SO4 W . 31.76 68.27 -24.05
S SO4 X . 14.89 68.45 -15.63
O1 SO4 X . 15.90 68.01 -16.62
O2 SO4 X . 15.57 68.98 -14.43
O3 SO4 X . 13.99 67.33 -15.20
O4 SO4 X . 14.10 69.53 -16.24
S SO4 Y . 18.44 76.36 -15.16
O1 SO4 Y . 19.87 76.39 -15.52
O2 SO4 Y . 17.97 77.76 -15.06
O3 SO4 Y . 17.61 75.68 -16.17
O4 SO4 Y . 18.31 75.61 -13.89
C1 EDO Z . -7.82 -43.32 -33.32
O1 EDO Z . -7.59 -44.24 -34.39
C2 EDO Z . -6.49 -43.02 -32.66
O2 EDO Z . -5.66 -42.36 -33.61
C1 EDO AA . -2.28 -38.23 -26.80
O1 EDO AA . -3.20 -38.12 -27.89
C2 EDO AA . -2.06 -39.71 -26.48
O2 EDO AA . -0.96 -40.20 -27.26
C1 EDO BA . -22.67 -11.23 -55.14
O1 EDO BA . -23.95 -11.47 -55.76
C2 EDO BA . -21.52 -11.92 -55.89
O2 EDO BA . -21.81 -13.30 -56.11
C1 EDO CA . -15.39 -32.01 -1.76
O1 EDO CA . -15.61 -33.25 -2.44
C2 EDO CA . -14.76 -31.01 -2.73
O2 EDO CA . -13.42 -31.47 -3.02
C1 EDO DA . -21.78 -62.79 -35.56
O1 EDO DA . -22.62 -63.37 -34.56
C2 EDO DA . -22.43 -62.99 -36.94
O2 EDO DA . -22.09 -64.29 -37.48
C1 EDO EA . -40.68 -50.39 -17.53
O1 EDO EA . -39.94 -49.29 -18.09
C2 EDO EA . -40.04 -51.71 -17.98
O2 EDO EA . -38.61 -51.59 -18.07
S SO4 FA . -29.64 -69.03 -27.00
O1 SO4 FA . -28.67 -69.78 -26.12
O2 SO4 FA . -29.06 -67.70 -27.31
O3 SO4 FA . -31.00 -68.91 -26.38
O4 SO4 FA . -29.84 -69.73 -28.30
S SO4 GA . -32.42 -49.75 -5.72
O1 SO4 GA . -30.98 -49.38 -5.79
O2 SO4 GA . -33.24 -48.52 -5.56
O3 SO4 GA . -32.85 -50.43 -6.97
O4 SO4 GA . -32.64 -50.71 -4.61
C1 EDO HA . 2.20 -74.05 49.82
O1 EDO HA . 1.47 -75.23 49.41
C2 EDO HA . 3.09 -73.57 48.67
O2 EDO HA . 4.39 -73.21 49.17
C1 EDO IA . -30.89 -65.34 22.91
O1 EDO IA . -30.55 -64.34 23.86
C2 EDO IA . -32.24 -65.02 22.27
O2 EDO IA . -32.17 -65.21 20.85
C1 GOL JA . -34.13 -62.04 14.97
O1 GOL JA . -32.72 -61.96 15.18
C2 GOL JA . -34.56 -60.79 14.25
O2 GOL JA . -33.58 -59.75 14.48
C3 GOL JA . -35.97 -60.39 14.71
O3 GOL JA . -36.60 -59.48 13.79
C1 EDO KA . -23.95 -68.57 24.22
O1 EDO KA . -23.57 -68.65 25.59
C2 EDO KA . -25.05 -67.52 24.09
O2 EDO KA . -25.42 -67.32 22.72
C1 EDO LA . 7.18 -85.04 19.88
O1 EDO LA . 6.36 -85.45 20.98
C2 EDO LA . 8.49 -84.49 20.43
O2 EDO LA . 9.16 -83.79 19.37
C1 EDO MA . 13.77 -75.12 23.50
O1 EDO MA . 14.41 -73.96 23.99
C2 EDO MA . 13.59 -75.08 21.98
O2 EDO MA . 12.60 -76.05 21.54
C1 EDO NA . 14.21 -84.85 23.64
O1 EDO NA . 13.06 -85.60 23.19
C2 EDO NA . 14.68 -85.34 25.02
O2 EDO NA . 15.92 -86.04 24.87
C1 EDO OA . -33.38 -80.98 31.44
O1 EDO OA . -34.71 -80.50 31.21
C2 EDO OA . -33.29 -82.48 31.10
O2 EDO OA . -34.27 -83.23 31.83
C1 EDO PA . -8.49 -51.15 -11.04
O1 EDO PA . -8.86 -49.99 -10.29
C2 EDO PA . -9.73 -52.00 -11.32
O2 EDO PA . -9.70 -52.76 -12.53
S SO4 QA . 0.21 -72.88 35.73
O1 SO4 QA . 1.58 -72.95 35.15
O2 SO4 QA . 0.00 -71.53 36.32
O3 SO4 QA . -0.77 -73.12 34.65
O4 SO4 QA . 0.04 -73.89 36.81
S SO4 RA . -17.33 -88.40 23.97
O1 SO4 RA . -16.05 -89.09 24.28
O2 SO4 RA . -17.03 -87.30 23.03
O3 SO4 RA . -17.93 -87.75 25.16
O4 SO4 RA . -18.28 -89.39 23.42
#